data_6A3C
#
_entry.id   6A3C
#
_cell.length_a   106.100
_cell.length_b   106.100
_cell.length_c   303.825
_cell.angle_alpha   90.000
_cell.angle_beta   90.000
_cell.angle_gamma   90.000
#
_symmetry.space_group_name_H-M   'P 43 21 2'
#
loop_
_entity.id
_entity.type
_entity.pdbx_description
1 polymer 'GTP-binding nuclear protein Ran'
2 polymer 'Ran-specific GTPase-activating protein 1'
3 polymer Exportin-1
4 polymer 'MVM NES mutant Nm12'
5 non-polymer "GUANOSINE-5'-TRIPHOSPHATE"
6 non-polymer 'MAGNESIUM ION'
7 non-polymer 1,2-ETHANEDIOL
8 non-polymer GLYCEROL
9 non-polymer 'CHLORIDE ION'
10 non-polymer 'SODIUM ION'
11 water water
#
loop_
_entity_poly.entity_id
_entity_poly.type
_entity_poly.pdbx_seq_one_letter_code
_entity_poly.pdbx_strand_id
1 'polypeptide(L)'
;GSSHHHHHHSSGLVPRGSHMAAQGEPQVQFKLVLVGDGGTGKTTFVKRHLTGEFEKKYVATLGVEVHPLVFHTNRGPIKF
NVWDTAGQEKFGGLRDGYYIQAQCAIIMFDVTSRVTYKNVPNWHRDLVRVCENIPIVLCGNKVDIKDRKVKAKSIVFHRK
KNLQYYDISAKSNYNFEKPFLWLARKLIGDPNLEFVAMPALAPPEVVMDPALAAQAEHDLEVAQTTALPDEDDDL
;
A
2 'polypeptide(L)'
;GGSDIHFEPVVHLEKVDVKTMEEDEEVLYKVRAKLFRFDADAKEWKERGTGDCKFLKNKKTNKVRILMRRDKTLKICANH
IIAPEYTLKPNVGSDRSWVYACTADIAEGEAEAFTFAIRFGSKENADKFKEEFEKAQEINKKA
;
B
3 'polypeptide(L)'
;GGSMEGILDFSNDLDIALLDQVVSTFYQGSGVQQKQAQEILTKFQDNPDAWQKADQILQFSTNPQSKFIALSILDKLITR
KWKLLPNDHRIGIRNFVVGMIISMCQDDEVFKTQKNLINKSDLTLVQILKQEWPQNWPEFIPELIGSSSSSVNVCENNMI
VLKLLSEEVFDFSAEQMTQAKALHLKNSMSKEFEQIFKLCFQVLEQGSSSSLIVATLESLLRYLHWIPYRYIYETNILEL
LSTKFMTSPDTRAITLKCLTEVSNLKIPQDNDLIKRQTVLFFQNTLQQIATSVMPVTADLKATYANANGNDQSFLQDLAM
FLTTYLARNRALLESDESLRELLLNAHQYLIQLSKIEERELFKTTLDYWHNLVADLFYEPLKKHIYEEICSQLRLVIIEN
MVRPEEIQLYKSEREVLVYLTHLNVIDTEEIMISKLARQIDGSEWSWHNINTLSWAIGSISGTMSEDTEKRFVVTVIKDL
LGLCEQKRGKDNKAVVASDIMYVVGQYPRFLKAHWNFLRTVILKLFEFMHETHEGVQDMACDTFIKIVQKCKYHFVIQQP
RESEPFIQTIIRDIQKTTADLQPQQVHTFYKACGIIISEERSVAERNRLLSDLMQLPNMAWDTIVEQSTANPTLLLDSET
VKIIANIIKTNVAVCTSMGADFYPQLGHIYYNMLQLYRAVSSMISAQVAAEGLIATKTPKVRGLRTIKKEILKLVETYIS
KARNLDDVVKVLVEPLLNAVLEDYMNNVPDARDAEVLNCMTTVVEKVGHMIPQGVILILQSVFECTLDMINKDFTEYPEH
RVEFYKLLKVINEKSFAAFLELPPAAFKLFVDAICWAFKHNNRDVEVNGLQIALDLVKNIERMGNVPFANEFHKNYFFIF
VSETFFVLTDSDHKSGFSKQALLLMKLISLVYDNKISVPLYQEAEVPQGTSNQVYLSQYLANMLSNAFPHLTSEQIASFL
SALTKQCKDLVVFKGTLRDFLVQIKEVGGDPTDYLFAEDKENA
;
C
4 'polypeptide(L)' GGSTVDEMTKKFGTLTIHDDD D
#
loop_
_chem_comp.id
_chem_comp.type
_chem_comp.name
_chem_comp.formula
CL non-polymer 'CHLORIDE ION' 'Cl -1'
EDO non-polymer 1,2-ETHANEDIOL 'C2 H6 O2'
GOL non-polymer GLYCEROL 'C3 H8 O3'
GTP non-polymer GUANOSINE-5'-TRIPHOSPHATE 'C10 H16 N5 O14 P3'
MG non-polymer 'MAGNESIUM ION' 'Mg 2'
NA non-polymer 'SODIUM ION' 'Na 1'
#
# COMPACT_ATOMS: atom_id res chain seq x y z
N PRO A 26 16.43 16.68 22.70
CA PRO A 26 16.03 18.08 22.78
C PRO A 26 14.81 18.35 23.69
N GLN A 27 14.43 19.62 23.85
CA GLN A 27 13.16 20.01 24.49
C GLN A 27 12.13 20.57 23.50
N VAL A 28 12.49 20.70 22.21
CA VAL A 28 11.51 20.96 21.14
C VAL A 28 10.91 19.61 20.76
N GLN A 29 9.90 19.16 21.52
CA GLN A 29 9.34 17.80 21.39
C GLN A 29 7.82 17.75 21.22
N PHE A 30 7.37 16.86 20.34
CA PHE A 30 5.96 16.74 19.94
C PHE A 30 5.49 15.30 20.08
N LYS A 31 4.30 15.11 20.63
CA LYS A 31 3.71 13.77 20.78
C LYS A 31 2.98 13.36 19.49
N LEU A 32 3.32 12.17 18.97
CA LEU A 32 2.76 11.64 17.71
C LEU A 32 2.09 10.30 18.03
N VAL A 33 0.78 10.18 17.75
CA VAL A 33 0.12 8.87 17.83
C VAL A 33 0.11 8.22 16.45
N LEU A 34 0.45 6.94 16.44
CA LEU A 34 0.54 6.14 15.23
C LEU A 34 -0.53 5.04 15.37
N VAL A 35 -1.54 5.10 14.51
CA VAL A 35 -2.71 4.20 14.59
C VAL A 35 -3.00 3.53 13.25
N GLY A 36 -3.73 2.43 13.31
CA GLY A 36 -4.10 1.67 12.13
C GLY A 36 -4.21 0.19 12.43
N ASP A 37 -4.80 -0.57 11.51
CA ASP A 37 -5.05 -1.99 11.71
C ASP A 37 -3.78 -2.79 12.03
N GLY A 38 -3.96 -3.93 12.70
CA GLY A 38 -2.87 -4.81 13.02
C GLY A 38 -2.23 -5.35 11.75
N GLY A 39 -0.91 -5.43 11.75
CA GLY A 39 -0.15 -5.93 10.60
C GLY A 39 0.12 -4.96 9.46
N THR A 40 -0.29 -3.69 9.60
CA THR A 40 -0.10 -2.69 8.55
C THR A 40 1.36 -2.23 8.42
N GLY A 41 2.14 -2.40 9.47
CA GLY A 41 3.58 -2.08 9.47
C GLY A 41 3.98 -0.88 10.30
N LYS A 42 3.15 -0.52 11.27
CA LYS A 42 3.38 0.62 12.15
C LYS A 42 4.68 0.49 12.92
N THR A 43 4.83 -0.65 13.59
CA THR A 43 6.01 -0.89 14.42
C THR A 43 7.28 -1.04 13.56
N THR A 44 7.15 -1.74 12.43
CA THR A 44 8.25 -1.91 11.48
C THR A 44 8.75 -0.56 10.97
N PHE A 45 7.82 0.32 10.63
CA PHE A 45 8.12 1.67 10.19
C PHE A 45 8.89 2.44 11.27
N VAL A 46 8.43 2.37 12.52
CA VAL A 46 9.09 3.10 13.61
C VAL A 46 10.50 2.54 13.88
N LYS A 47 10.61 1.21 13.95
CA LYS A 47 11.90 0.57 14.19
C LYS A 47 12.90 0.92 13.10
N ARG A 48 12.44 1.00 11.85
CA ARG A 48 13.29 1.43 10.75
C ARG A 48 13.86 2.83 11.02
N HIS A 49 13.04 3.73 11.55
CA HIS A 49 13.50 5.08 11.85
C HIS A 49 14.42 5.15 13.08
N LEU A 50 14.22 4.26 14.05
CA LEU A 50 15.03 4.25 15.28
C LEU A 50 16.45 3.66 15.12
N THR A 51 16.51 2.45 14.55
CA THR A 51 17.76 1.67 14.41
C THR A 51 18.23 1.43 12.96
N GLY A 52 17.35 1.61 11.98
CA GLY A 52 17.67 1.32 10.59
C GLY A 52 17.36 -0.09 10.13
N GLU A 53 16.90 -0.94 11.05
CA GLU A 53 16.63 -2.34 10.77
C GLU A 53 15.32 -2.52 10.05
N PHE A 54 15.16 -3.70 9.47
CA PHE A 54 13.88 -4.12 8.95
C PHE A 54 13.48 -5.41 9.63
N GLU A 55 12.48 -5.33 10.51
CA GLU A 55 11.92 -6.50 11.18
C GLU A 55 10.99 -7.28 10.24
N LYS A 56 11.33 -8.53 9.95
CA LYS A 56 10.47 -9.39 9.13
C LYS A 56 9.31 -10.01 9.92
N LYS A 57 9.51 -10.28 11.21
CA LYS A 57 8.48 -10.95 12.03
C LYS A 57 7.35 -10.00 12.42
N TYR A 58 6.11 -10.50 12.39
CA TYR A 58 4.97 -9.79 13.00
C TYR A 58 4.82 -10.18 14.46
N VAL A 59 5.27 -9.30 15.36
CA VAL A 59 5.04 -9.45 16.80
C VAL A 59 4.10 -8.31 17.19
N ALA A 60 2.83 -8.63 17.43
CA ALA A 60 1.79 -7.64 17.71
C ALA A 60 2.10 -6.79 18.96
N THR A 61 1.98 -5.47 18.81
CA THR A 61 2.13 -4.53 19.93
C THR A 61 0.98 -4.73 20.92
N LEU A 62 1.32 -4.73 22.21
CA LEU A 62 0.34 -4.84 23.29
C LEU A 62 0.11 -3.46 23.86
N GLY A 63 -1.08 -2.90 23.61
CA GLY A 63 -1.42 -1.57 24.10
C GLY A 63 -0.68 -0.48 23.35
N VAL A 64 0.53 -0.15 23.82
CA VAL A 64 1.36 0.89 23.21
C VAL A 64 2.82 0.79 23.64
N GLU A 65 3.73 1.18 22.74
CA GLU A 65 5.13 1.40 23.08
C GLU A 65 5.50 2.82 22.68
N VAL A 66 6.12 3.57 23.59
CA VAL A 66 6.59 4.94 23.33
C VAL A 66 8.07 4.91 22.97
N HIS A 67 8.42 5.57 21.86
CA HIS A 67 9.79 5.60 21.36
C HIS A 67 10.17 7.04 21.01
N PRO A 68 11.22 7.59 21.65
CA PRO A 68 11.67 8.94 21.30
C PRO A 68 12.46 8.90 19.99
N LEU A 69 12.22 9.89 19.13
CA LEU A 69 12.72 9.86 17.74
C LEU A 69 13.10 11.26 17.26
N VAL A 70 14.41 11.46 17.04
CA VAL A 70 14.96 12.80 16.80
C VAL A 70 15.39 12.97 15.34
N PHE A 71 15.03 14.09 14.73
CA PHE A 71 15.52 14.46 13.41
C PHE A 71 16.30 15.76 13.46
N HIS A 72 17.35 15.85 12.66
CA HIS A 72 18.18 17.04 12.58
C HIS A 72 17.77 17.87 11.38
N THR A 73 17.35 19.11 11.63
CA THR A 73 16.83 20.00 10.60
C THR A 73 17.65 21.28 10.54
N ASN A 74 17.39 22.10 9.53
CA ASN A 74 18.01 23.43 9.40
C ASN A 74 17.51 24.47 10.41
N ARG A 75 16.43 24.15 11.14
CA ARG A 75 15.93 25.00 12.22
C ARG A 75 16.15 24.31 13.60
N GLY A 76 17.28 23.62 13.74
CA GLY A 76 17.58 22.87 14.96
C GLY A 76 16.91 21.51 15.01
N PRO A 77 17.20 20.73 16.05
CA PRO A 77 16.67 19.38 16.13
C PRO A 77 15.21 19.35 16.57
N ILE A 78 14.49 18.35 16.08
CA ILE A 78 13.08 18.16 16.40
C ILE A 78 12.89 16.71 16.88
N LYS A 79 12.26 16.56 18.04
CA LYS A 79 12.04 15.25 18.66
C LYS A 79 10.56 14.90 18.57
N PHE A 80 10.28 13.67 18.14
CA PHE A 80 8.94 13.09 18.19
C PHE A 80 8.87 12.04 19.30
N ASN A 81 7.89 12.16 20.19
CA ASN A 81 7.56 11.10 21.13
C ASN A 81 6.50 10.27 20.45
N VAL A 82 6.93 9.15 19.86
CA VAL A 82 6.09 8.34 19.00
C VAL A 82 5.38 7.28 19.81
N TRP A 83 4.05 7.42 19.91
CA TRP A 83 3.20 6.43 20.56
C TRP A 83 2.73 5.45 19.49
N ASP A 84 3.47 4.35 19.35
CA ASP A 84 3.14 3.26 18.42
C ASP A 84 2.06 2.39 19.08
N THR A 85 0.80 2.56 18.67
CA THR A 85 -0.35 1.88 19.29
C THR A 85 -0.70 0.52 18.66
N ALA A 86 -1.56 -0.23 19.35
CA ALA A 86 -1.93 -1.58 18.95
C ALA A 86 -3.10 -1.50 18.02
N GLY A 87 -2.97 -2.20 16.88
CA GLY A 87 -4.02 -2.29 15.89
C GLY A 87 -4.97 -3.47 16.05
N GLN A 88 -4.54 -4.53 16.74
CA GLN A 88 -5.43 -5.68 16.99
C GLN A 88 -6.43 -5.35 18.09
N GLU A 89 -7.69 -5.67 17.84
CA GLU A 89 -8.81 -5.38 18.75
C GLU A 89 -8.54 -5.90 20.18
N LYS A 90 -8.11 -7.15 20.30
CA LYS A 90 -7.88 -7.77 21.61
C LYS A 90 -6.63 -7.31 22.35
N PHE A 91 -5.72 -6.62 21.66
CA PHE A 91 -4.55 -6.01 22.30
C PHE A 91 -4.65 -4.48 22.36
N GLY A 92 -5.86 -3.95 22.21
CA GLY A 92 -6.06 -2.50 22.09
C GLY A 92 -5.65 -1.66 23.28
N GLY A 93 -5.74 -2.24 24.48
CA GLY A 93 -5.38 -1.55 25.71
C GLY A 93 -6.30 -0.37 26.02
N LEU A 94 -5.69 0.78 26.29
CA LEU A 94 -6.41 2.01 26.58
C LEU A 94 -7.08 2.64 25.35
N ARG A 95 -6.74 2.16 24.14
CA ARG A 95 -7.36 2.61 22.89
C ARG A 95 -7.26 4.13 22.70
N ASP A 96 -8.39 4.86 22.71
CA ASP A 96 -8.36 6.31 22.50
C ASP A 96 -7.79 7.12 23.68
N GLY A 97 -7.61 6.48 24.83
CA GLY A 97 -6.83 7.04 25.93
C GLY A 97 -5.44 7.49 25.51
N TYR A 98 -4.81 6.72 24.61
CA TYR A 98 -3.48 7.05 24.08
C TYR A 98 -3.41 8.34 23.27
N TYR A 99 -4.54 8.82 22.74
CA TYR A 99 -4.53 10.00 21.86
C TYR A 99 -4.52 11.34 22.60
N ILE A 100 -4.75 11.35 23.92
CA ILE A 100 -4.90 12.62 24.70
C ILE A 100 -3.63 13.49 24.61
N GLN A 101 -3.82 14.78 24.32
CA GLN A 101 -2.73 15.74 24.09
C GLN A 101 -1.68 15.33 23.02
N ALA A 102 -2.11 14.55 22.03
CA ALA A 102 -1.29 14.28 20.86
C ALA A 102 -1.28 15.57 20.05
N GLN A 103 -0.12 15.89 19.48
CA GLN A 103 0.02 17.10 18.67
C GLN A 103 0.12 16.80 17.18
N CYS A 104 0.24 15.51 16.82
CA CYS A 104 0.21 15.07 15.43
C CYS A 104 -0.05 13.56 15.38
N ALA A 105 -0.30 13.04 14.18
CA ALA A 105 -0.57 11.61 14.03
C ALA A 105 -0.29 11.05 12.64
N ILE A 106 -0.13 9.73 12.59
CA ILE A 106 -0.03 8.99 11.34
C ILE A 106 -1.06 7.88 11.43
N ILE A 107 -1.98 7.85 10.46
CA ILE A 107 -2.89 6.71 10.26
C ILE A 107 -2.27 5.83 9.18
N MET A 108 -2.15 4.53 9.47
CA MET A 108 -1.46 3.57 8.60
C MET A 108 -2.45 2.53 8.08
N PHE A 109 -2.31 2.19 6.81
CA PHE A 109 -2.96 1.01 6.26
C PHE A 109 -1.99 0.26 5.34
N ASP A 110 -2.48 -0.83 4.74
CA ASP A 110 -1.68 -1.74 3.94
C ASP A 110 -2.33 -1.84 2.55
N VAL A 111 -1.60 -1.46 1.50
CA VAL A 111 -2.22 -1.44 0.16
C VAL A 111 -2.45 -2.85 -0.41
N THR A 112 -1.86 -3.87 0.23
CA THR A 112 -2.17 -5.27 -0.08
C THR A 112 -3.45 -5.78 0.60
N SER A 113 -4.09 -4.98 1.45
CA SER A 113 -5.24 -5.42 2.24
C SER A 113 -6.37 -4.40 2.22
N ARG A 114 -7.43 -4.71 1.46
CA ARG A 114 -8.61 -3.86 1.28
C ARG A 114 -9.25 -3.46 2.62
N VAL A 115 -9.33 -4.40 3.57
CA VAL A 115 -9.95 -4.14 4.88
C VAL A 115 -9.21 -3.10 5.73
N THR A 116 -7.88 -3.03 5.60
CA THR A 116 -7.13 -2.03 6.36
C THR A 116 -7.43 -0.61 5.88
N TYR A 117 -7.75 -0.43 4.59
CA TYR A 117 -8.20 0.86 4.08
C TYR A 117 -9.66 1.12 4.41
N LYS A 118 -10.49 0.07 4.41
CA LYS A 118 -11.89 0.22 4.83
C LYS A 118 -12.03 0.70 6.28
N ASN A 119 -11.09 0.31 7.15
CA ASN A 119 -11.08 0.74 8.56
C ASN A 119 -10.42 2.11 8.83
N VAL A 120 -9.85 2.76 7.81
CA VAL A 120 -9.22 4.09 7.97
C VAL A 120 -10.19 5.15 8.51
N PRO A 121 -11.43 5.23 7.98
CA PRO A 121 -12.44 6.14 8.53
C PRO A 121 -12.71 5.95 10.03
N ASN A 122 -12.67 4.70 10.48
CA ASN A 122 -12.88 4.36 11.89
C ASN A 122 -11.74 4.84 12.77
N TRP A 123 -10.50 4.58 12.37
CA TRP A 123 -9.31 5.09 13.09
C TRP A 123 -9.31 6.64 13.13
N HIS A 124 -9.69 7.27 12.03
CA HIS A 124 -9.76 8.73 11.95
C HIS A 124 -10.83 9.30 12.86
N ARG A 125 -12.01 8.69 12.86
CA ARG A 125 -13.12 9.10 13.71
C ARG A 125 -12.70 9.15 15.18
N ASP A 126 -12.12 8.05 15.65
CA ASP A 126 -11.70 7.93 17.05
C ASP A 126 -10.54 8.86 17.37
N LEU A 127 -9.68 9.12 16.38
CA LEU A 127 -8.55 10.01 16.55
C LEU A 127 -8.99 11.46 16.71
N VAL A 128 -9.83 11.95 15.79
CA VAL A 128 -10.22 13.38 15.79
C VAL A 128 -11.21 13.77 16.87
N ARG A 129 -11.96 12.80 17.40
CA ARG A 129 -12.86 13.08 18.52
C ARG A 129 -12.10 13.52 19.78
N VAL A 130 -10.90 12.96 19.98
CA VAL A 130 -9.98 13.35 21.06
C VAL A 130 -9.04 14.51 20.67
N CYS A 131 -8.57 14.54 19.42
CA CYS A 131 -7.66 15.58 18.93
C CYS A 131 -8.31 16.38 17.79
N GLU A 132 -9.05 17.43 18.13
CA GLU A 132 -9.88 18.13 17.13
C GLU A 132 -9.13 18.87 16.01
N ASN A 133 -7.90 19.30 16.28
CA ASN A 133 -7.15 20.14 15.35
C ASN A 133 -5.65 19.84 15.42
N ILE A 134 -5.23 18.81 14.70
CA ILE A 134 -3.82 18.45 14.57
C ILE A 134 -3.46 18.02 13.14
N PRO A 135 -2.20 18.20 12.74
CA PRO A 135 -1.79 17.67 11.43
C PRO A 135 -1.75 16.13 11.45
N ILE A 136 -2.31 15.51 10.41
CA ILE A 136 -2.39 14.06 10.32
C ILE A 136 -1.93 13.62 8.92
N VAL A 137 -1.12 12.57 8.89
CA VAL A 137 -0.66 11.95 7.64
C VAL A 137 -1.30 10.55 7.48
N LEU A 138 -1.90 10.31 6.33
CA LEU A 138 -2.37 8.99 5.96
C LEU A 138 -1.28 8.30 5.12
N CYS A 139 -0.90 7.08 5.50
CA CYS A 139 0.15 6.32 4.80
C CYS A 139 -0.36 4.96 4.34
N GLY A 140 -0.24 4.70 3.04
CA GLY A 140 -0.46 3.38 2.47
C GLY A 140 0.88 2.68 2.39
N ASN A 141 1.07 1.71 3.28
CA ASN A 141 2.33 0.95 3.40
C ASN A 141 2.35 -0.26 2.45
N LYS A 142 3.55 -0.82 2.27
CA LYS A 142 3.81 -2.05 1.52
C LYS A 142 3.67 -1.93 0.00
N VAL A 143 3.91 -0.73 -0.54
CA VAL A 143 3.86 -0.53 -2.00
C VAL A 143 4.97 -1.26 -2.76
N ASP A 144 5.94 -1.82 -2.04
CA ASP A 144 6.94 -2.72 -2.63
C ASP A 144 6.33 -4.00 -3.20
N ILE A 145 5.24 -4.48 -2.62
CA ILE A 145 4.62 -5.73 -3.07
C ILE A 145 3.94 -5.48 -4.43
N LYS A 146 4.20 -6.38 -5.38
CA LYS A 146 3.72 -6.22 -6.77
C LYS A 146 2.20 -6.32 -6.91
N ASP A 147 1.57 -7.26 -6.21
CA ASP A 147 0.12 -7.47 -6.33
C ASP A 147 -0.66 -6.53 -5.40
N ARG A 148 -0.75 -5.27 -5.81
CA ARG A 148 -1.39 -4.20 -5.03
C ARG A 148 -2.92 -4.32 -5.10
N LYS A 149 -3.58 -4.29 -3.95
CA LYS A 149 -5.02 -4.50 -3.86
C LYS A 149 -5.81 -3.20 -3.74
N VAL A 150 -5.28 -2.23 -2.98
CA VAL A 150 -5.92 -0.92 -2.82
C VAL A 150 -5.27 0.05 -3.81
N LYS A 151 -5.99 0.28 -4.92
CA LYS A 151 -5.43 1.02 -6.05
C LYS A 151 -5.38 2.51 -5.75
N ALA A 152 -4.39 3.19 -6.35
CA ALA A 152 -4.16 4.62 -6.16
C ALA A 152 -5.43 5.49 -6.30
N LYS A 153 -6.21 5.24 -7.34
CA LYS A 153 -7.48 5.96 -7.57
C LYS A 153 -8.57 5.73 -6.51
N SER A 154 -8.54 4.59 -5.83
CA SER A 154 -9.47 4.34 -4.69
C SER A 154 -9.14 5.14 -3.44
N ILE A 155 -7.89 5.57 -3.28
CA ILE A 155 -7.48 6.30 -2.08
C ILE A 155 -7.81 7.80 -2.21
N VAL A 156 -8.96 8.18 -1.64
CA VAL A 156 -9.49 9.57 -1.67
C VAL A 156 -10.03 10.07 -0.33
N PHE A 157 -9.85 9.32 0.75
CA PHE A 157 -10.50 9.63 2.02
C PHE A 157 -9.87 10.84 2.67
N HIS A 158 -8.56 10.97 2.47
CA HIS A 158 -7.80 12.12 2.94
C HIS A 158 -8.26 13.51 2.49
N ARG A 159 -8.93 13.61 1.34
CA ARG A 159 -9.28 14.90 0.73
C ARG A 159 -10.20 15.77 1.57
N LYS A 160 -11.37 15.26 1.94
CA LYS A 160 -12.33 16.04 2.75
C LYS A 160 -11.91 16.23 4.20
N LYS A 161 -10.96 15.41 4.66
CA LYS A 161 -10.48 15.47 6.03
C LYS A 161 -9.15 16.20 6.17
N ASN A 162 -8.59 16.66 5.05
CA ASN A 162 -7.39 17.52 5.01
C ASN A 162 -6.14 16.83 5.55
N LEU A 163 -6.03 15.54 5.25
CA LEU A 163 -4.88 14.74 5.64
C LEU A 163 -3.91 14.77 4.48
N GLN A 164 -2.62 14.78 4.80
CA GLN A 164 -1.60 14.51 3.80
C GLN A 164 -1.56 13.01 3.54
N TYR A 165 -1.35 12.62 2.29
CA TYR A 165 -1.25 11.22 1.91
C TYR A 165 0.10 10.92 1.28
N TYR A 166 0.69 9.78 1.65
CA TYR A 166 1.85 9.22 0.97
C TYR A 166 1.73 7.71 0.80
N ASP A 167 2.06 7.22 -0.40
CA ASP A 167 2.47 5.84 -0.60
C ASP A 167 3.79 5.67 0.13
N ILE A 168 3.93 4.64 0.97
CA ILE A 168 5.21 4.30 1.60
C ILE A 168 5.54 2.81 1.55
N SER A 169 6.80 2.50 1.84
CA SER A 169 7.25 1.13 2.07
C SER A 169 8.35 1.14 3.13
N ALA A 170 8.10 0.48 4.25
CA ALA A 170 9.11 0.32 5.28
C ALA A 170 10.26 -0.61 4.81
N LYS A 171 9.98 -1.47 3.83
CA LYS A 171 10.97 -2.41 3.28
C LYS A 171 11.94 -1.75 2.31
N SER A 172 11.41 -1.11 1.27
CA SER A 172 12.24 -0.43 0.27
C SER A 172 12.61 0.99 0.68
N ASN A 173 12.05 1.51 1.78
CA ASN A 173 12.23 2.91 2.21
C ASN A 173 11.66 3.97 1.23
N TYR A 174 10.76 3.56 0.34
CA TYR A 174 10.09 4.48 -0.57
C TYR A 174 9.27 5.47 0.26
N ASN A 175 9.59 6.77 0.14
CA ASN A 175 8.88 7.87 0.83
C ASN A 175 8.89 7.78 2.36
N PHE A 176 9.79 6.99 2.94
CA PHE A 176 9.72 6.68 4.38
C PHE A 176 9.99 7.88 5.30
N GLU A 177 10.72 8.87 4.77
CA GLU A 177 11.01 10.12 5.49
C GLU A 177 9.89 11.17 5.40
N LYS A 178 9.04 11.07 4.36
CA LYS A 178 8.08 12.12 4.03
C LYS A 178 7.04 12.41 5.12
N PRO A 179 6.46 11.37 5.76
CA PRO A 179 5.50 11.67 6.83
C PRO A 179 6.08 12.54 7.94
N PHE A 180 7.30 12.23 8.39
CA PHE A 180 7.95 13.02 9.44
C PHE A 180 8.40 14.41 8.98
N LEU A 181 8.85 14.53 7.74
CA LEU A 181 9.22 15.83 7.17
C LEU A 181 8.00 16.78 7.08
N TRP A 182 6.85 16.24 6.67
CA TRP A 182 5.63 17.05 6.55
C TRP A 182 5.11 17.53 7.91
N LEU A 183 5.05 16.64 8.90
CA LEU A 183 4.61 16.99 10.24
C LEU A 183 5.58 17.99 10.88
N ALA A 184 6.88 17.79 10.66
CA ALA A 184 7.89 18.74 11.12
C ALA A 184 7.58 20.14 10.61
N ARG A 185 7.32 20.26 9.31
CA ARG A 185 6.98 21.56 8.71
C ARG A 185 5.74 22.22 9.30
N LYS A 186 4.71 21.42 9.58
CA LYS A 186 3.45 21.95 10.11
C LYS A 186 3.58 22.35 11.58
N LEU A 187 4.29 21.54 12.36
CA LEU A 187 4.46 21.77 13.80
C LEU A 187 5.34 22.98 14.11
N ILE A 188 6.46 23.10 13.38
CA ILE A 188 7.38 24.25 13.50
C ILE A 188 6.84 25.48 12.78
N GLY A 189 5.98 25.28 11.78
CA GLY A 189 5.36 26.38 11.06
C GLY A 189 6.30 27.05 10.07
N ASP A 190 7.12 26.23 9.42
CA ASP A 190 8.04 26.67 8.38
C ASP A 190 8.00 25.60 7.26
N PRO A 191 7.46 25.96 6.09
CA PRO A 191 7.39 25.03 4.95
C PRO A 191 8.73 24.79 4.22
N ASN A 192 9.75 25.60 4.51
CA ASN A 192 11.09 25.46 3.92
C ASN A 192 12.03 24.62 4.79
N LEU A 193 11.50 24.04 5.88
CA LEU A 193 12.28 23.18 6.78
C LEU A 193 12.72 21.93 6.04
N GLU A 194 14.01 21.58 6.16
CA GLU A 194 14.62 20.42 5.51
C GLU A 194 15.35 19.59 6.55
N PHE A 195 15.46 18.28 6.32
CA PHE A 195 16.39 17.46 7.09
C PHE A 195 17.79 17.72 6.58
N VAL A 196 18.76 17.80 7.49
CA VAL A 196 20.17 18.00 7.12
C VAL A 196 21.07 17.02 7.86
N ALA A 197 22.31 16.95 7.41
CA ALA A 197 23.29 16.00 7.92
C ALA A 197 23.71 16.34 9.35
N MET A 198 23.39 15.43 10.27
CA MET A 198 23.80 15.54 11.68
C MET A 198 25.33 15.60 11.83
N PRO A 199 25.82 16.31 12.87
CA PRO A 199 27.27 16.52 13.03
C PRO A 199 28.05 15.22 13.28
N ALA A 200 29.06 14.96 12.45
CA ALA A 200 29.92 13.77 12.55
C ALA A 200 31.21 14.08 13.32
N LEU A 201 31.20 13.82 14.63
CA LEU A 201 32.38 14.02 15.49
C LEU A 201 33.49 13.04 15.08
N ALA A 202 34.75 13.45 15.25
CA ALA A 202 35.89 12.58 14.97
C ALA A 202 35.87 11.38 15.95
N PRO A 203 35.96 10.16 15.41
CA PRO A 203 35.85 8.97 16.27
C PRO A 203 37.13 8.69 17.07
N PRO A 204 37.01 7.96 18.20
CA PRO A 204 38.14 7.72 19.11
C PRO A 204 39.24 6.81 18.54
N GLU A 205 40.33 6.69 19.29
CA GLU A 205 41.47 5.84 18.94
C GLU A 205 41.64 4.76 20.02
N VAL A 206 40.65 3.87 20.13
CA VAL A 206 40.60 2.87 21.20
C VAL A 206 41.55 1.70 20.86
N VAL A 207 42.51 1.46 21.76
CA VAL A 207 43.37 0.28 21.72
C VAL A 207 42.61 -0.86 22.42
N MET A 208 42.61 -2.05 21.82
CA MET A 208 41.91 -3.20 22.38
C MET A 208 42.80 -3.91 23.40
N ASP A 209 42.18 -4.43 24.47
CA ASP A 209 42.87 -5.24 25.48
C ASP A 209 42.52 -6.72 25.27
N PRO A 210 43.40 -7.66 25.71
CA PRO A 210 43.07 -9.09 25.60
C PRO A 210 41.88 -9.62 26.46
N ALA A 211 41.41 -8.84 27.45
CA ALA A 211 40.27 -9.25 28.28
C ALA A 211 38.89 -9.19 27.58
N LEU A 212 38.80 -8.46 26.46
CA LEU A 212 37.58 -8.41 25.62
C LEU A 212 37.75 -9.03 24.20
N ALA A 213 38.95 -9.50 23.85
CA ALA A 213 39.21 -10.15 22.55
C ALA A 213 38.66 -11.59 22.44
N ALA A 214 38.40 -12.22 23.59
CA ALA A 214 37.84 -13.58 23.63
C ALA A 214 36.38 -13.61 23.18
N GLN A 215 35.57 -12.67 23.68
CA GLN A 215 34.16 -12.54 23.29
C GLN A 215 33.98 -11.95 21.88
N ALA A 216 34.92 -11.10 21.44
CA ALA A 216 34.91 -10.56 20.06
C ALA A 216 35.21 -11.65 19.03
N GLU A 217 36.17 -12.53 19.36
CA GLU A 217 36.51 -13.68 18.51
C GLU A 217 35.37 -14.72 18.45
N HIS A 218 34.68 -14.93 19.57
CA HIS A 218 33.49 -15.80 19.62
C HIS A 218 32.35 -15.25 18.75
N ASP A 219 32.04 -13.97 18.94
CA ASP A 219 30.97 -13.31 18.18
C ASP A 219 31.29 -13.26 16.68
N LEU A 220 32.57 -13.04 16.34
CA LEU A 220 33.00 -12.95 14.94
C LEU A 220 32.86 -14.27 14.19
N GLU A 221 33.27 -15.39 14.80
CA GLU A 221 33.08 -16.71 14.18
C GLU A 221 31.60 -17.07 13.95
N VAL A 222 30.72 -16.65 14.87
CA VAL A 222 29.27 -16.90 14.73
C VAL A 222 28.68 -15.97 13.66
N ALA A 223 29.17 -14.73 13.62
CA ALA A 223 28.71 -13.75 12.65
C ALA A 223 29.00 -14.18 11.21
N GLN A 224 30.23 -14.64 10.94
CA GLN A 224 30.61 -15.10 9.59
C GLN A 224 29.78 -16.27 9.07
N THR A 225 29.42 -17.18 9.98
CA THR A 225 28.65 -18.38 9.65
C THR A 225 27.11 -18.22 9.80
N THR A 226 26.64 -16.99 10.02
CA THR A 226 25.22 -16.66 9.87
C THR A 226 25.10 -15.84 8.59
N ALA A 227 24.33 -16.35 7.63
CA ALA A 227 24.18 -15.69 6.34
C ALA A 227 23.45 -14.38 6.51
N LEU A 228 23.91 -13.36 5.79
CA LEU A 228 23.25 -12.05 5.78
C LEU A 228 21.89 -12.21 5.11
N PRO A 229 20.86 -11.48 5.60
CA PRO A 229 19.52 -11.62 5.01
C PRO A 229 19.41 -10.99 3.61
N ASP A 230 18.41 -11.44 2.85
CA ASP A 230 17.98 -10.80 1.60
C ASP A 230 19.13 -10.60 0.59
N GLU A 231 19.80 -11.70 0.25
CA GLU A 231 20.99 -11.63 -0.63
C GLU A 231 20.64 -11.38 -2.10
N ASP A 232 19.37 -11.56 -2.49
CA ASP A 232 18.91 -11.19 -3.84
C ASP A 232 18.68 -9.69 -4.03
N ASP A 233 18.60 -8.92 -2.93
CA ASP A 233 18.44 -7.47 -3.03
C ASP A 233 19.65 -6.78 -3.67
N ASP A 234 19.39 -5.64 -4.30
CA ASP A 234 20.41 -4.90 -5.05
C ASP A 234 21.54 -4.38 -4.15
N LEU A 235 21.19 -3.95 -2.95
CA LEU A 235 22.15 -3.73 -1.87
C LEU A 235 21.75 -4.58 -0.68
N HIS B 6 25.54 55.98 -5.04
CA HIS B 6 25.57 54.69 -4.29
C HIS B 6 24.15 54.29 -3.80
N PHE B 7 23.76 53.05 -4.08
CA PHE B 7 22.53 52.45 -3.58
C PHE B 7 22.88 51.20 -2.77
N GLU B 8 22.40 51.13 -1.53
CA GLU B 8 22.80 50.08 -0.59
C GLU B 8 22.16 48.72 -0.94
N PRO B 9 22.88 47.58 -0.71
CA PRO B 9 22.28 46.27 -1.04
C PRO B 9 21.09 45.89 -0.15
N VAL B 10 20.26 44.97 -0.65
CA VAL B 10 19.05 44.51 0.07
C VAL B 10 19.41 43.83 1.40
N THR B 20 28.02 20.12 10.06
CA THR B 20 28.08 18.71 9.66
C THR B 20 29.43 18.04 9.99
N MET B 21 30.48 18.84 10.21
CA MET B 21 31.80 18.40 10.76
C MET B 21 32.71 17.60 9.78
N GLU B 22 32.55 17.81 8.47
CA GLU B 22 33.38 17.13 7.44
C GLU B 22 34.20 18.10 6.56
N GLU B 23 34.24 19.40 6.89
CA GLU B 23 34.98 20.40 6.09
C GLU B 23 36.49 20.15 5.99
N ASP B 24 37.06 19.56 7.04
CA ASP B 24 38.51 19.41 7.17
C ASP B 24 39.07 18.09 6.61
N GLU B 25 38.30 17.41 5.75
CA GLU B 25 38.60 16.03 5.32
C GLU B 25 38.57 15.85 3.80
N GLU B 26 39.43 14.96 3.29
CA GLU B 26 39.54 14.64 1.87
C GLU B 26 38.87 13.29 1.64
N VAL B 27 38.07 13.18 0.57
CA VAL B 27 37.40 11.92 0.24
C VAL B 27 38.35 11.07 -0.62
N LEU B 28 38.74 9.91 -0.08
CA LEU B 28 39.59 8.95 -0.81
C LEU B 28 38.74 7.94 -1.60
N TYR B 29 37.72 7.38 -0.95
CA TYR B 29 36.85 6.39 -1.58
C TYR B 29 35.39 6.70 -1.22
N LYS B 30 34.51 6.52 -2.20
CA LYS B 30 33.08 6.80 -2.06
C LYS B 30 32.31 5.69 -2.75
N VAL B 31 31.77 4.76 -1.96
CA VAL B 31 31.03 3.62 -2.52
C VAL B 31 29.67 3.43 -1.84
N ARG B 32 28.73 2.96 -2.64
CA ARG B 32 27.37 2.73 -2.22
C ARG B 32 27.27 1.36 -1.56
N ALA B 33 26.64 1.27 -0.39
CA ALA B 33 26.60 0.02 0.41
C ALA B 33 25.45 -0.06 1.42
N LYS B 34 25.26 -1.26 1.97
CA LYS B 34 24.33 -1.52 3.08
C LYS B 34 25.10 -2.12 4.26
N LEU B 35 24.97 -1.50 5.42
CA LEU B 35 25.64 -1.93 6.64
C LEU B 35 24.71 -2.69 7.57
N PHE B 36 25.24 -3.74 8.18
CA PHE B 36 24.54 -4.58 9.16
C PHE B 36 25.33 -4.65 10.47
N ARG B 37 24.60 -4.77 11.58
CA ARG B 37 25.21 -5.06 12.88
C ARG B 37 24.74 -6.44 13.30
N PHE B 38 25.64 -7.23 13.90
CA PHE B 38 25.27 -8.54 14.39
C PHE B 38 24.75 -8.42 15.82
N ASP B 39 23.51 -8.89 16.03
CA ASP B 39 22.94 -9.06 17.37
C ASP B 39 23.33 -10.45 17.88
N ALA B 40 24.32 -10.48 18.76
CA ALA B 40 24.73 -11.71 19.45
C ALA B 40 23.58 -12.41 20.21
N ASP B 41 22.75 -11.62 20.91
CA ASP B 41 21.73 -12.16 21.84
C ASP B 41 20.69 -13.04 21.13
N ALA B 42 19.87 -12.42 20.28
CA ALA B 42 19.02 -13.16 19.35
C ALA B 42 19.86 -13.32 18.09
N LYS B 43 20.37 -14.53 17.86
CA LYS B 43 21.37 -14.79 16.81
C LYS B 43 20.85 -14.45 15.39
N GLU B 44 21.03 -13.20 14.98
CA GLU B 44 20.70 -12.74 13.63
C GLU B 44 21.32 -11.40 13.25
N TRP B 45 21.38 -11.15 11.94
CA TRP B 45 21.90 -9.89 11.39
C TRP B 45 20.77 -8.86 11.28
N LYS B 46 21.09 -7.61 11.58
CA LYS B 46 20.15 -6.50 11.52
C LYS B 46 20.74 -5.35 10.73
N GLU B 47 19.95 -4.82 9.79
CA GLU B 47 20.36 -3.66 8.98
C GLU B 47 20.56 -2.46 9.87
N ARG B 48 21.59 -1.66 9.57
CA ARG B 48 21.82 -0.41 10.28
C ARG B 48 21.68 0.82 9.39
N GLY B 49 21.74 0.64 8.07
CA GLY B 49 21.70 1.77 7.18
C GLY B 49 22.14 1.42 5.79
N THR B 50 21.64 2.20 4.84
CA THR B 50 21.94 2.05 3.42
C THR B 50 22.20 3.44 2.84
N GLY B 51 23.42 3.64 2.34
CA GLY B 51 23.81 4.92 1.75
C GLY B 51 25.26 4.92 1.30
N ASP B 52 25.82 6.12 1.12
CA ASP B 52 27.21 6.26 0.68
C ASP B 52 28.16 6.01 1.86
N CYS B 53 29.01 4.99 1.71
CA CYS B 53 30.12 4.77 2.61
C CYS B 53 31.32 5.57 2.10
N LYS B 54 31.96 6.31 2.99
CA LYS B 54 33.03 7.24 2.63
C LYS B 54 34.26 7.01 3.49
N PHE B 55 35.44 7.07 2.88
CA PHE B 55 36.71 6.99 3.59
C PHE B 55 37.28 8.40 3.64
N LEU B 56 37.37 8.98 4.84
CA LEU B 56 37.72 10.40 5.00
C LEU B 56 39.07 10.61 5.71
N LYS B 57 40.06 11.08 4.97
CA LYS B 57 41.38 11.44 5.53
C LYS B 57 41.35 12.87 6.11
N ASN B 58 41.57 12.97 7.42
CA ASN B 58 41.72 14.27 8.11
C ASN B 58 42.97 15.00 7.62
N LYS B 59 42.83 16.28 7.29
CA LYS B 59 43.97 17.09 6.82
C LYS B 59 44.97 17.45 7.94
N LYS B 60 44.50 17.49 9.19
CA LYS B 60 45.36 17.74 10.35
C LYS B 60 46.15 16.50 10.71
N THR B 61 45.42 15.45 11.10
CA THR B 61 46.02 14.25 11.68
C THR B 61 46.42 13.17 10.67
N ASN B 62 46.02 13.33 9.40
CA ASN B 62 46.18 12.29 8.35
C ASN B 62 45.55 10.95 8.76
N LYS B 63 44.49 10.99 9.57
CA LYS B 63 43.78 9.78 10.03
C LYS B 63 42.56 9.58 9.16
N VAL B 64 42.38 8.34 8.68
CA VAL B 64 41.28 7.94 7.81
C VAL B 64 40.20 7.24 8.64
N ARG B 65 38.94 7.63 8.43
CA ARG B 65 37.80 6.99 9.09
C ARG B 65 36.81 6.52 8.05
N ILE B 66 35.92 5.62 8.47
CA ILE B 66 34.70 5.31 7.74
C ILE B 66 33.59 6.22 8.28
N LEU B 67 32.97 7.01 7.39
CA LEU B 67 31.73 7.73 7.70
C LEU B 67 30.65 7.32 6.71
N MET B 68 29.57 6.73 7.21
CA MET B 68 28.45 6.31 6.39
C MET B 68 27.15 6.94 6.89
N ARG B 69 26.37 7.50 5.97
CA ARG B 69 25.10 8.16 6.26
C ARG B 69 23.96 7.44 5.55
N ARG B 70 22.80 7.31 6.21
CA ARG B 70 21.60 6.74 5.58
C ARG B 70 21.04 7.71 4.51
N ASP B 71 20.51 7.17 3.42
CA ASP B 71 19.83 8.00 2.44
C ASP B 71 18.63 8.72 3.06
N LYS B 72 18.35 9.92 2.53
CA LYS B 72 17.19 10.77 2.88
C LYS B 72 17.29 11.48 4.24
N THR B 73 17.29 10.73 5.35
CA THR B 73 17.42 11.32 6.69
C THR B 73 18.85 11.76 7.00
N LEU B 74 19.83 11.18 6.31
CA LEU B 74 21.26 11.54 6.43
C LEU B 74 21.85 11.31 7.84
N LYS B 75 21.22 10.40 8.60
CA LYS B 75 21.70 10.04 9.93
C LYS B 75 22.86 9.07 9.81
N ILE B 76 23.81 9.20 10.74
CA ILE B 76 25.04 8.45 10.69
C ILE B 76 24.76 7.03 11.18
N CYS B 77 25.12 6.04 10.37
CA CYS B 77 25.08 4.64 10.73
C CYS B 77 26.47 4.01 10.85
N ALA B 78 27.54 4.78 10.58
CA ALA B 78 28.91 4.30 10.83
C ALA B 78 29.87 5.46 10.96
N ASN B 79 30.66 5.42 12.02
CA ASN B 79 31.66 6.43 12.30
C ASN B 79 32.74 5.84 13.20
N HIS B 80 33.81 5.36 12.57
CA HIS B 80 34.95 4.75 13.30
C HIS B 80 36.24 4.80 12.48
N ILE B 81 37.38 4.76 13.17
CA ILE B 81 38.69 4.74 12.52
C ILE B 81 38.91 3.38 11.85
N ILE B 82 39.50 3.40 10.66
CA ILE B 82 39.93 2.19 9.96
C ILE B 82 41.23 1.75 10.63
N ALA B 83 41.08 1.04 11.75
CA ALA B 83 42.21 0.67 12.59
C ALA B 83 43.09 -0.35 11.85
N PRO B 84 44.43 -0.23 11.98
CA PRO B 84 45.32 -1.24 11.37
C PRO B 84 45.16 -2.69 11.89
N GLU B 85 44.56 -2.86 13.07
CA GLU B 85 44.32 -4.18 13.67
C GLU B 85 43.16 -4.93 13.01
N TYR B 86 42.22 -4.23 12.40
CA TYR B 86 41.01 -4.88 11.85
C TYR B 86 41.30 -5.75 10.64
N THR B 87 40.45 -6.76 10.45
CA THR B 87 40.63 -7.77 9.42
C THR B 87 39.27 -8.06 8.77
N LEU B 88 39.19 -7.81 7.47
CA LEU B 88 37.99 -8.10 6.68
C LEU B 88 37.90 -9.59 6.41
N LYS B 89 36.87 -10.24 6.96
CA LYS B 89 36.61 -11.66 6.76
C LYS B 89 35.40 -11.80 5.83
N PRO B 90 35.32 -12.88 5.05
CA PRO B 90 34.12 -13.07 4.21
C PRO B 90 32.92 -13.56 5.02
N ASN B 91 31.73 -13.43 4.45
CA ASN B 91 30.52 -13.97 5.03
C ASN B 91 30.10 -15.16 4.20
N VAL B 92 29.67 -16.21 4.89
CA VAL B 92 29.29 -17.48 4.26
C VAL B 92 28.26 -17.33 3.12
N GLY B 93 27.32 -16.40 3.26
CA GLY B 93 26.21 -16.26 2.30
C GLY B 93 26.39 -15.26 1.16
N SER B 94 27.59 -14.69 1.01
CA SER B 94 27.81 -13.56 0.09
C SER B 94 29.23 -13.53 -0.51
N ASP B 95 29.32 -13.23 -1.80
CA ASP B 95 30.60 -12.93 -2.47
C ASP B 95 30.85 -11.42 -2.64
N ARG B 96 30.01 -10.59 -1.99
CA ARG B 96 30.05 -9.13 -2.11
C ARG B 96 29.91 -8.46 -0.73
N SER B 97 30.46 -9.09 0.30
CA SER B 97 30.38 -8.56 1.66
C SER B 97 31.66 -8.84 2.43
N TRP B 98 31.97 -7.96 3.39
CA TRP B 98 33.02 -8.19 4.38
C TRP B 98 32.42 -8.05 5.77
N VAL B 99 32.93 -8.84 6.71
CA VAL B 99 32.56 -8.69 8.13
C VAL B 99 33.83 -8.46 8.95
N TYR B 100 33.72 -7.60 9.98
CA TYR B 100 34.86 -7.27 10.83
C TYR B 100 34.45 -6.72 12.19
N ALA B 101 35.27 -7.00 13.21
CA ALA B 101 35.07 -6.48 14.56
C ALA B 101 35.51 -5.02 14.60
N CYS B 102 34.67 -4.17 15.18
CA CYS B 102 34.99 -2.77 15.45
C CYS B 102 34.91 -2.55 16.96
N THR B 103 35.93 -1.92 17.53
CA THR B 103 36.02 -1.73 18.98
C THR B 103 35.42 -0.40 19.50
N ALA B 104 35.18 0.57 18.61
CA ALA B 104 34.58 1.86 19.02
C ALA B 104 33.95 2.60 17.84
N ASP B 105 32.62 2.53 17.76
CA ASP B 105 31.83 3.30 16.79
C ASP B 105 30.95 4.34 17.49
N ILE B 106 30.86 5.55 16.91
CA ILE B 106 30.11 6.68 17.49
C ILE B 106 28.99 7.20 16.57
N ALA B 107 28.31 6.28 15.89
CA ALA B 107 27.12 6.62 15.10
C ALA B 107 25.96 6.94 16.04
N GLU B 108 25.76 6.09 17.05
CA GLU B 108 24.69 6.28 18.04
C GLU B 108 25.04 7.29 19.13
N GLY B 109 26.32 7.66 19.24
CA GLY B 109 26.79 8.72 20.14
C GLY B 109 27.85 8.20 21.08
N GLU B 110 27.44 7.35 22.01
CA GLU B 110 28.32 6.72 22.99
C GLU B 110 29.19 5.65 22.31
N ALA B 111 30.50 5.65 22.61
CA ALA B 111 31.45 4.70 22.00
C ALA B 111 31.18 3.25 22.43
N GLU B 112 31.05 2.38 21.43
CA GLU B 112 30.53 1.02 21.63
C GLU B 112 31.15 0.09 20.59
N ALA B 113 31.31 -1.17 20.97
CA ALA B 113 31.90 -2.19 20.09
C ALA B 113 30.82 -2.91 19.30
N PHE B 114 31.17 -3.34 18.07
CA PHE B 114 30.24 -4.02 17.16
C PHE B 114 30.92 -5.07 16.31
N THR B 115 30.14 -6.06 15.88
CA THR B 115 30.52 -6.93 14.78
C THR B 115 29.72 -6.49 13.56
N PHE B 116 30.39 -5.81 12.63
CA PHE B 116 29.74 -5.28 11.42
C PHE B 116 29.78 -6.25 10.24
N ALA B 117 28.88 -6.01 9.29
CA ALA B 117 28.98 -6.57 7.94
C ALA B 117 28.57 -5.46 6.98
N ILE B 118 29.15 -5.45 5.80
CA ILE B 118 28.91 -4.38 4.84
C ILE B 118 28.87 -4.97 3.44
N ARG B 119 27.70 -4.87 2.80
CA ARG B 119 27.45 -5.50 1.50
C ARG B 119 27.39 -4.44 0.42
N PHE B 120 27.70 -4.81 -0.82
CA PHE B 120 27.83 -3.86 -1.93
C PHE B 120 27.00 -4.29 -3.12
N GLY B 121 26.98 -3.45 -4.15
CA GLY B 121 26.24 -3.73 -5.38
C GLY B 121 26.79 -4.92 -6.18
N SER B 122 28.12 -5.09 -6.15
CA SER B 122 28.77 -6.20 -6.85
C SER B 122 30.03 -6.68 -6.13
N LYS B 123 30.51 -7.84 -6.56
CA LYS B 123 31.77 -8.41 -6.06
C LYS B 123 32.97 -7.51 -6.38
N GLU B 124 32.90 -6.81 -7.50
CA GLU B 124 33.99 -5.92 -7.89
C GLU B 124 34.09 -4.71 -6.96
N ASN B 125 32.94 -4.15 -6.58
CA ASN B 125 32.86 -3.08 -5.57
C ASN B 125 33.40 -3.52 -4.21
N ALA B 126 33.05 -4.74 -3.81
CA ALA B 126 33.52 -5.30 -2.53
C ALA B 126 35.02 -5.48 -2.52
N ASP B 127 35.58 -5.99 -3.62
CA ASP B 127 37.04 -6.20 -3.73
C ASP B 127 37.82 -4.87 -3.79
N LYS B 128 37.27 -3.89 -4.51
CA LYS B 128 37.85 -2.54 -4.52
C LYS B 128 37.83 -1.92 -3.10
N PHE B 129 36.72 -2.13 -2.37
CA PHE B 129 36.59 -1.65 -0.98
C PHE B 129 37.70 -2.22 -0.10
N LYS B 130 37.92 -3.53 -0.19
CA LYS B 130 38.99 -4.22 0.55
C LYS B 130 40.39 -3.64 0.24
N GLU B 131 40.65 -3.32 -1.03
CA GLU B 131 41.90 -2.67 -1.42
C GLU B 131 42.05 -1.30 -0.78
N GLU B 132 40.99 -0.48 -0.86
CA GLU B 132 40.97 0.85 -0.26
C GLU B 132 41.05 0.82 1.26
N PHE B 133 40.41 -0.17 1.87
CA PHE B 133 40.40 -0.38 3.32
C PHE B 133 41.82 -0.67 3.82
N GLU B 134 42.55 -1.51 3.09
CA GLU B 134 43.96 -1.82 3.39
C GLU B 134 44.91 -0.65 3.08
N LYS B 135 44.65 0.10 2.00
CA LYS B 135 45.37 1.37 1.73
C LYS B 135 45.30 2.32 2.93
N ALA B 136 44.07 2.48 3.44
CA ALA B 136 43.78 3.37 4.56
C ALA B 136 44.42 2.90 5.86
N GLN B 137 44.37 1.59 6.10
CA GLN B 137 45.06 0.97 7.26
C GLN B 137 46.56 1.33 7.32
N GLU B 138 47.24 1.26 6.16
CA GLU B 138 48.67 1.61 6.04
C GLU B 138 48.94 3.09 6.36
N ILE B 139 48.02 3.96 5.95
CA ILE B 139 48.09 5.38 6.30
C ILE B 139 47.94 5.60 7.82
N ASN B 140 47.07 4.84 8.48
CA ASN B 140 46.84 4.96 9.93
C ASN B 140 47.93 4.36 10.82
N LYS B 141 48.85 3.58 10.25
CA LYS B 141 50.00 3.06 11.02
C LYS B 141 50.98 4.14 11.52
N LYS B 142 50.98 5.32 10.89
CA LYS B 142 51.85 6.43 11.33
C LYS B 142 51.30 7.11 12.58
N GLY C 2 6.65 -1.35 42.20
CA GLY C 2 6.63 -0.63 43.51
C GLY C 2 5.24 -0.52 44.10
N SER C 3 4.92 0.65 44.65
CA SER C 3 3.60 0.92 45.24
C SER C 3 2.49 1.18 44.21
N MET C 4 2.88 1.40 42.94
CA MET C 4 1.92 1.62 41.83
C MET C 4 0.94 0.46 41.62
N GLU C 5 1.42 -0.77 41.82
CA GLU C 5 0.61 -1.99 41.65
C GLU C 5 -0.46 -2.21 42.73
N GLY C 6 -0.49 -1.36 43.76
CA GLY C 6 -1.54 -1.41 44.78
C GLY C 6 -2.96 -1.23 44.25
N ILE C 7 -3.12 -0.42 43.20
CA ILE C 7 -4.45 -0.16 42.61
C ILE C 7 -5.12 -1.39 41.93
N LEU C 8 -4.34 -2.42 41.59
CA LEU C 8 -4.93 -3.70 41.14
C LEU C 8 -5.66 -4.48 42.25
N ASP C 9 -5.45 -4.12 43.51
CA ASP C 9 -6.16 -4.73 44.65
C ASP C 9 -7.53 -4.08 44.89
N PHE C 10 -8.59 -4.78 44.48
CA PHE C 10 -9.96 -4.29 44.58
C PHE C 10 -10.68 -4.65 45.90
N SER C 11 -10.05 -5.47 46.74
CA SER C 11 -10.56 -5.74 48.10
C SER C 11 -10.56 -4.46 48.97
N ASN C 12 -9.61 -3.57 48.70
CA ASN C 12 -9.54 -2.25 49.34
C ASN C 12 -10.37 -1.23 48.56
N ASP C 13 -10.66 -0.09 49.21
CA ASP C 13 -11.18 1.09 48.51
C ASP C 13 -10.07 1.65 47.61
N LEU C 14 -10.45 2.19 46.46
CA LEU C 14 -9.46 2.71 45.49
C LEU C 14 -8.88 4.04 45.98
N ASP C 15 -7.55 4.11 46.02
CA ASP C 15 -6.84 5.33 46.41
C ASP C 15 -6.70 6.25 45.19
N ILE C 16 -7.44 7.35 45.19
CA ILE C 16 -7.53 8.26 44.04
C ILE C 16 -6.19 8.94 43.74
N ALA C 17 -5.50 9.36 44.79
CA ALA C 17 -4.15 9.95 44.65
C ALA C 17 -3.13 8.96 44.08
N LEU C 18 -3.31 7.68 44.39
CA LEU C 18 -2.50 6.61 43.79
C LEU C 18 -2.82 6.44 42.29
N LEU C 19 -4.10 6.56 41.92
CA LEU C 19 -4.52 6.53 40.50
C LEU C 19 -3.95 7.68 39.71
N ASP C 20 -4.15 8.90 40.20
CA ASP C 20 -3.74 10.13 39.50
C ASP C 20 -2.22 10.22 39.27
N GLN C 21 -1.44 9.67 40.20
CA GLN C 21 0.01 9.60 40.05
C GLN C 21 0.41 8.52 39.03
N VAL C 22 -0.27 7.37 39.05
CA VAL C 22 -0.07 6.31 38.04
C VAL C 22 -0.45 6.82 36.64
N VAL C 23 -1.58 7.53 36.57
CA VAL C 23 -2.02 8.19 35.34
C VAL C 23 -1.02 9.29 34.91
N SER C 24 -0.52 10.07 35.86
CA SER C 24 0.52 11.08 35.58
C SER C 24 1.84 10.46 35.09
N THR C 25 2.25 9.38 35.73
CA THR C 25 3.47 8.64 35.33
C THR C 25 3.38 8.16 33.87
N PHE C 26 2.15 7.88 33.41
CA PHE C 26 1.91 7.51 32.03
C PHE C 26 1.96 8.70 31.04
N TYR C 27 1.12 9.71 31.27
CA TYR C 27 0.98 10.82 30.32
C TYR C 27 2.12 11.87 30.33
N GLN C 28 2.91 11.94 31.41
CA GLN C 28 4.07 12.86 31.52
C GLN C 28 5.44 12.22 31.82
N GLY C 29 5.48 10.95 32.23
CA GLY C 29 6.73 10.27 32.54
C GLY C 29 7.41 9.68 31.32
N SER C 30 8.34 8.74 31.56
CA SER C 30 9.12 8.13 30.48
C SER C 30 9.85 6.85 30.91
N GLY C 31 10.23 6.06 29.90
CA GLY C 31 11.11 4.91 30.07
C GLY C 31 10.47 3.75 30.81
N VAL C 32 11.21 3.19 31.77
CA VAL C 32 10.75 2.06 32.60
C VAL C 32 9.57 2.48 33.48
N GLN C 33 9.54 3.74 33.92
CA GLN C 33 8.44 4.28 34.73
C GLN C 33 7.11 4.24 33.98
N GLN C 34 7.11 4.79 32.76
CA GLN C 34 5.92 4.93 31.92
C GLN C 34 5.37 3.57 31.50
N LYS C 35 6.26 2.73 30.99
CA LYS C 35 5.95 1.35 30.58
C LYS C 35 5.30 0.52 31.71
N GLN C 36 5.71 0.74 32.96
CA GLN C 36 5.16 0.04 34.13
C GLN C 36 3.76 0.53 34.48
N ALA C 37 3.56 1.85 34.44
CA ALA C 37 2.23 2.44 34.63
C ALA C 37 1.27 2.05 33.51
N GLN C 38 1.80 1.92 32.28
CA GLN C 38 1.00 1.52 31.11
C GLN C 38 0.32 0.17 31.31
N GLU C 39 1.10 -0.82 31.78
CA GLU C 39 0.59 -2.18 32.04
C GLU C 39 -0.38 -2.27 33.23
N ILE C 40 -0.30 -1.31 34.15
CA ILE C 40 -1.19 -1.23 35.31
C ILE C 40 -2.53 -0.60 34.96
N LEU C 41 -2.51 0.48 34.19
CA LEU C 41 -3.75 1.09 33.69
C LEU C 41 -4.52 0.16 32.75
N THR C 42 -3.79 -0.58 31.93
CA THR C 42 -4.37 -1.62 31.08
C THR C 42 -5.08 -2.71 31.92
N LYS C 43 -4.39 -3.23 32.93
CA LYS C 43 -4.95 -4.27 33.82
C LYS C 43 -6.09 -3.77 34.72
N PHE C 44 -6.02 -2.50 35.09
CA PHE C 44 -7.08 -1.82 35.85
C PHE C 44 -8.35 -1.68 35.00
N GLN C 45 -8.17 -1.13 33.81
CA GLN C 45 -9.26 -0.89 32.85
C GLN C 45 -9.99 -2.18 32.45
N ASP C 46 -9.22 -3.23 32.15
CA ASP C 46 -9.76 -4.51 31.69
C ASP C 46 -10.27 -5.43 32.81
N ASN C 47 -10.17 -4.98 34.07
CA ASN C 47 -10.86 -5.62 35.19
C ASN C 47 -12.39 -5.41 35.01
N PRO C 48 -13.17 -6.51 35.02
CA PRO C 48 -14.61 -6.37 34.75
C PRO C 48 -15.41 -5.64 35.84
N ASP C 49 -14.87 -5.54 37.07
CA ASP C 49 -15.50 -4.78 38.15
C ASP C 49 -15.22 -3.26 38.11
N ALA C 50 -14.22 -2.84 37.33
CA ALA C 50 -13.70 -1.45 37.35
C ALA C 50 -14.72 -0.31 37.13
N TRP C 51 -15.79 -0.57 36.38
CA TRP C 51 -16.86 0.42 36.12
C TRP C 51 -17.58 0.94 37.37
N GLN C 52 -17.72 0.08 38.39
CA GLN C 52 -18.34 0.47 39.68
C GLN C 52 -17.55 1.57 40.38
N LYS C 53 -16.24 1.59 40.15
CA LYS C 53 -15.34 2.58 40.74
C LYS C 53 -15.12 3.77 39.80
N ALA C 54 -16.14 4.11 39.00
CA ALA C 54 -16.09 5.20 38.02
C ALA C 54 -16.80 6.46 38.49
N ASP C 55 -17.96 6.32 39.14
CA ASP C 55 -18.67 7.45 39.79
C ASP C 55 -17.81 8.13 40.87
N GLN C 56 -17.03 7.30 41.57
CA GLN C 56 -16.04 7.74 42.55
C GLN C 56 -14.99 8.68 41.91
N ILE C 57 -14.44 8.25 40.78
CA ILE C 57 -13.41 9.02 40.06
C ILE C 57 -13.95 10.33 39.47
N LEU C 58 -15.16 10.31 38.91
CA LEU C 58 -15.75 11.53 38.32
C LEU C 58 -15.93 12.67 39.32
N GLN C 59 -16.17 12.33 40.58
CA GLN C 59 -16.35 13.31 41.66
C GLN C 59 -15.02 13.62 42.37
N PHE C 60 -14.35 12.57 42.88
CA PHE C 60 -13.18 12.74 43.77
C PHE C 60 -11.87 13.13 43.09
N SER C 61 -11.61 12.63 41.88
CA SER C 61 -10.35 12.92 41.17
C SER C 61 -10.31 14.35 40.64
N THR C 62 -9.11 14.92 40.56
CA THR C 62 -8.89 16.24 39.93
C THR C 62 -8.11 16.17 38.61
N ASN C 63 -7.75 14.96 38.16
CA ASN C 63 -7.01 14.75 36.91
C ASN C 63 -8.03 14.46 35.78
N PRO C 64 -8.06 15.30 34.73
CA PRO C 64 -8.95 15.01 33.58
C PRO C 64 -8.65 13.68 32.86
N GLN C 65 -7.39 13.25 32.86
CA GLN C 65 -7.00 11.97 32.24
C GLN C 65 -7.58 10.75 32.96
N SER C 66 -7.53 10.77 34.29
CA SER C 66 -8.13 9.69 35.10
C SER C 66 -9.65 9.59 34.92
N LYS C 67 -10.30 10.74 34.74
CA LYS C 67 -11.72 10.79 34.42
C LYS C 67 -12.00 10.24 33.02
N PHE C 68 -11.18 10.65 32.05
CA PHE C 68 -11.25 10.14 30.68
C PHE C 68 -11.18 8.61 30.69
N ILE C 69 -10.16 8.07 31.36
CA ILE C 69 -9.98 6.62 31.49
C ILE C 69 -11.18 5.97 32.20
N ALA C 70 -11.77 6.67 33.18
CA ALA C 70 -12.96 6.17 33.87
C ALA C 70 -14.16 6.05 32.93
N LEU C 71 -14.35 7.06 32.07
CA LEU C 71 -15.40 7.02 31.05
C LEU C 71 -15.18 5.94 29.98
N SER C 72 -13.93 5.68 29.62
CA SER C 72 -13.59 4.57 28.71
C SER C 72 -14.00 3.22 29.28
N ILE C 73 -13.83 3.05 30.60
CA ILE C 73 -14.27 1.84 31.30
C ILE C 73 -15.80 1.77 31.32
N LEU C 74 -16.47 2.91 31.51
CA LEU C 74 -17.93 2.99 31.41
C LEU C 74 -18.45 2.67 30.01
N ASP C 75 -17.82 3.27 29.01
CA ASP C 75 -18.14 3.05 27.60
C ASP C 75 -18.16 1.56 27.24
N LYS C 76 -17.16 0.82 27.72
CA LYS C 76 -17.01 -0.61 27.48
C LYS C 76 -18.15 -1.44 28.09
N LEU C 77 -18.62 -1.01 29.26
CA LEU C 77 -19.77 -1.63 29.94
C LEU C 77 -21.07 -1.36 29.19
N ILE C 78 -21.23 -0.13 28.68
CA ILE C 78 -22.46 0.31 28.02
C ILE C 78 -22.68 -0.42 26.68
N THR C 79 -21.63 -0.50 25.87
CA THR C 79 -21.74 -1.14 24.57
C THR C 79 -21.82 -2.66 24.65
N ARG C 80 -21.24 -3.28 25.69
CA ARG C 80 -21.08 -4.75 25.77
C ARG C 80 -21.90 -5.53 26.83
N LYS C 81 -22.07 -4.96 28.03
CA LYS C 81 -22.74 -5.67 29.16
C LYS C 81 -23.98 -4.93 29.71
N TRP C 82 -24.43 -3.88 29.03
CA TRP C 82 -25.45 -2.99 29.56
C TRP C 82 -26.75 -3.68 29.92
N LYS C 83 -27.30 -4.49 29.01
CA LYS C 83 -28.61 -5.14 29.22
C LYS C 83 -28.64 -6.21 30.34
N LEU C 84 -27.48 -6.64 30.80
CA LEU C 84 -27.35 -7.56 31.94
C LEU C 84 -27.48 -6.88 33.32
N LEU C 85 -27.32 -5.56 33.37
CA LEU C 85 -27.40 -4.83 34.64
C LEU C 85 -28.84 -4.76 35.15
N PRO C 86 -29.03 -4.62 36.47
CA PRO C 86 -30.37 -4.31 36.97
C PRO C 86 -30.83 -2.90 36.53
N ASN C 87 -32.15 -2.75 36.37
CA ASN C 87 -32.77 -1.49 35.90
C ASN C 87 -32.32 -0.24 36.67
N ASP C 88 -32.05 -0.38 37.96
CA ASP C 88 -31.63 0.75 38.80
C ASP C 88 -30.21 1.22 38.53
N HIS C 89 -29.29 0.29 38.25
CA HIS C 89 -27.92 0.65 37.84
C HIS C 89 -27.88 1.41 36.51
N ARG C 90 -28.75 1.04 35.57
CA ARG C 90 -28.89 1.75 34.30
C ARG C 90 -29.29 3.23 34.50
N ILE C 91 -30.31 3.46 35.33
CA ILE C 91 -30.82 4.81 35.62
C ILE C 91 -29.77 5.60 36.41
N GLY C 92 -29.16 4.96 37.42
CA GLY C 92 -28.10 5.57 38.22
C GLY C 92 -26.96 6.09 37.38
N ILE C 93 -26.50 5.28 36.41
CA ILE C 93 -25.40 5.65 35.50
C ILE C 93 -25.80 6.81 34.57
N ARG C 94 -26.96 6.71 33.94
CA ARG C 94 -27.51 7.80 33.13
C ARG C 94 -27.46 9.13 33.89
N ASN C 95 -27.98 9.13 35.12
CA ASN C 95 -28.11 10.35 35.91
C ASN C 95 -26.76 11.01 36.20
N PHE C 96 -25.76 10.25 36.65
CA PHE C 96 -24.45 10.87 36.98
C PHE C 96 -23.57 11.17 35.77
N VAL C 97 -23.86 10.57 34.60
CA VAL C 97 -23.28 11.05 33.33
C VAL C 97 -23.92 12.38 32.94
N VAL C 98 -25.26 12.43 32.92
CA VAL C 98 -25.98 13.68 32.61
C VAL C 98 -25.55 14.80 33.58
N GLY C 99 -25.53 14.50 34.88
CA GLY C 99 -25.15 15.46 35.92
C GLY C 99 -23.73 15.99 35.83
N MET C 100 -22.78 15.11 35.50
CA MET C 100 -21.38 15.50 35.27
C MET C 100 -21.24 16.46 34.08
N ILE C 101 -22.03 16.24 33.02
CA ILE C 101 -22.02 17.10 31.83
C ILE C 101 -22.59 18.48 32.14
N ILE C 102 -23.71 18.55 32.85
CA ILE C 102 -24.33 19.84 33.18
C ILE C 102 -23.40 20.68 34.07
N SER C 103 -22.81 20.04 35.09
CA SER C 103 -21.93 20.71 36.06
C SER C 103 -20.59 21.19 35.46
N MET C 104 -20.08 20.45 34.48
CA MET C 104 -18.90 20.88 33.69
C MET C 104 -19.20 22.05 32.72
N CYS C 105 -20.44 22.12 32.23
CA CYS C 105 -20.85 23.21 31.34
C CYS C 105 -21.14 24.53 32.06
N GLN C 106 -21.69 24.45 33.28
CA GLN C 106 -21.95 25.64 34.11
C GLN C 106 -20.68 26.31 34.67
N ASP C 107 -19.62 25.53 34.87
CA ASP C 107 -18.32 26.03 35.33
C ASP C 107 -17.45 26.46 34.11
N ASP C 108 -17.39 27.77 33.86
CA ASP C 108 -16.70 28.34 32.68
C ASP C 108 -15.21 28.00 32.60
N GLU C 109 -14.56 27.94 33.76
CA GLU C 109 -13.16 27.48 33.89
C GLU C 109 -12.99 26.06 33.33
N VAL C 110 -13.89 25.16 33.74
CA VAL C 110 -13.86 23.76 33.30
C VAL C 110 -14.30 23.64 31.83
N PHE C 111 -15.33 24.41 31.44
CA PHE C 111 -15.84 24.39 30.06
C PHE C 111 -14.81 24.81 29.00
N LYS C 112 -13.92 25.73 29.36
CA LYS C 112 -12.87 26.18 28.43
C LYS C 112 -11.70 25.20 28.36
N THR C 113 -11.24 24.73 29.53
CA THR C 113 -9.93 24.07 29.66
C THR C 113 -9.93 22.53 29.66
N GLN C 114 -11.10 21.89 29.73
CA GLN C 114 -11.19 20.42 29.77
C GLN C 114 -12.05 19.88 28.62
N LYS C 115 -11.86 20.43 27.42
CA LYS C 115 -12.67 20.08 26.22
C LYS C 115 -12.61 18.61 25.85
N ASN C 116 -11.45 17.98 26.08
CA ASN C 116 -11.28 16.54 25.84
C ASN C 116 -12.20 15.72 26.75
N LEU C 117 -12.26 16.09 28.02
CA LEU C 117 -13.09 15.37 29.00
C LEU C 117 -14.60 15.63 28.82
N ILE C 118 -14.97 16.78 28.29
CA ILE C 118 -16.39 17.06 28.02
C ILE C 118 -16.86 16.24 26.80
N ASN C 119 -16.10 16.31 25.71
CA ASN C 119 -16.44 15.59 24.46
C ASN C 119 -16.53 14.08 24.67
N LYS C 120 -15.65 13.53 25.52
CA LYS C 120 -15.68 12.11 25.91
C LYS C 120 -16.93 11.74 26.71
N SER C 121 -17.34 12.63 27.62
CA SER C 121 -18.60 12.46 28.38
C SER C 121 -19.81 12.46 27.45
N ASP C 122 -19.80 13.38 26.48
CA ASP C 122 -20.85 13.47 25.46
C ASP C 122 -20.93 12.22 24.60
N LEU C 123 -19.78 11.66 24.25
CA LEU C 123 -19.76 10.43 23.47
C LEU C 123 -20.30 9.28 24.31
N THR C 124 -19.93 9.25 25.58
CA THR C 124 -20.43 8.26 26.54
C THR C 124 -21.94 8.41 26.81
N LEU C 125 -22.46 9.63 26.76
CA LEU C 125 -23.91 9.86 26.77
C LEU C 125 -24.59 9.23 25.54
N VAL C 126 -24.02 9.46 24.35
CA VAL C 126 -24.59 8.95 23.09
C VAL C 126 -24.67 7.42 23.09
N GLN C 127 -23.74 6.75 23.76
CA GLN C 127 -23.78 5.29 23.88
C GLN C 127 -24.96 4.82 24.75
N ILE C 128 -25.32 5.61 25.77
CA ILE C 128 -26.54 5.34 26.55
C ILE C 128 -27.77 5.52 25.64
N LEU C 129 -27.81 6.60 24.87
CA LEU C 129 -28.94 6.84 23.94
C LEU C 129 -29.11 5.68 22.95
N LYS C 130 -28.01 5.15 22.44
CA LYS C 130 -28.05 4.02 21.53
C LYS C 130 -28.71 2.76 22.17
N GLN C 131 -28.50 2.59 23.48
CA GLN C 131 -29.14 1.51 24.23
C GLN C 131 -30.58 1.85 24.64
N GLU C 132 -30.79 3.10 25.08
CA GLU C 132 -31.97 3.47 25.84
C GLU C 132 -32.97 4.44 25.17
N TRP C 133 -32.65 5.03 24.01
CA TRP C 133 -33.48 6.10 23.41
C TRP C 133 -34.07 5.67 22.04
N PRO C 134 -35.33 6.04 21.74
CA PRO C 134 -36.25 6.80 22.58
C PRO C 134 -37.18 5.97 23.49
N GLN C 135 -37.19 4.64 23.33
CA GLN C 135 -38.14 3.76 24.03
C GLN C 135 -38.18 3.88 25.57
N ASN C 136 -37.02 4.10 26.21
CA ASN C 136 -36.94 4.33 27.67
C ASN C 136 -36.48 5.76 28.04
N TRP C 137 -36.74 6.73 27.15
CA TRP C 137 -36.29 8.12 27.33
C TRP C 137 -36.95 9.07 26.31
N PRO C 138 -38.29 9.01 26.16
CA PRO C 138 -38.94 9.79 25.08
C PRO C 138 -38.74 11.31 25.20
N GLU C 139 -38.48 11.82 26.40
CA GLU C 139 -38.33 13.26 26.64
C GLU C 139 -36.90 13.82 26.48
N PHE C 140 -35.96 13.04 25.91
CA PHE C 140 -34.58 13.51 25.72
C PHE C 140 -34.46 14.75 24.85
N ILE C 141 -35.13 14.73 23.69
CA ILE C 141 -35.04 15.83 22.71
C ILE C 141 -35.78 17.11 23.19
N PRO C 142 -37.00 16.98 23.72
CA PRO C 142 -37.61 18.14 24.39
C PRO C 142 -36.81 18.72 25.55
N GLU C 143 -36.30 17.86 26.45
CA GLU C 143 -35.46 18.31 27.57
C GLU C 143 -34.11 18.89 27.15
N LEU C 144 -33.56 18.41 26.03
CA LEU C 144 -32.35 18.99 25.44
C LEU C 144 -32.60 20.38 24.85
N ILE C 145 -33.70 20.54 24.09
CA ILE C 145 -34.09 21.83 23.50
C ILE C 145 -34.39 22.89 24.57
N GLY C 146 -35.05 22.46 25.65
CA GLY C 146 -35.42 23.34 26.75
C GLY C 146 -34.22 23.84 27.54
N SER C 147 -33.33 22.93 27.92
CA SER C 147 -32.11 23.27 28.66
C SER C 147 -31.16 24.18 27.87
N SER C 148 -31.26 24.15 26.54
CA SER C 148 -30.51 25.07 25.67
C SER C 148 -30.90 26.57 25.79
N SER C 149 -32.10 26.86 26.29
CA SER C 149 -32.48 28.25 26.61
C SER C 149 -31.62 28.84 27.73
N SER C 150 -31.43 28.07 28.80
CA SER C 150 -30.82 28.57 30.05
C SER C 150 -29.36 29.04 29.92
N SER C 151 -28.47 28.14 29.48
CA SER C 151 -27.03 28.41 29.40
C SER C 151 -26.52 28.27 27.96
N VAL C 152 -25.78 29.27 27.49
CA VAL C 152 -25.18 29.25 26.15
C VAL C 152 -24.09 28.18 26.02
N ASN C 153 -23.45 27.84 27.15
CA ASN C 153 -22.45 26.77 27.19
C ASN C 153 -23.09 25.39 27.05
N VAL C 154 -24.25 25.19 27.67
CA VAL C 154 -25.02 23.93 27.56
C VAL C 154 -25.58 23.80 26.14
N CYS C 155 -25.98 24.91 25.54
CA CYS C 155 -26.47 24.94 24.15
C CYS C 155 -25.37 24.45 23.18
N GLU C 156 -24.16 25.00 23.34
CA GLU C 156 -23.00 24.59 22.56
C GLU C 156 -22.71 23.11 22.71
N ASN C 157 -22.72 22.61 23.95
CA ASN C 157 -22.44 21.20 24.21
C ASN C 157 -23.53 20.27 23.70
N ASN C 158 -24.78 20.75 23.70
CA ASN C 158 -25.90 19.99 23.14
C ASN C 158 -25.75 19.82 21.63
N MET C 159 -25.12 20.78 20.96
CA MET C 159 -24.78 20.67 19.54
C MET C 159 -23.65 19.66 19.28
N ILE C 160 -22.74 19.50 20.24
CA ILE C 160 -21.73 18.45 20.19
C ILE C 160 -22.38 17.09 20.43
N VAL C 161 -23.31 17.01 21.38
CA VAL C 161 -24.05 15.76 21.63
C VAL C 161 -24.84 15.32 20.40
N LEU C 162 -25.54 16.26 19.77
CA LEU C 162 -26.36 15.97 18.59
C LEU C 162 -25.52 15.57 17.37
N LYS C 163 -24.39 16.25 17.18
CA LYS C 163 -23.43 15.89 16.13
C LYS C 163 -23.01 14.43 16.25
N LEU C 164 -22.56 14.06 17.44
CA LEU C 164 -22.11 12.71 17.72
C LEU C 164 -23.23 11.68 17.57
N LEU C 165 -24.44 12.04 18.00
CA LEU C 165 -25.61 11.18 17.82
C LEU C 165 -25.86 10.89 16.34
N SER C 166 -25.86 11.94 15.51
CA SER C 166 -26.03 11.79 14.06
C SER C 166 -24.94 10.92 13.43
N GLU C 167 -23.70 11.12 13.88
CA GLU C 167 -22.56 10.32 13.39
C GLU C 167 -22.80 8.85 13.69
N GLU C 168 -23.09 8.53 14.96
CA GLU C 168 -23.26 7.13 15.40
C GLU C 168 -24.45 6.41 14.78
N VAL C 169 -25.50 7.15 14.42
CA VAL C 169 -26.73 6.54 13.87
C VAL C 169 -26.66 6.36 12.35
N PHE C 170 -26.18 7.39 11.63
CA PHE C 170 -26.21 7.41 10.17
C PHE C 170 -24.87 7.14 9.45
N ASP C 171 -23.74 7.50 10.07
CA ASP C 171 -22.42 7.39 9.42
C ASP C 171 -21.63 6.13 9.80
N PHE C 172 -21.83 5.62 11.03
CA PHE C 172 -21.03 4.48 11.56
C PHE C 172 -21.86 3.32 12.15
N SER C 173 -23.16 3.27 11.83
CA SER C 173 -24.05 2.22 12.32
C SER C 173 -23.96 0.91 11.53
N ALA C 174 -23.67 1.00 10.23
CA ALA C 174 -23.65 -0.17 9.34
C ALA C 174 -22.87 -1.39 9.90
N GLU C 175 -21.67 -1.14 10.39
CA GLU C 175 -20.82 -2.19 10.94
C GLU C 175 -21.17 -2.53 12.39
N GLN C 176 -21.52 -1.50 13.17
CA GLN C 176 -21.52 -1.59 14.65
C GLN C 176 -22.83 -1.96 15.36
N MET C 177 -23.96 -1.92 14.65
CA MET C 177 -25.25 -2.36 15.22
C MET C 177 -26.00 -3.23 14.22
N THR C 178 -27.03 -3.92 14.68
CA THR C 178 -27.83 -4.76 13.79
C THR C 178 -28.61 -3.90 12.81
N GLN C 179 -29.00 -4.46 11.68
CA GLN C 179 -29.88 -3.77 10.72
C GLN C 179 -31.12 -3.17 11.37
N ALA C 180 -31.80 -3.96 12.20
CA ALA C 180 -33.05 -3.54 12.87
C ALA C 180 -32.82 -2.38 13.83
N LYS C 181 -31.75 -2.45 14.61
CA LYS C 181 -31.43 -1.39 15.55
C LYS C 181 -31.05 -0.09 14.83
N ALA C 182 -30.36 -0.21 13.70
CA ALA C 182 -30.01 0.96 12.87
C ALA C 182 -31.27 1.68 12.37
N LEU C 183 -32.17 0.94 11.74
CA LEU C 183 -33.45 1.45 11.28
C LEU C 183 -34.28 2.13 12.41
N HIS C 184 -34.39 1.47 13.56
CA HIS C 184 -35.08 2.03 14.74
C HIS C 184 -34.50 3.40 15.14
N LEU C 185 -33.17 3.46 15.31
CA LEU C 185 -32.48 4.71 15.64
C LEU C 185 -32.59 5.77 14.54
N LYS C 186 -32.54 5.36 13.27
CA LYS C 186 -32.68 6.30 12.14
C LYS C 186 -34.08 6.90 12.07
N ASN C 187 -35.12 6.06 12.11
CA ASN C 187 -36.52 6.50 12.19
C ASN C 187 -36.75 7.43 13.39
N SER C 188 -36.17 7.09 14.53
CA SER C 188 -36.33 7.90 15.75
C SER C 188 -35.73 9.29 15.59
N MET C 189 -34.53 9.39 15.03
CA MET C 189 -33.92 10.71 14.75
C MET C 189 -34.73 11.49 13.72
N SER C 190 -35.18 10.79 12.68
CA SER C 190 -36.01 11.36 11.63
C SER C 190 -37.35 11.90 12.16
N LYS C 191 -37.99 11.15 13.05
CA LYS C 191 -39.27 11.56 13.67
C LYS C 191 -39.21 12.89 14.41
N GLU C 192 -38.11 13.14 15.12
CA GLU C 192 -37.94 14.36 15.94
C GLU C 192 -36.99 15.42 15.33
N PHE C 193 -36.63 15.31 14.05
CA PHE C 193 -35.66 16.24 13.46
C PHE C 193 -36.24 17.66 13.28
N GLU C 194 -37.54 17.76 12.99
CA GLU C 194 -38.24 19.05 12.91
C GLU C 194 -37.90 19.94 14.11
N GLN C 195 -37.96 19.33 15.29
CA GLN C 195 -37.71 20.03 16.56
C GLN C 195 -36.22 20.36 16.74
N ILE C 196 -35.35 19.45 16.28
CA ILE C 196 -33.88 19.68 16.27
C ILE C 196 -33.49 20.80 15.29
N PHE C 197 -34.14 20.84 14.13
CA PHE C 197 -33.85 21.86 13.11
C PHE C 197 -34.29 23.27 13.52
N LYS C 198 -35.41 23.39 14.23
CA LYS C 198 -35.84 24.69 14.77
C LYS C 198 -34.74 25.29 15.65
N LEU C 199 -34.27 24.52 16.62
CA LEU C 199 -33.19 24.95 17.53
C LEU C 199 -31.91 25.32 16.79
N CYS C 200 -31.56 24.51 15.80
CA CYS C 200 -30.36 24.73 14.98
C CYS C 200 -30.45 26.01 14.14
N PHE C 201 -31.54 26.17 13.39
CA PHE C 201 -31.78 27.36 12.55
C PHE C 201 -31.92 28.64 13.39
N GLN C 202 -32.55 28.51 14.57
CA GLN C 202 -32.73 29.62 15.51
C GLN C 202 -31.39 30.15 16.02
N VAL C 203 -30.51 29.24 16.44
CA VAL C 203 -29.16 29.59 16.93
C VAL C 203 -28.33 30.25 15.83
N LEU C 204 -28.40 29.72 14.60
CA LEU C 204 -27.68 30.31 13.46
C LEU C 204 -28.22 31.69 13.03
N GLU C 205 -29.52 31.92 13.22
CA GLU C 205 -30.11 33.22 12.90
C GLU C 205 -29.81 34.23 14.01
N GLN C 206 -30.13 33.87 15.25
CA GLN C 206 -30.13 34.79 16.41
C GLN C 206 -28.88 34.82 17.29
N GLY C 207 -27.97 33.85 17.13
CA GLY C 207 -26.77 33.74 17.97
C GLY C 207 -25.69 34.71 17.54
N SER C 208 -24.89 35.16 18.51
CA SER C 208 -23.65 35.96 18.26
C SER C 208 -22.34 35.27 18.72
N SER C 209 -22.44 34.28 19.63
CA SER C 209 -21.28 33.48 20.06
C SER C 209 -20.77 32.60 18.91
N SER C 210 -19.54 32.85 18.48
CA SER C 210 -18.97 32.11 17.35
C SER C 210 -18.66 30.65 17.68
N SER C 211 -18.15 30.36 18.89
CA SER C 211 -17.92 28.96 19.29
C SER C 211 -19.21 28.14 19.30
N LEU C 212 -20.33 28.79 19.64
CA LEU C 212 -21.67 28.17 19.55
C LEU C 212 -22.10 27.97 18.09
N ILE C 213 -21.87 29.00 17.28
CA ILE C 213 -22.20 28.95 15.84
C ILE C 213 -21.38 27.87 15.11
N VAL C 214 -20.08 27.80 15.40
CA VAL C 214 -19.19 26.80 14.78
C VAL C 214 -19.68 25.38 15.08
N ALA C 215 -19.93 25.09 16.37
CA ALA C 215 -20.46 23.80 16.81
C ALA C 215 -21.83 23.45 16.19
N THR C 216 -22.65 24.46 15.97
CA THR C 216 -23.95 24.29 15.32
C THR C 216 -23.79 23.94 13.84
N LEU C 217 -22.85 24.61 13.17
CA LEU C 217 -22.51 24.28 11.79
C LEU C 217 -21.81 22.92 11.66
N GLU C 218 -21.05 22.52 12.67
CA GLU C 218 -20.43 21.19 12.70
C GLU C 218 -21.54 20.13 12.73
N SER C 219 -22.59 20.36 13.52
CA SER C 219 -23.75 19.45 13.55
C SER C 219 -24.51 19.46 12.22
N LEU C 220 -24.68 20.64 11.61
CA LEU C 220 -25.34 20.75 10.31
C LEU C 220 -24.66 19.94 9.21
N LEU C 221 -23.32 19.96 9.20
CA LEU C 221 -22.53 19.17 8.27
C LEU C 221 -22.94 17.70 8.31
N ARG C 222 -23.11 17.16 9.52
CA ARG C 222 -23.57 15.78 9.70
C ARG C 222 -25.04 15.58 9.33
N TYR C 223 -25.91 16.53 9.68
CA TYR C 223 -27.33 16.38 9.31
C TYR C 223 -27.47 16.26 7.80
N LEU C 224 -26.66 17.04 7.07
CA LEU C 224 -26.74 17.07 5.61
C LEU C 224 -26.49 15.73 4.89
N HIS C 225 -25.83 14.78 5.56
CA HIS C 225 -25.64 13.42 5.01
C HIS C 225 -26.97 12.69 4.74
N TRP C 226 -28.01 12.99 5.53
CA TRP C 226 -29.26 12.22 5.52
C TRP C 226 -30.60 12.97 5.46
N ILE C 227 -30.67 14.21 5.93
CA ILE C 227 -31.94 14.95 5.98
C ILE C 227 -32.55 15.22 4.59
N PRO C 228 -33.89 15.36 4.51
CA PRO C 228 -34.50 15.65 3.21
C PRO C 228 -34.20 17.08 2.75
N TYR C 229 -34.17 17.28 1.44
CA TYR C 229 -33.69 18.55 0.86
C TYR C 229 -34.51 19.79 1.31
N ARG C 230 -35.81 19.60 1.55
CA ARG C 230 -36.74 20.68 1.93
C ARG C 230 -36.28 21.57 3.09
N TYR C 231 -35.62 20.96 4.10
CA TYR C 231 -35.02 21.73 5.20
C TYR C 231 -33.96 22.77 4.78
N ILE C 232 -33.31 22.55 3.62
CA ILE C 232 -32.31 23.47 3.09
C ILE C 232 -32.91 24.48 2.12
N TYR C 233 -33.81 24.02 1.26
CA TYR C 233 -34.37 24.85 0.19
C TYR C 233 -35.60 25.66 0.61
N GLU C 234 -36.51 25.08 1.38
CA GLU C 234 -37.72 25.78 1.85
C GLU C 234 -37.55 26.55 3.18
N THR C 235 -36.32 26.93 3.52
CA THR C 235 -36.03 27.87 4.61
C THR C 235 -35.01 28.91 4.11
N ASN C 236 -34.60 29.82 4.98
CA ASN C 236 -33.64 30.90 4.63
C ASN C 236 -32.17 30.42 4.70
N ILE C 237 -31.95 29.18 5.13
CA ILE C 237 -30.63 28.72 5.59
C ILE C 237 -29.53 28.77 4.52
N LEU C 238 -29.89 28.64 3.24
CA LEU C 238 -28.92 28.82 2.14
C LEU C 238 -28.31 30.21 2.06
N GLU C 239 -29.13 31.25 2.25
CA GLU C 239 -28.66 32.65 2.26
CA GLU C 239 -28.63 32.63 2.22
C GLU C 239 -27.65 32.85 3.38
N LEU C 240 -27.98 32.34 4.57
CA LEU C 240 -27.12 32.47 5.74
C LEU C 240 -25.76 31.81 5.52
N LEU C 241 -25.78 30.59 4.98
CA LEU C 241 -24.55 29.86 4.69
C LEU C 241 -23.73 30.58 3.63
N SER C 242 -24.37 30.98 2.55
CA SER C 242 -23.65 31.53 1.40
C SER C 242 -23.20 32.99 1.56
N THR C 243 -23.65 33.70 2.60
CA THR C 243 -23.30 35.12 2.79
C THR C 243 -22.72 35.41 4.20
N LYS C 244 -23.59 35.31 5.21
CA LYS C 244 -23.25 35.67 6.60
C LYS C 244 -22.05 34.89 7.12
N PHE C 245 -22.09 33.57 6.96
CA PHE C 245 -21.06 32.70 7.54
C PHE C 245 -19.81 32.52 6.69
N MET C 246 -19.86 32.96 5.44
CA MET C 246 -18.66 32.96 4.59
C MET C 246 -17.73 34.15 4.86
N THR C 247 -18.26 35.22 5.46
CA THR C 247 -17.46 36.41 5.77
C THR C 247 -16.49 36.24 6.96
N SER C 248 -16.96 35.62 8.04
CA SER C 248 -16.15 35.40 9.26
C SER C 248 -15.28 34.14 9.10
N PRO C 249 -13.96 34.19 9.44
CA PRO C 249 -13.06 33.03 9.18
C PRO C 249 -13.22 31.80 10.09
N ASP C 250 -13.67 31.99 11.32
CA ASP C 250 -13.98 30.87 12.23
C ASP C 250 -15.12 29.97 11.68
N THR C 251 -16.19 30.59 11.15
CA THR C 251 -17.31 29.86 10.52
C THR C 251 -17.09 29.43 9.05
N ARG C 252 -16.23 30.16 8.34
CA ARG C 252 -15.99 29.95 6.89
C ARG C 252 -15.62 28.53 6.54
N ALA C 253 -14.61 28.03 7.23
CA ALA C 253 -14.11 26.67 7.05
C ALA C 253 -15.24 25.65 7.03
N ILE C 254 -16.06 25.66 8.08
CA ILE C 254 -17.15 24.69 8.23
C ILE C 254 -18.31 24.96 7.26
N THR C 255 -18.64 26.24 7.03
CA THR C 255 -19.71 26.59 6.09
C THR C 255 -19.42 26.11 4.69
N LEU C 256 -18.17 26.23 4.27
CA LEU C 256 -17.75 25.79 2.95
C LEU C 256 -17.94 24.27 2.80
N LYS C 257 -17.60 23.51 3.84
CA LYS C 257 -17.88 22.06 3.88
C LYS C 257 -19.39 21.71 3.89
N CYS C 258 -20.21 22.53 4.55
CA CYS C 258 -21.66 22.36 4.48
C CYS C 258 -22.18 22.57 3.06
N LEU C 259 -21.72 23.63 2.39
CA LEU C 259 -22.15 23.92 1.02
C LEU C 259 -21.67 22.86 -0.01
N THR C 260 -20.50 22.28 0.23
CA THR C 260 -20.02 21.14 -0.54
C THR C 260 -21.01 19.99 -0.45
N GLU C 261 -21.45 19.68 0.76
CA GLU C 261 -22.45 18.62 0.97
C GLU C 261 -23.85 19.01 0.49
N VAL C 262 -24.20 20.29 0.58
CA VAL C 262 -25.48 20.78 0.01
C VAL C 262 -25.50 20.54 -1.49
N SER C 263 -24.40 20.84 -2.17
CA SER C 263 -24.29 20.60 -3.61
C SER C 263 -24.55 19.14 -3.99
N ASN C 264 -24.29 18.20 -3.08
CA ASN C 264 -24.59 16.76 -3.28
C ASN C 264 -25.99 16.29 -2.77
N LEU C 265 -26.83 17.20 -2.26
CA LEU C 265 -28.16 16.81 -1.74
C LEU C 265 -29.06 16.21 -2.83
N LYS C 266 -29.99 15.34 -2.43
CA LYS C 266 -30.93 14.74 -3.35
C LYS C 266 -32.06 15.74 -3.67
N ILE C 267 -32.10 16.21 -4.91
CA ILE C 267 -32.90 17.38 -5.35
C ILE C 267 -33.74 17.03 -6.61
N PRO C 268 -35.03 17.48 -6.65
CA PRO C 268 -35.81 17.38 -7.91
C PRO C 268 -35.21 18.23 -9.03
N GLN C 269 -35.06 17.64 -10.21
CA GLN C 269 -34.29 18.23 -11.32
C GLN C 269 -35.15 18.96 -12.36
N ASP C 270 -36.44 19.12 -12.06
CA ASP C 270 -37.41 19.70 -13.01
C ASP C 270 -38.14 20.95 -12.45
N ASN C 271 -37.67 21.50 -11.32
CA ASN C 271 -38.29 22.67 -10.68
C ASN C 271 -37.40 23.90 -10.87
N ASP C 272 -37.93 24.92 -11.55
CA ASP C 272 -37.16 26.14 -11.90
C ASP C 272 -36.74 26.98 -10.70
N LEU C 273 -37.57 27.02 -9.65
CA LEU C 273 -37.25 27.78 -8.43
C LEU C 273 -36.03 27.20 -7.69
N ILE C 274 -35.91 25.88 -7.66
CA ILE C 274 -34.75 25.22 -7.04
C ILE C 274 -33.46 25.46 -7.85
N LYS C 275 -33.59 25.47 -9.18
CA LYS C 275 -32.45 25.81 -10.04
C LYS C 275 -31.90 27.20 -9.75
N ARG C 276 -32.79 28.17 -9.54
CA ARG C 276 -32.37 29.51 -9.18
C ARG C 276 -31.71 29.56 -7.79
N GLN C 277 -32.29 28.84 -6.82
CA GLN C 277 -31.71 28.75 -5.47
C GLN C 277 -30.32 28.10 -5.49
N THR C 278 -30.14 27.09 -6.33
CA THR C 278 -28.85 26.43 -6.52
C THR C 278 -27.83 27.36 -7.20
N VAL C 279 -28.29 28.16 -8.16
CA VAL C 279 -27.44 29.20 -8.75
C VAL C 279 -27.05 30.28 -7.73
N LEU C 280 -28.04 30.72 -6.94
CA LEU C 280 -27.87 31.84 -6.02
C LEU C 280 -26.83 31.57 -4.95
N PHE C 281 -26.88 30.42 -4.29
CA PHE C 281 -25.94 30.16 -3.19
C PHE C 281 -24.50 30.07 -3.71
N PHE C 282 -24.35 29.63 -4.96
CA PHE C 282 -23.05 29.59 -5.61
C PHE C 282 -22.60 31.02 -5.90
N GLN C 283 -23.50 31.84 -6.41
CA GLN C 283 -23.18 33.24 -6.71
C GLN C 283 -22.75 34.01 -5.46
N ASN C 284 -23.50 33.82 -4.37
CA ASN C 284 -23.17 34.43 -3.09
C ASN C 284 -21.83 33.94 -2.54
N THR C 285 -21.57 32.64 -2.63
CA THR C 285 -20.33 32.06 -2.09
C THR C 285 -19.07 32.60 -2.80
N LEU C 286 -19.07 32.57 -4.12
CA LEU C 286 -18.00 33.14 -4.95
C LEU C 286 -17.80 34.65 -4.71
N GLN C 287 -18.89 35.35 -4.42
CA GLN C 287 -18.84 36.78 -4.17
C GLN C 287 -18.10 37.06 -2.86
N GLN C 288 -18.44 36.34 -1.80
CA GLN C 288 -17.70 36.44 -0.52
C GLN C 288 -16.22 36.10 -0.65
N ILE C 289 -15.90 35.11 -1.46
CA ILE C 289 -14.50 34.72 -1.66
C ILE C 289 -13.73 35.88 -2.31
N ALA C 290 -14.33 36.46 -3.35
CA ALA C 290 -13.70 37.55 -4.11
C ALA C 290 -13.48 38.82 -3.28
N THR C 291 -14.40 39.12 -2.36
CA THR C 291 -14.32 40.34 -1.53
C THR C 291 -13.74 40.13 -0.11
N SER C 292 -13.87 38.94 0.46
CA SER C 292 -13.41 38.69 1.85
C SER C 292 -12.17 37.81 2.00
N VAL C 293 -11.72 37.12 0.93
CA VAL C 293 -10.58 36.19 1.03
C VAL C 293 -9.46 36.49 0.03
N MET C 294 -9.73 36.35 -1.26
CA MET C 294 -8.78 36.76 -2.30
C MET C 294 -9.47 36.89 -3.65
N PRO C 295 -8.99 37.82 -4.49
CA PRO C 295 -9.57 37.93 -5.81
C PRO C 295 -9.13 36.80 -6.74
N VAL C 296 -9.74 36.79 -7.91
CA VAL C 296 -9.56 35.76 -8.93
C VAL C 296 -8.09 35.68 -9.40
N THR C 297 -7.44 36.84 -9.42
CA THR C 297 -6.06 36.96 -9.90
C THR C 297 -5.00 36.54 -8.89
N ALA C 298 -5.38 36.23 -7.65
CA ALA C 298 -4.39 35.96 -6.59
C ALA C 298 -3.56 34.73 -6.89
N ASP C 299 -2.30 34.77 -6.48
CA ASP C 299 -1.36 33.67 -6.72
C ASP C 299 -1.53 32.63 -5.61
N LEU C 300 -2.41 31.68 -5.84
CA LEU C 300 -2.73 30.68 -4.83
C LEU C 300 -1.57 29.71 -4.59
N LYS C 301 -0.80 29.42 -5.63
CA LYS C 301 0.44 28.66 -5.48
C LYS C 301 1.35 29.24 -4.38
N ALA C 302 1.59 30.54 -4.42
CA ALA C 302 2.38 31.25 -3.41
C ALA C 302 1.75 31.22 -2.01
N THR C 303 0.44 31.49 -1.93
CA THR C 303 -0.31 31.45 -0.66
C THR C 303 -0.24 30.07 0.00
N TYR C 304 -0.55 29.03 -0.77
CA TYR C 304 -0.53 27.66 -0.25
C TYR C 304 0.88 27.30 0.28
N ALA C 305 1.92 27.60 -0.51
CA ALA C 305 3.31 27.34 -0.12
C ALA C 305 3.76 28.08 1.16
N ASN C 306 3.18 29.24 1.44
CA ASN C 306 3.49 30.00 2.67
C ASN C 306 2.83 29.40 3.92
N ALA C 307 1.72 28.69 3.75
CA ALA C 307 1.15 27.82 4.79
C ALA C 307 0.69 28.52 6.06
N ASN C 308 0.30 29.80 5.94
CA ASN C 308 -0.18 30.57 7.10
C ASN C 308 -1.50 30.00 7.63
N GLY C 309 -1.65 30.00 8.96
CA GLY C 309 -2.86 29.51 9.64
C GLY C 309 -3.46 28.26 9.04
N ASN C 310 -4.72 28.35 8.64
CA ASN C 310 -5.43 27.25 7.99
C ASN C 310 -5.74 27.53 6.51
N ASP C 311 -4.82 28.22 5.85
CA ASP C 311 -4.96 28.57 4.43
C ASP C 311 -4.91 27.34 3.53
N GLN C 312 -4.00 26.42 3.84
CA GLN C 312 -3.86 25.21 3.04
C GLN C 312 -5.15 24.39 3.07
N SER C 313 -5.71 24.18 4.26
CA SER C 313 -6.98 23.46 4.41
C SER C 313 -8.12 24.19 3.72
N PHE C 314 -8.09 25.51 3.74
CA PHE C 314 -9.15 26.31 3.14
C PHE C 314 -9.15 26.17 1.61
N LEU C 315 -7.97 26.31 1.02
CA LEU C 315 -7.81 26.18 -0.43
C LEU C 315 -8.15 24.75 -0.90
N GLN C 316 -7.87 23.75 -0.05
CA GLN C 316 -8.27 22.37 -0.30
C GLN C 316 -9.78 22.27 -0.30
N ASP C 317 -10.41 22.85 0.71
CA ASP C 317 -11.86 22.84 0.82
C ASP C 317 -12.53 23.63 -0.31
N LEU C 318 -11.89 24.69 -0.78
CA LEU C 318 -12.45 25.49 -1.87
C LEU C 318 -12.44 24.69 -3.19
N ALA C 319 -11.33 24.03 -3.47
CA ALA C 319 -11.24 23.15 -4.63
C ALA C 319 -12.34 22.07 -4.57
N MET C 320 -12.51 21.45 -3.41
CA MET C 320 -13.55 20.45 -3.23
C MET C 320 -14.96 21.00 -3.47
N PHE C 321 -15.23 22.21 -2.98
CA PHE C 321 -16.51 22.88 -3.21
C PHE C 321 -16.75 23.18 -4.70
N LEU C 322 -15.80 23.83 -5.33
CA LEU C 322 -15.95 24.19 -6.73
C LEU C 322 -16.08 22.95 -7.62
N THR C 323 -15.20 21.97 -7.46
CA THR C 323 -15.24 20.76 -8.28
C THR C 323 -16.57 19.99 -8.10
N THR C 324 -16.96 19.78 -6.85
CA THR C 324 -18.23 19.11 -6.54
C THR C 324 -19.43 19.82 -7.16
N TYR C 325 -19.53 21.14 -6.97
CA TYR C 325 -20.70 21.89 -7.45
C TYR C 325 -20.73 21.92 -8.95
N LEU C 326 -19.59 22.23 -9.57
CA LEU C 326 -19.53 22.38 -11.01
C LEU C 326 -19.73 21.06 -11.76
N ALA C 327 -19.26 19.95 -11.19
CA ALA C 327 -19.49 18.64 -11.81
C ALA C 327 -20.99 18.35 -11.93
N ARG C 328 -21.73 18.72 -10.90
CA ARG C 328 -23.16 18.49 -10.88
C ARG C 328 -23.98 19.57 -11.59
N ASN C 329 -23.56 20.84 -11.48
CA ASN C 329 -24.42 21.99 -11.79
C ASN C 329 -23.94 22.95 -12.87
N ARG C 330 -22.78 22.75 -13.46
CA ARG C 330 -22.26 23.75 -14.39
C ARG C 330 -23.23 24.03 -15.54
N ALA C 331 -23.98 23.01 -15.97
CA ALA C 331 -25.06 23.21 -16.97
C ALA C 331 -26.00 24.39 -16.66
N LEU C 332 -26.32 24.57 -15.38
CA LEU C 332 -27.19 25.68 -14.94
C LEU C 332 -26.63 27.09 -15.25
N LEU C 333 -25.31 27.22 -15.33
CA LEU C 333 -24.64 28.49 -15.57
C LEU C 333 -24.23 28.70 -17.03
N GLU C 334 -24.47 27.72 -17.91
CA GLU C 334 -23.93 27.77 -19.30
C GLU C 334 -24.86 28.43 -20.34
N SER C 335 -26.16 28.52 -20.04
CA SER C 335 -27.17 29.07 -20.97
C SER C 335 -27.45 30.57 -20.78
N ASP C 336 -27.72 30.98 -19.55
CA ASP C 336 -27.97 32.38 -19.20
C ASP C 336 -26.70 33.22 -19.35
N GLU C 337 -26.75 34.28 -20.16
CA GLU C 337 -25.56 35.12 -20.42
C GLU C 337 -25.15 36.00 -19.24
N SER C 338 -26.09 36.26 -18.32
CA SER C 338 -25.80 36.97 -17.09
C SER C 338 -25.01 36.13 -16.09
N LEU C 339 -25.03 34.80 -16.24
CA LEU C 339 -24.27 33.87 -15.38
C LEU C 339 -22.92 33.43 -16.00
N ARG C 340 -22.54 34.01 -17.14
CA ARG C 340 -21.31 33.66 -17.81
C ARG C 340 -20.07 34.07 -17.00
N GLU C 341 -20.10 35.25 -16.39
CA GLU C 341 -18.95 35.73 -15.61
C GLU C 341 -18.73 34.85 -14.38
N LEU C 342 -19.83 34.48 -13.71
CA LEU C 342 -19.78 33.56 -12.57
C LEU C 342 -19.14 32.21 -12.93
N LEU C 343 -19.57 31.65 -14.05
CA LEU C 343 -19.07 30.37 -14.54
C LEU C 343 -17.56 30.39 -14.77
N LEU C 344 -17.09 31.42 -15.46
CA LEU C 344 -15.67 31.53 -15.82
C LEU C 344 -14.78 31.94 -14.65
N ASN C 345 -15.30 32.77 -13.75
CA ASN C 345 -14.59 33.11 -12.51
C ASN C 345 -14.33 31.88 -11.64
N ALA C 346 -15.36 31.06 -11.45
CA ALA C 346 -15.22 29.83 -10.66
C ALA C 346 -14.19 28.88 -11.27
N HIS C 347 -14.20 28.78 -12.60
CA HIS C 347 -13.21 27.97 -13.33
C HIS C 347 -11.82 28.60 -13.27
N GLN C 348 -11.74 29.93 -13.27
CA GLN C 348 -10.45 30.62 -13.13
C GLN C 348 -9.86 30.42 -11.74
N TYR C 349 -10.68 30.30 -10.69
CA TYR C 349 -10.18 29.91 -9.37
C TYR C 349 -9.58 28.50 -9.40
N LEU C 350 -10.24 27.59 -10.12
CA LEU C 350 -9.72 26.22 -10.25
C LEU C 350 -8.40 26.19 -11.00
N ILE C 351 -8.27 27.04 -12.02
CA ILE C 351 -7.00 27.17 -12.73
C ILE C 351 -5.89 27.57 -11.76
N GLN C 352 -6.13 28.57 -10.92
CA GLN C 352 -5.14 29.00 -9.92
C GLN C 352 -4.89 27.92 -8.84
N LEU C 353 -5.94 27.23 -8.40
CA LEU C 353 -5.76 26.09 -7.49
C LEU C 353 -4.93 24.96 -8.13
N SER C 354 -5.11 24.74 -9.43
CA SER C 354 -4.35 23.74 -10.17
C SER C 354 -2.85 24.01 -10.29
N LYS C 355 -2.43 25.24 -10.04
CA LYS C 355 -1.01 25.60 -10.03
C LYS C 355 -0.31 25.34 -8.68
N ILE C 356 -1.09 25.05 -7.63
CA ILE C 356 -0.52 24.73 -6.32
C ILE C 356 0.39 23.49 -6.39
N GLU C 357 1.54 23.59 -5.73
CA GLU C 357 2.48 22.48 -5.65
C GLU C 357 2.07 21.63 -4.47
N GLU C 358 1.31 20.58 -4.78
CA GLU C 358 0.69 19.70 -3.78
C GLU C 358 -0.01 18.58 -4.56
N ARG C 359 0.63 17.43 -4.56
CA ARG C 359 0.26 16.31 -5.42
C ARG C 359 -1.21 15.88 -5.31
N GLU C 360 -1.68 15.67 -4.08
CA GLU C 360 -3.03 15.17 -3.85
C GLU C 360 -4.12 16.19 -4.16
N LEU C 361 -3.83 17.46 -3.95
CA LEU C 361 -4.75 18.51 -4.39
C LEU C 361 -4.84 18.53 -5.93
N PHE C 362 -3.70 18.40 -6.58
CA PHE C 362 -3.65 18.38 -8.04
C PHE C 362 -4.50 17.25 -8.62
N LYS C 363 -4.42 16.07 -8.01
CA LYS C 363 -5.28 14.96 -8.42
C LYS C 363 -6.75 15.32 -8.35
N THR C 364 -7.15 16.01 -7.29
CA THR C 364 -8.54 16.38 -7.08
C THR C 364 -9.04 17.29 -8.20
N THR C 365 -8.25 18.32 -8.51
CA THR C 365 -8.58 19.25 -9.59
C THR C 365 -8.50 18.57 -10.95
N LEU C 366 -7.51 17.67 -11.12
CA LEU C 366 -7.37 16.95 -12.37
C LEU C 366 -8.56 16.04 -12.66
N ASP C 367 -9.15 15.42 -11.64
CA ASP C 367 -10.39 14.66 -11.83
C ASP C 367 -11.51 15.55 -12.41
N TYR C 368 -11.62 16.80 -11.92
CA TYR C 368 -12.59 17.74 -12.47
C TYR C 368 -12.28 18.14 -13.92
N TRP C 369 -11.01 18.46 -14.21
CA TRP C 369 -10.65 18.84 -15.58
C TRP C 369 -10.97 17.74 -16.60
N HIS C 370 -10.75 16.49 -16.19
CA HIS C 370 -11.13 15.30 -16.96
C HIS C 370 -12.63 15.32 -17.26
N ASN C 371 -13.42 15.47 -16.22
CA ASN C 371 -14.87 15.51 -16.34
C ASN C 371 -15.34 16.63 -17.30
N LEU C 372 -14.66 17.77 -17.27
CA LEU C 372 -15.02 18.92 -18.11
C LEU C 372 -14.64 18.72 -19.56
N VAL C 373 -13.36 18.48 -19.82
CA VAL C 373 -12.86 18.38 -21.19
C VAL C 373 -13.47 17.20 -21.94
N ALA C 374 -13.79 16.13 -21.22
CA ALA C 374 -14.55 15.01 -21.77
C ALA C 374 -15.89 15.50 -22.24
N ASP C 375 -16.56 16.27 -21.40
CA ASP C 375 -17.86 16.83 -21.76
C ASP C 375 -17.77 17.82 -22.93
N LEU C 376 -16.69 18.59 -23.02
CA LEU C 376 -16.48 19.50 -24.17
C LEU C 376 -16.16 18.77 -25.48
N PHE C 377 -15.57 17.59 -25.36
CA PHE C 377 -15.26 16.72 -26.52
C PHE C 377 -16.55 16.13 -27.10
N TYR C 378 -17.48 15.72 -26.24
CA TYR C 378 -18.73 15.05 -26.71
C TYR C 378 -19.95 15.98 -26.77
N GLU C 379 -20.17 16.82 -25.75
CA GLU C 379 -21.39 17.67 -25.72
C GLU C 379 -21.31 18.79 -26.77
N PRO C 380 -22.36 18.99 -27.59
CA PRO C 380 -22.37 20.05 -28.61
C PRO C 380 -22.49 21.48 -28.10
N LEU C 381 -21.84 22.40 -28.80
CA LEU C 381 -21.85 23.87 -28.54
C LEU C 381 -21.42 24.19 -27.11
N LYS C 382 -20.42 23.49 -26.56
CA LYS C 382 -20.00 23.81 -25.18
C LYS C 382 -18.53 24.26 -25.11
N LYS C 383 -17.72 23.88 -26.09
CA LYS C 383 -16.27 24.18 -26.01
C LYS C 383 -15.91 25.67 -26.17
N HIS C 384 -16.62 26.40 -27.05
CA HIS C 384 -16.35 27.85 -27.24
C HIS C 384 -16.39 28.68 -25.93
N ILE C 385 -17.26 28.28 -25.00
CA ILE C 385 -17.42 28.90 -23.69
C ILE C 385 -16.10 28.90 -22.92
N TYR C 386 -15.38 27.77 -22.98
CA TYR C 386 -14.22 27.54 -22.14
C TYR C 386 -12.87 27.67 -22.86
N GLU C 387 -12.83 28.33 -24.01
CA GLU C 387 -11.58 28.42 -24.80
C GLU C 387 -10.41 29.03 -24.04
N GLU C 388 -10.68 30.09 -23.28
CA GLU C 388 -9.64 30.73 -22.46
C GLU C 388 -9.25 29.88 -21.22
N ILE C 389 -10.21 29.16 -20.65
CA ILE C 389 -9.92 28.25 -19.55
C ILE C 389 -9.05 27.07 -20.02
N CYS C 390 -9.39 26.50 -21.19
CA CYS C 390 -8.67 25.35 -21.74
C CYS C 390 -7.25 25.68 -22.19
N SER C 391 -7.06 26.88 -22.71
CA SER C 391 -5.74 27.35 -23.14
C SER C 391 -4.78 27.45 -21.96
N GLN C 392 -5.28 27.99 -20.85
CA GLN C 392 -4.50 28.06 -19.62
C GLN C 392 -4.25 26.67 -19.06
N LEU C 393 -5.25 25.80 -19.16
CA LEU C 393 -5.13 24.40 -18.70
C LEU C 393 -4.06 23.63 -19.45
N ARG C 394 -3.94 23.85 -20.76
CA ARG C 394 -2.86 23.25 -21.54
C ARG C 394 -1.50 23.51 -20.92
N LEU C 395 -1.21 24.77 -20.61
CA LEU C 395 0.08 25.12 -20.00
C LEU C 395 0.26 24.51 -18.61
N VAL C 396 -0.80 24.48 -17.81
CA VAL C 396 -0.73 23.89 -16.46
C VAL C 396 -0.37 22.40 -16.51
N ILE C 397 -1.06 21.63 -17.37
CA ILE C 397 -0.83 20.19 -17.46
C ILE C 397 0.59 19.90 -17.99
N ILE C 398 1.00 20.64 -19.02
CA ILE C 398 2.32 20.47 -19.63
C ILE C 398 3.45 20.73 -18.62
N GLU C 399 3.35 21.83 -17.90
CA GLU C 399 4.36 22.20 -16.89
C GLU C 399 4.39 21.29 -15.65
N ASN C 400 3.29 20.59 -15.37
CA ASN C 400 3.22 19.65 -14.25
C ASN C 400 3.20 18.18 -14.69
N MET C 401 3.57 17.91 -15.95
CA MET C 401 3.54 16.56 -16.50
C MET C 401 4.52 15.67 -15.74
N VAL C 402 4.13 14.42 -15.62
CA VAL C 402 4.79 13.48 -14.74
C VAL C 402 5.32 12.33 -15.60
N ARG C 403 6.35 11.64 -15.13
CA ARG C 403 6.94 10.50 -15.88
C ARG C 403 5.94 9.34 -16.01
N PRO C 404 6.06 8.49 -17.03
CA PRO C 404 5.08 7.39 -17.31
C PRO C 404 5.07 6.38 -16.15
N GLU C 405 6.17 6.32 -15.39
CA GLU C 405 6.38 5.41 -14.24
C GLU C 405 5.34 5.68 -13.15
N GLU C 406 4.98 6.94 -12.91
CA GLU C 406 3.87 7.22 -11.95
C GLU C 406 2.64 7.01 -12.83
N ILE C 407 2.15 5.75 -12.85
CA ILE C 407 1.14 5.25 -13.82
C ILE C 407 -0.23 5.90 -13.71
N GLN C 408 -0.76 6.02 -12.50
CA GLN C 408 -2.13 6.57 -12.40
C GLN C 408 -2.17 8.05 -12.77
N LEU C 409 -1.21 8.82 -12.26
CA LEU C 409 -1.17 10.24 -12.50
C LEU C 409 -0.92 10.54 -13.96
N TYR C 410 0.00 9.80 -14.56
CA TYR C 410 0.33 9.99 -15.96
C TYR C 410 -0.84 9.69 -16.86
N LYS C 411 -1.57 8.62 -16.56
CA LYS C 411 -2.71 8.24 -17.36
C LYS C 411 -3.78 9.33 -17.31
N SER C 412 -4.01 9.87 -16.13
CA SER C 412 -5.01 10.93 -15.97
C SER C 412 -4.58 12.18 -16.74
N GLU C 413 -3.32 12.57 -16.60
CA GLU C 413 -2.77 13.73 -17.31
C GLU C 413 -2.80 13.56 -18.85
N ARG C 414 -2.44 12.37 -19.32
CA ARG C 414 -2.45 12.11 -20.76
C ARG C 414 -3.87 12.25 -21.32
N GLU C 415 -4.84 11.63 -20.66
CA GLU C 415 -6.22 11.68 -21.11
C GLU C 415 -6.73 13.12 -21.25
N VAL C 416 -6.52 13.93 -20.20
CA VAL C 416 -6.90 15.35 -20.21
C VAL C 416 -6.18 16.08 -21.34
N LEU C 417 -4.89 15.83 -21.51
CA LEU C 417 -4.10 16.54 -22.53
C LEU C 417 -4.47 16.12 -23.96
N VAL C 418 -4.87 14.85 -24.14
CA VAL C 418 -5.36 14.36 -25.44
C VAL C 418 -6.67 15.06 -25.81
N TYR C 419 -7.61 15.10 -24.86
CA TYR C 419 -8.85 15.84 -25.06
C TYR C 419 -8.60 17.32 -25.43
N LEU C 420 -7.69 17.97 -24.71
CA LEU C 420 -7.35 19.39 -24.94
C LEU C 420 -6.61 19.60 -26.25
N THR C 421 -5.85 18.59 -26.69
CA THR C 421 -5.20 18.63 -28.00
C THR C 421 -6.24 18.55 -29.13
N HIS C 422 -7.19 17.63 -29.02
CA HIS C 422 -8.28 17.54 -29.98
C HIS C 422 -9.11 18.81 -30.05
N LEU C 423 -9.44 19.38 -28.89
CA LEU C 423 -10.24 20.61 -28.80
C LEU C 423 -9.60 21.81 -29.52
N ASN C 424 -8.27 21.91 -29.50
CA ASN C 424 -7.53 22.94 -30.25
C ASN C 424 -6.07 22.51 -30.50
N VAL C 425 -5.87 21.78 -31.59
CA VAL C 425 -4.55 21.27 -31.96
C VAL C 425 -3.51 22.40 -32.14
N ILE C 426 -3.91 23.49 -32.75
CA ILE C 426 -3.01 24.62 -33.03
C ILE C 426 -2.45 25.23 -31.74
N ASP C 427 -3.32 25.49 -30.77
CA ASP C 427 -2.90 26.06 -29.47
C ASP C 427 -1.95 25.12 -28.73
N THR C 428 -2.26 23.83 -28.72
CA THR C 428 -1.38 22.84 -28.08
C THR C 428 0.02 22.81 -28.71
N GLU C 429 0.05 22.78 -30.04
CA GLU C 429 1.30 22.80 -30.78
C GLU C 429 2.14 24.04 -30.44
N GLU C 430 1.49 25.21 -30.41
CA GLU C 430 2.17 26.48 -30.15
C GLU C 430 2.80 26.52 -28.76
N ILE C 431 2.02 26.13 -27.74
CA ILE C 431 2.52 26.11 -26.36
C ILE C 431 3.73 25.19 -26.24
N MET C 432 3.66 24.02 -26.86
CA MET C 432 4.77 23.06 -26.83
C MET C 432 6.01 23.57 -27.58
N ILE C 433 5.83 24.15 -28.77
CA ILE C 433 6.97 24.70 -29.52
C ILE C 433 7.65 25.84 -28.76
N SER C 434 6.88 26.78 -28.22
CA SER C 434 7.46 27.88 -27.44
C SER C 434 8.09 27.42 -26.12
N LYS C 435 7.51 26.41 -25.46
CA LYS C 435 8.17 25.83 -24.28
C LYS C 435 9.54 25.26 -24.66
N LEU C 436 9.60 24.60 -25.81
CA LEU C 436 10.86 24.07 -26.34
C LEU C 436 11.86 25.20 -26.63
N ALA C 437 11.39 26.31 -27.22
CA ALA C 437 12.26 27.48 -27.47
C ALA C 437 12.86 28.08 -26.18
N ARG C 438 12.11 28.06 -25.08
CA ARG C 438 12.61 28.53 -23.78
C ARG C 438 13.55 27.53 -23.07
N GLN C 439 13.72 26.33 -23.63
CA GLN C 439 14.84 25.43 -23.27
C GLN C 439 16.10 25.77 -24.07
N ILE C 440 15.92 26.16 -25.33
CA ILE C 440 17.01 26.50 -26.24
C ILE C 440 17.69 27.84 -25.84
N ASP C 441 16.90 28.87 -25.52
CA ASP C 441 17.45 30.15 -25.04
C ASP C 441 18.00 30.11 -23.60
N GLY C 442 17.65 29.07 -22.84
CA GLY C 442 18.21 28.85 -21.50
C GLY C 442 17.49 29.51 -20.33
N SER C 443 16.34 30.14 -20.57
CA SER C 443 15.58 30.85 -19.52
C SER C 443 14.75 29.94 -18.62
N GLU C 444 14.34 28.79 -19.14
CA GLU C 444 13.65 27.74 -18.35
C GLU C 444 14.41 26.39 -18.39
N TRP C 445 15.70 26.40 -18.78
CA TRP C 445 16.50 25.18 -18.93
C TRP C 445 16.86 24.53 -17.59
N SER C 446 16.51 23.26 -17.46
CA SER C 446 17.03 22.37 -16.41
C SER C 446 16.71 20.95 -16.84
N TRP C 447 17.41 19.98 -16.24
CA TRP C 447 17.18 18.58 -16.54
C TRP C 447 15.71 18.20 -16.32
N HIS C 448 15.15 18.61 -15.18
CA HIS C 448 13.73 18.35 -14.89
C HIS C 448 12.82 18.99 -15.94
N ASN C 449 13.10 20.23 -16.31
CA ASN C 449 12.21 20.98 -17.21
C ASN C 449 12.19 20.40 -18.64
N ILE C 450 13.34 20.00 -19.16
CA ILE C 450 13.38 19.34 -20.47
C ILE C 450 12.73 17.95 -20.41
N ASN C 451 12.90 17.24 -19.30
CA ASN C 451 12.26 15.93 -19.11
C ASN C 451 10.75 16.02 -19.11
N THR C 452 10.20 16.94 -18.30
CA THR C 452 8.74 17.07 -18.19
C THR C 452 8.11 17.44 -19.54
N LEU C 453 8.76 18.32 -20.30
CA LEU C 453 8.26 18.72 -21.61
C LEU C 453 8.24 17.54 -22.59
N SER C 454 9.27 16.71 -22.50
CA SER C 454 9.38 15.51 -23.32
C SER C 454 8.24 14.53 -23.04
N TRP C 455 7.97 14.30 -21.76
CA TRP C 455 6.86 13.43 -21.34
C TRP C 455 5.51 13.97 -21.84
N ALA C 456 5.35 15.29 -21.86
CA ALA C 456 4.13 15.93 -22.36
C ALA C 456 4.00 15.83 -23.87
N ILE C 457 5.10 16.09 -24.57
CA ILE C 457 5.11 16.00 -26.04
C ILE C 457 4.85 14.57 -26.49
N GLY C 458 5.37 13.60 -25.74
CA GLY C 458 5.12 12.20 -26.04
C GLY C 458 3.68 11.75 -25.74
N SER C 459 3.04 12.38 -24.76
CA SER C 459 1.71 11.96 -24.29
C SER C 459 0.59 12.14 -25.33
N ILE C 460 0.75 13.10 -26.23
CA ILE C 460 -0.31 13.45 -27.20
C ILE C 460 -0.17 12.76 -28.58
N SER C 461 0.69 11.73 -28.64
CA SER C 461 0.85 10.91 -29.83
C SER C 461 -0.45 10.29 -30.30
N GLY C 462 -0.76 10.42 -31.59
CA GLY C 462 -1.97 9.85 -32.19
C GLY C 462 -3.21 10.73 -32.21
N THR C 463 -3.10 11.96 -31.72
CA THR C 463 -4.25 12.87 -31.65
C THR C 463 -4.31 13.83 -32.84
N MET C 464 -3.14 14.25 -33.32
CA MET C 464 -3.06 15.12 -34.50
C MET C 464 -3.32 14.30 -35.77
N SER C 465 -3.62 14.98 -36.86
CA SER C 465 -3.61 14.35 -38.18
C SER C 465 -2.18 13.89 -38.50
N GLU C 466 -2.05 12.92 -39.39
CA GLU C 466 -0.75 12.36 -39.73
C GLU C 466 0.20 13.42 -40.30
N ASP C 467 -0.34 14.28 -41.17
CA ASP C 467 0.43 15.38 -41.78
C ASP C 467 0.88 16.41 -40.76
N THR C 468 -0.04 16.81 -39.88
CA THR C 468 0.32 17.72 -38.79
C THR C 468 1.34 17.07 -37.86
N GLU C 469 1.16 15.78 -37.57
CA GLU C 469 2.08 15.06 -36.71
C GLU C 469 3.50 15.04 -37.31
N LYS C 470 3.58 14.79 -38.61
CA LYS C 470 4.85 14.76 -39.34
C LYS C 470 5.64 16.08 -39.21
N ARG C 471 4.97 17.19 -39.50
CA ARG C 471 5.56 18.53 -39.34
C ARG C 471 5.98 18.81 -37.90
N PHE C 472 5.15 18.37 -36.95
CA PHE C 472 5.36 18.63 -35.53
C PHE C 472 6.55 17.81 -34.99
N VAL C 473 6.59 16.52 -35.33
CA VAL C 473 7.66 15.65 -34.87
C VAL C 473 9.00 16.13 -35.41
N VAL C 474 9.06 16.36 -36.73
CA VAL C 474 10.28 16.84 -37.40
C VAL C 474 10.83 18.10 -36.71
N THR C 475 9.94 19.05 -36.43
CA THR C 475 10.31 20.30 -35.77
C THR C 475 10.83 20.04 -34.35
N VAL C 476 10.15 19.17 -33.59
CA VAL C 476 10.57 18.81 -32.25
C VAL C 476 11.95 18.11 -32.25
N ILE C 477 12.14 17.17 -33.19
CA ILE C 477 13.38 16.40 -33.25
C ILE C 477 14.56 17.32 -33.65
N LYS C 478 14.38 18.11 -34.71
CA LYS C 478 15.36 19.13 -35.12
C LYS C 478 15.81 20.02 -33.95
N ASP C 479 14.83 20.59 -33.25
CA ASP C 479 15.09 21.46 -32.09
C ASP C 479 15.82 20.73 -30.98
N LEU C 480 15.35 19.53 -30.66
CA LEU C 480 16.01 18.72 -29.62
C LEU C 480 17.44 18.30 -30.04
N LEU C 481 17.64 17.91 -31.30
CA LEU C 481 18.98 17.63 -31.85
C LEU C 481 19.89 18.86 -31.76
N GLY C 482 19.35 20.02 -32.12
CA GLY C 482 20.02 21.30 -31.97
C GLY C 482 20.39 21.55 -30.51
N LEU C 483 19.43 21.34 -29.61
CA LEU C 483 19.67 21.49 -28.16
C LEU C 483 20.87 20.66 -27.67
N CYS C 484 20.99 19.42 -28.16
CA CYS C 484 22.08 18.54 -27.75
C CYS C 484 23.44 19.02 -28.23
N GLU C 485 23.52 19.47 -29.49
CA GLU C 485 24.76 20.03 -30.03
C GLU C 485 25.24 21.25 -29.25
N GLN C 486 24.30 22.12 -28.89
CA GLN C 486 24.59 23.34 -28.14
C GLN C 486 25.19 23.04 -26.76
N LYS C 487 24.59 22.09 -26.06
CA LYS C 487 24.96 21.84 -24.66
C LYS C 487 26.32 21.17 -24.54
N ARG C 488 27.06 21.57 -23.50
CA ARG C 488 28.42 21.09 -23.25
C ARG C 488 28.41 20.11 -22.07
N GLY C 489 29.25 19.07 -22.17
CA GLY C 489 29.41 18.08 -21.10
C GLY C 489 28.57 16.84 -21.30
N LYS C 490 29.06 15.70 -20.78
CA LYS C 490 28.42 14.39 -21.00
C LYS C 490 27.08 14.26 -20.26
N ASP C 491 27.01 14.79 -19.05
CA ASP C 491 25.75 14.81 -18.30
C ASP C 491 24.62 15.49 -19.09
N ASN C 492 24.87 16.70 -19.58
CA ASN C 492 23.84 17.47 -20.31
C ASN C 492 23.40 16.76 -21.60
N LYS C 493 24.36 16.37 -22.43
CA LYS C 493 24.06 15.72 -23.71
C LYS C 493 23.34 14.37 -23.55
N ALA C 494 23.62 13.69 -22.44
CA ALA C 494 22.95 12.41 -22.14
C ALA C 494 21.47 12.62 -21.84
N VAL C 495 21.19 13.63 -21.03
CA VAL C 495 19.82 13.97 -20.64
C VAL C 495 18.98 14.29 -21.88
N VAL C 496 19.56 14.99 -22.86
CA VAL C 496 18.83 15.41 -24.07
C VAL C 496 18.73 14.28 -25.08
N ALA C 497 19.81 13.51 -25.24
CA ALA C 497 19.75 12.34 -26.09
C ALA C 497 18.65 11.38 -25.63
N SER C 498 18.54 11.17 -24.32
CA SER C 498 17.51 10.29 -23.74
C SER C 498 16.10 10.77 -24.07
N ASP C 499 15.88 12.08 -23.92
CA ASP C 499 14.59 12.70 -24.23
C ASP C 499 14.28 12.65 -25.72
N ILE C 500 15.30 12.87 -26.57
CA ILE C 500 15.13 12.68 -28.02
C ILE C 500 14.61 11.27 -28.28
N MET C 501 15.24 10.32 -27.61
CA MET C 501 14.94 8.94 -27.82
C MET C 501 13.57 8.59 -27.24
N TYR C 502 13.23 9.22 -26.12
CA TYR C 502 11.92 9.06 -25.52
C TYR C 502 10.78 9.49 -26.45
N VAL C 503 10.91 10.69 -27.03
CA VAL C 503 9.87 11.23 -27.89
C VAL C 503 9.69 10.33 -29.11
N VAL C 504 10.80 9.95 -29.74
CA VAL C 504 10.81 9.08 -30.92
C VAL C 504 10.01 7.79 -30.67
N GLY C 505 10.29 7.12 -29.55
CA GLY C 505 9.56 5.90 -29.15
C GLY C 505 8.06 6.08 -28.89
N GLN C 506 7.65 7.29 -28.55
CA GLN C 506 6.23 7.59 -28.38
C GLN C 506 5.46 7.85 -29.67
N TYR C 507 6.16 7.93 -30.82
CA TYR C 507 5.53 8.28 -32.11
C TYR C 507 5.72 7.19 -33.19
N PRO C 508 5.14 5.99 -32.96
CA PRO C 508 5.33 4.85 -33.86
C PRO C 508 4.68 5.03 -35.23
N ARG C 509 3.54 5.71 -35.31
CA ARG C 509 2.92 6.00 -36.60
C ARG C 509 3.90 6.74 -37.53
N PHE C 510 4.62 7.73 -36.98
CA PHE C 510 5.67 8.44 -37.71
C PHE C 510 6.84 7.51 -38.12
N LEU C 511 7.27 6.64 -37.19
CA LEU C 511 8.30 5.65 -37.48
C LEU C 511 7.88 4.68 -38.59
N LYS C 512 6.62 4.24 -38.55
CA LYS C 512 6.06 3.32 -39.53
C LYS C 512 6.04 3.87 -40.94
N ALA C 513 5.73 5.16 -41.09
CA ALA C 513 5.68 5.80 -42.41
C ALA C 513 7.03 6.19 -42.98
N HIS C 514 8.09 6.22 -42.17
CA HIS C 514 9.42 6.71 -42.58
C HIS C 514 10.53 5.71 -42.26
N TRP C 515 10.70 4.72 -43.13
CA TRP C 515 11.65 3.64 -42.89
C TRP C 515 13.09 4.14 -42.70
N ASN C 516 13.53 5.03 -43.57
CA ASN C 516 14.90 5.54 -43.50
C ASN C 516 15.21 6.10 -42.10
N PHE C 517 14.28 6.87 -41.55
CA PHE C 517 14.41 7.41 -40.20
C PHE C 517 14.38 6.31 -39.13
N LEU C 518 13.46 5.35 -39.25
CA LEU C 518 13.40 4.25 -38.27
C LEU C 518 14.76 3.56 -38.16
N ARG C 519 15.34 3.23 -39.31
CA ARG C 519 16.64 2.57 -39.39
C ARG C 519 17.75 3.37 -38.69
N THR C 520 17.78 4.67 -38.94
CA THR C 520 18.78 5.55 -38.35
C THR C 520 18.68 5.59 -36.82
N VAL C 521 17.44 5.66 -36.33
CA VAL C 521 17.15 5.62 -34.89
C VAL C 521 17.71 4.34 -34.25
N ILE C 522 17.38 3.21 -34.86
CA ILE C 522 17.76 1.90 -34.30
C ILE C 522 19.28 1.75 -34.31
N LEU C 523 19.92 2.16 -35.41
CA LEU C 523 21.39 2.15 -35.48
C LEU C 523 22.01 3.08 -34.44
N LYS C 524 21.35 4.18 -34.16
CA LYS C 524 21.80 5.07 -33.10
C LYS C 524 21.70 4.42 -31.72
N LEU C 525 20.62 3.69 -31.48
CA LEU C 525 20.44 2.95 -30.22
C LEU C 525 21.54 1.90 -30.03
N PHE C 526 21.93 1.24 -31.13
CA PHE C 526 23.05 0.31 -31.10
C PHE C 526 24.37 1.01 -30.69
N GLU C 527 24.63 2.20 -31.23
CA GLU C 527 25.79 3.01 -30.78
C GLU C 527 25.72 3.33 -29.29
N PHE C 528 24.52 3.65 -28.81
CA PHE C 528 24.29 3.91 -27.38
C PHE C 528 24.40 2.68 -26.47
N MET C 529 24.21 1.48 -27.03
CA MET C 529 24.48 0.23 -26.30
C MET C 529 25.98 0.02 -25.95
N HIS C 530 26.86 0.84 -26.52
CA HIS C 530 28.27 0.88 -26.15
C HIS C 530 28.67 1.97 -25.14
N GLU C 531 27.79 2.91 -24.84
CA GLU C 531 28.11 4.01 -23.92
C GLU C 531 28.10 3.56 -22.47
N THR C 532 29.22 3.78 -21.77
CA THR C 532 29.36 3.41 -20.36
C THR C 532 28.66 4.37 -19.38
N HIS C 533 28.30 5.57 -19.83
CA HIS C 533 27.70 6.59 -18.95
C HIS C 533 26.39 6.08 -18.33
N GLU C 534 26.22 6.32 -17.02
CA GLU C 534 25.12 5.72 -16.24
C GLU C 534 23.73 5.95 -16.87
N GLY C 535 22.93 4.88 -16.95
CA GLY C 535 21.56 4.95 -17.43
C GLY C 535 21.37 4.90 -18.94
N VAL C 536 22.45 5.11 -19.71
CA VAL C 536 22.35 5.22 -21.17
C VAL C 536 22.06 3.87 -21.83
N GLN C 537 22.73 2.81 -21.36
CA GLN C 537 22.54 1.48 -21.92
C GLN C 537 21.12 0.94 -21.67
N ASP C 538 20.63 1.09 -20.44
CA ASP C 538 19.22 0.79 -20.11
C ASP C 538 18.24 1.57 -20.99
N MET C 539 18.48 2.88 -21.17
CA MET C 539 17.65 3.73 -22.03
C MET C 539 17.62 3.17 -23.46
N ALA C 540 18.79 2.82 -23.99
CA ALA C 540 18.89 2.30 -25.35
C ALA C 540 18.15 0.96 -25.52
N CYS C 541 18.32 0.05 -24.56
CA CYS C 541 17.61 -1.23 -24.59
C CYS C 541 16.10 -1.10 -24.43
N ASP C 542 15.67 -0.30 -23.46
CA ASP C 542 14.23 -0.05 -23.24
C ASP C 542 13.55 0.61 -24.44
N THR C 543 14.22 1.59 -25.04
CA THR C 543 13.70 2.24 -26.23
C THR C 543 13.62 1.25 -27.38
N PHE C 544 14.63 0.38 -27.50
CA PHE C 544 14.68 -0.57 -28.60
C PHE C 544 13.47 -1.51 -28.56
N ILE C 545 13.25 -2.15 -27.41
CA ILE C 545 12.12 -3.08 -27.28
C ILE C 545 10.76 -2.37 -27.41
N LYS C 546 10.67 -1.14 -26.89
CA LYS C 546 9.49 -0.30 -27.02
C LYS C 546 9.12 0.00 -28.48
N ILE C 547 10.09 0.41 -29.28
CA ILE C 547 9.88 0.62 -30.71
C ILE C 547 9.45 -0.66 -31.42
N VAL C 548 10.10 -1.77 -31.06
CA VAL C 548 9.85 -3.05 -31.70
C VAL C 548 8.44 -3.57 -31.46
N GLN C 549 7.98 -3.54 -30.20
CA GLN C 549 6.58 -3.87 -29.84
C GLN C 549 5.53 -3.22 -30.76
N LYS C 550 5.79 -1.98 -31.17
CA LYS C 550 4.87 -1.19 -31.99
C LYS C 550 5.15 -1.25 -33.51
N CYS C 551 6.41 -1.38 -33.91
CA CYS C 551 6.78 -1.31 -35.34
C CYS C 551 7.30 -2.62 -35.92
N LYS C 552 7.18 -3.72 -35.16
CA LYS C 552 7.69 -5.07 -35.54
C LYS C 552 7.56 -5.48 -37.01
N TYR C 553 6.38 -5.24 -37.61
CA TYR C 553 6.14 -5.58 -39.01
C TYR C 553 7.17 -4.93 -39.96
N HIS C 554 7.63 -3.72 -39.64
CA HIS C 554 8.66 -3.06 -40.46
C HIS C 554 10.09 -3.61 -40.31
N PHE C 555 10.32 -4.44 -39.30
CA PHE C 555 11.56 -5.22 -39.16
C PHE C 555 11.53 -6.58 -39.87
N VAL C 556 10.35 -7.15 -40.07
CA VAL C 556 10.20 -8.52 -40.58
C VAL C 556 10.10 -8.62 -42.12
N ILE C 557 9.45 -7.63 -42.76
CA ILE C 557 9.38 -7.55 -44.24
C ILE C 557 10.63 -6.95 -44.85
N GLN C 558 10.79 -7.18 -46.15
CA GLN C 558 11.83 -6.52 -46.93
C GLN C 558 11.32 -5.15 -47.38
N GLN C 559 11.99 -4.10 -46.90
CA GLN C 559 11.69 -2.73 -47.28
C GLN C 559 12.31 -2.45 -48.65
N PRO C 560 11.69 -1.55 -49.45
CA PRO C 560 12.34 -1.16 -50.71
C PRO C 560 13.70 -0.47 -50.47
N ARG C 561 14.66 -0.71 -51.38
CA ARG C 561 16.06 -0.21 -51.29
C ARG C 561 16.89 -0.83 -50.14
N GLU C 562 16.47 -2.01 -49.68
CA GLU C 562 17.25 -2.82 -48.74
C GLU C 562 17.37 -4.21 -49.36
N SER C 563 18.52 -4.85 -49.19
CA SER C 563 18.74 -6.21 -49.72
C SER C 563 17.91 -7.28 -48.97
N GLU C 564 17.67 -7.07 -47.67
CA GLU C 564 17.00 -8.06 -46.82
C GLU C 564 16.14 -7.42 -45.71
N PRO C 565 15.22 -8.21 -45.11
CA PRO C 565 14.54 -7.72 -43.92
C PRO C 565 15.52 -7.38 -42.79
N PHE C 566 15.29 -6.26 -42.11
CA PHE C 566 16.24 -5.71 -41.14
C PHE C 566 16.47 -6.65 -39.94
N ILE C 567 15.53 -7.54 -39.65
CA ILE C 567 15.73 -8.56 -38.58
C ILE C 567 16.98 -9.40 -38.84
N GLN C 568 17.21 -9.76 -40.11
CA GLN C 568 18.43 -10.48 -40.50
C GLN C 568 19.67 -9.64 -40.22
N THR C 569 19.63 -8.36 -40.55
CA THR C 569 20.75 -7.46 -40.30
C THR C 569 21.08 -7.28 -38.80
N ILE C 570 20.06 -7.26 -37.94
CA ILE C 570 20.24 -7.18 -36.47
C ILE C 570 20.93 -8.46 -35.96
N ILE C 571 20.46 -9.61 -36.43
CA ILE C 571 21.00 -10.91 -36.00
C ILE C 571 22.49 -11.11 -36.40
N ARG C 572 22.92 -10.51 -37.51
CA ARG C 572 24.31 -10.61 -37.97
C ARG C 572 25.31 -9.94 -37.04
N ASP C 573 25.03 -8.70 -36.64
CA ASP C 573 25.96 -7.95 -35.78
C ASP C 573 25.65 -8.08 -34.29
N ILE C 574 24.84 -9.08 -33.93
CA ILE C 574 24.33 -9.21 -32.56
C ILE C 574 25.40 -9.33 -31.48
N GLN C 575 26.52 -9.98 -31.79
CA GLN C 575 27.63 -10.11 -30.84
C GLN C 575 28.28 -8.74 -30.60
N LYS C 576 28.62 -8.09 -31.70
CA LYS C 576 29.23 -6.75 -31.68
C LYS C 576 28.27 -5.75 -31.06
N THR C 577 26.99 -5.87 -31.36
CA THR C 577 25.97 -4.97 -30.83
C THR C 577 25.78 -5.05 -29.31
N THR C 578 25.76 -6.27 -28.77
CA THR C 578 25.50 -6.47 -27.34
C THR C 578 26.75 -6.66 -26.46
N ALA C 579 27.95 -6.56 -27.05
CA ALA C 579 29.21 -6.90 -26.37
C ALA C 579 29.45 -6.19 -25.04
N ASP C 580 29.06 -4.92 -24.94
CA ASP C 580 29.26 -4.10 -23.72
C ASP C 580 28.07 -4.06 -22.77
N LEU C 581 26.99 -4.77 -23.10
CA LEU C 581 25.81 -4.83 -22.25
C LEU C 581 25.99 -5.79 -21.07
N GLN C 582 25.30 -5.50 -19.98
CA GLN C 582 25.19 -6.43 -18.85
C GLN C 582 24.22 -7.55 -19.24
N PRO C 583 24.23 -8.68 -18.50
CA PRO C 583 23.46 -9.85 -18.98
C PRO C 583 21.95 -9.62 -19.21
N GLN C 584 21.27 -8.96 -18.27
CA GLN C 584 19.82 -8.74 -18.45
C GLN C 584 19.48 -7.72 -19.53
N GLN C 585 20.42 -6.84 -19.85
CA GLN C 585 20.30 -5.97 -21.03
C GLN C 585 20.37 -6.80 -22.33
N VAL C 586 21.26 -7.79 -22.35
CA VAL C 586 21.34 -8.72 -23.47
C VAL C 586 20.00 -9.47 -23.60
N HIS C 587 19.43 -9.90 -22.47
CA HIS C 587 18.18 -10.69 -22.48
C HIS C 587 16.99 -9.90 -23.05
N THR C 588 16.87 -8.64 -22.65
CA THR C 588 15.88 -7.73 -23.27
C THR C 588 16.08 -7.62 -24.80
N PHE C 589 17.35 -7.49 -25.23
CA PHE C 589 17.68 -7.43 -26.66
C PHE C 589 17.18 -8.66 -27.41
N TYR C 590 17.48 -9.83 -26.86
CA TYR C 590 17.03 -11.10 -27.46
C TYR C 590 15.51 -11.22 -27.46
N LYS C 591 14.85 -10.81 -26.36
CA LYS C 591 13.40 -10.78 -26.28
C LYS C 591 12.80 -9.91 -27.37
N ALA C 592 13.39 -8.73 -27.57
CA ALA C 592 12.96 -7.85 -28.65
C ALA C 592 13.06 -8.53 -30.02
N CYS C 593 14.16 -9.24 -30.27
CA CYS C 593 14.30 -9.98 -31.53
C CYS C 593 13.20 -11.06 -31.66
N GLY C 594 12.85 -11.70 -30.55
CA GLY C 594 11.76 -12.67 -30.51
C GLY C 594 10.39 -12.11 -30.91
N ILE C 595 10.12 -10.85 -30.55
CA ILE C 595 8.86 -10.21 -30.94
C ILE C 595 8.79 -10.12 -32.46
N ILE C 596 9.88 -9.66 -33.07
CA ILE C 596 9.98 -9.47 -34.51
C ILE C 596 9.80 -10.79 -35.23
N ILE C 597 10.51 -11.82 -34.75
CA ILE C 597 10.50 -13.13 -35.41
C ILE C 597 9.12 -13.79 -35.35
N SER C 598 8.35 -13.50 -34.31
CA SER C 598 6.97 -14.03 -34.22
C SER C 598 6.02 -13.46 -35.27
N GLU C 599 6.35 -12.30 -35.83
CA GLU C 599 5.59 -11.75 -36.96
C GLU C 599 5.75 -12.52 -38.28
N GLU C 600 6.90 -13.14 -38.49
CA GLU C 600 7.11 -13.92 -39.71
C GLU C 600 6.22 -15.16 -39.65
N ARG C 601 5.30 -15.27 -40.61
CA ARG C 601 4.30 -16.36 -40.63
C ARG C 601 4.65 -17.55 -41.54
N SER C 602 5.72 -17.42 -42.34
CA SER C 602 6.30 -18.59 -43.01
C SER C 602 7.06 -19.41 -41.95
N VAL C 603 6.66 -20.67 -41.78
CA VAL C 603 7.21 -21.53 -40.72
C VAL C 603 8.73 -21.72 -40.89
N ALA C 604 9.15 -22.04 -42.12
CA ALA C 604 10.56 -22.33 -42.41
C ALA C 604 11.47 -21.13 -42.16
N GLU C 605 10.97 -19.94 -42.45
CA GLU C 605 11.73 -18.72 -42.27
C GLU C 605 11.78 -18.32 -40.78
N ARG C 606 10.65 -18.42 -40.08
CA ARG C 606 10.60 -18.15 -38.65
C ARG C 606 11.59 -19.04 -37.92
N ASN C 607 11.51 -20.34 -38.20
CA ASN C 607 12.42 -21.32 -37.61
C ASN C 607 13.88 -21.05 -37.97
N ARG C 608 14.15 -20.60 -39.18
CA ARG C 608 15.52 -20.24 -39.56
C ARG C 608 16.00 -19.04 -38.75
N LEU C 609 15.18 -17.99 -38.68
CA LEU C 609 15.51 -16.81 -37.87
C LEU C 609 15.70 -17.17 -36.38
N LEU C 610 14.86 -18.07 -35.89
CA LEU C 610 14.95 -18.51 -34.49
C LEU C 610 16.32 -19.13 -34.21
N SER C 611 16.74 -20.09 -35.02
CA SER C 611 18.05 -20.73 -34.82
C SER C 611 19.23 -19.77 -35.06
N ASP C 612 19.11 -18.86 -36.03
CA ASP C 612 20.14 -17.83 -36.24
C ASP C 612 20.29 -16.92 -35.01
N LEU C 613 19.15 -16.46 -34.47
CA LEU C 613 19.13 -15.63 -33.28
C LEU C 613 19.76 -16.34 -32.10
N MET C 614 19.48 -17.64 -31.97
CA MET C 614 19.98 -18.47 -30.86
C MET C 614 21.38 -19.07 -31.07
N GLN C 615 22.10 -18.63 -32.10
CA GLN C 615 23.41 -19.20 -32.47
C GLN C 615 24.42 -19.13 -31.32
N LEU C 616 24.66 -17.92 -30.80
CA LEU C 616 25.61 -17.72 -29.68
C LEU C 616 25.27 -18.57 -28.44
N PRO C 617 24.05 -18.47 -27.88
CA PRO C 617 23.75 -19.31 -26.72
C PRO C 617 23.65 -20.82 -27.02
N ASN C 618 23.31 -21.22 -28.24
CA ASN C 618 23.38 -22.64 -28.62
C ASN C 618 24.82 -23.17 -28.77
N MET C 619 25.78 -22.32 -29.15
CA MET C 619 27.19 -22.75 -29.23
C MET C 619 27.83 -22.83 -27.84
N ALA C 620 27.57 -21.83 -27.00
CA ALA C 620 28.02 -21.85 -25.61
C ALA C 620 27.41 -23.02 -24.84
N TRP C 621 26.13 -23.29 -25.10
CA TRP C 621 25.39 -24.43 -24.50
C TRP C 621 26.03 -25.76 -24.83
N ASP C 622 26.28 -26.00 -26.12
CA ASP C 622 26.84 -27.28 -26.59
C ASP C 622 28.24 -27.55 -26.00
N THR C 623 29.09 -26.52 -25.94
CA THR C 623 30.43 -26.65 -25.35
C THR C 623 30.44 -26.78 -23.81
N ILE C 624 29.30 -26.53 -23.16
CA ILE C 624 29.15 -26.77 -21.73
C ILE C 624 28.51 -28.12 -21.43
N VAL C 625 27.55 -28.54 -22.26
CA VAL C 625 26.99 -29.89 -22.14
C VAL C 625 28.11 -30.91 -22.31
N GLU C 626 28.85 -30.81 -23.42
CA GLU C 626 29.96 -31.72 -23.72
C GLU C 626 31.06 -31.69 -22.66
N GLN C 627 31.38 -30.50 -22.15
CA GLN C 627 32.33 -30.39 -21.04
C GLN C 627 31.78 -31.04 -19.76
N SER C 628 30.72 -30.46 -19.20
CA SER C 628 30.24 -30.82 -17.85
C SER C 628 29.57 -32.19 -17.70
N THR C 629 29.14 -32.82 -18.79
CA THR C 629 28.62 -34.21 -18.73
C THR C 629 29.78 -35.22 -18.72
N ALA C 630 30.86 -34.91 -19.44
CA ALA C 630 32.10 -35.70 -19.39
C ALA C 630 32.80 -35.63 -18.02
N ASN C 631 32.63 -34.52 -17.29
CA ASN C 631 33.13 -34.40 -15.91
C ASN C 631 32.31 -33.39 -15.08
N PRO C 632 31.40 -33.89 -14.21
CA PRO C 632 30.64 -33.05 -13.26
C PRO C 632 31.43 -32.10 -12.32
N THR C 633 32.75 -32.28 -12.23
CA THR C 633 33.65 -31.35 -11.52
C THR C 633 33.48 -29.87 -11.93
N LEU C 634 33.26 -29.62 -13.23
CA LEU C 634 33.18 -28.24 -13.77
C LEU C 634 32.03 -27.36 -13.25
N LEU C 635 30.95 -27.98 -12.76
CA LEU C 635 29.79 -27.23 -12.24
C LEU C 635 30.02 -26.51 -10.90
N LEU C 636 31.09 -26.83 -10.17
CA LEU C 636 31.44 -26.06 -8.96
C LEU C 636 32.10 -24.72 -9.32
N ASP C 637 32.66 -24.62 -10.53
CA ASP C 637 33.23 -23.37 -11.05
C ASP C 637 32.12 -22.34 -11.24
N SER C 638 32.04 -21.38 -10.31
CA SER C 638 30.97 -20.37 -10.30
C SER C 638 30.82 -19.62 -11.63
N GLU C 639 31.94 -19.41 -12.34
CA GLU C 639 31.93 -18.76 -13.65
C GLU C 639 31.15 -19.58 -14.71
N THR C 640 31.26 -20.90 -14.64
CA THR C 640 30.50 -21.78 -15.53
C THR C 640 29.01 -21.80 -15.15
N VAL C 641 28.70 -21.68 -13.86
CA VAL C 641 27.30 -21.60 -13.38
C VAL C 641 26.59 -20.32 -13.88
N LYS C 642 27.31 -19.19 -13.87
CA LYS C 642 26.81 -17.92 -14.39
C LYS C 642 26.49 -18.01 -15.89
N ILE C 643 27.42 -18.57 -16.64
CA ILE C 643 27.25 -18.76 -18.08
C ILE C 643 26.00 -19.61 -18.39
N ILE C 644 25.80 -20.69 -17.63
CA ILE C 644 24.66 -21.59 -17.84
C ILE C 644 23.33 -20.91 -17.52
N ALA C 645 23.27 -20.23 -16.37
CA ALA C 645 22.07 -19.47 -16.00
C ALA C 645 21.70 -18.45 -17.07
N ASN C 646 22.70 -17.73 -17.56
CA ASN C 646 22.49 -16.74 -18.62
C ASN C 646 22.05 -17.32 -19.97
N ILE C 647 22.45 -18.55 -20.29
CA ILE C 647 21.93 -19.22 -21.47
C ILE C 647 20.45 -19.54 -21.27
N ILE C 648 20.10 -20.08 -20.11
CA ILE C 648 18.70 -20.44 -19.84
C ILE C 648 17.83 -19.17 -19.82
N LYS C 649 18.34 -18.11 -19.17
CA LYS C 649 17.66 -16.81 -19.15
C LYS C 649 17.44 -16.21 -20.54
N THR C 650 18.43 -16.32 -21.42
CA THR C 650 18.28 -15.87 -22.81
C THR C 650 17.20 -16.69 -23.51
N ASN C 651 17.12 -17.99 -23.23
CA ASN C 651 16.02 -18.84 -23.72
C ASN C 651 14.65 -18.43 -23.15
N VAL C 652 14.59 -18.12 -21.84
CA VAL C 652 13.34 -17.67 -21.22
C VAL C 652 12.85 -16.40 -21.89
N ALA C 653 13.75 -15.45 -22.07
CA ALA C 653 13.42 -14.14 -22.66
C ALA C 653 12.86 -14.24 -24.08
N VAL C 654 13.45 -15.10 -24.92
CA VAL C 654 12.95 -15.34 -26.28
C VAL C 654 11.64 -16.13 -26.26
N CYS C 655 11.55 -17.14 -25.38
CA CYS C 655 10.31 -17.89 -25.18
C CYS C 655 9.16 -17.01 -24.70
N THR C 656 9.47 -15.98 -23.92
CA THR C 656 8.44 -15.06 -23.40
C THR C 656 7.75 -14.30 -24.54
N SER C 657 8.52 -13.82 -25.52
CA SER C 657 7.94 -13.12 -26.67
C SER C 657 7.44 -14.03 -27.82
N MET C 658 7.93 -15.26 -27.91
CA MET C 658 7.56 -16.16 -29.03
C MET C 658 6.49 -17.22 -28.71
N GLY C 659 6.35 -17.58 -27.43
CA GLY C 659 5.34 -18.55 -26.97
C GLY C 659 5.35 -19.88 -27.70
N ALA C 660 4.25 -20.18 -28.38
CA ALA C 660 4.12 -21.43 -29.14
C ALA C 660 5.19 -21.58 -30.22
N ASP C 661 5.62 -20.46 -30.80
CA ASP C 661 6.66 -20.47 -31.84
C ASP C 661 8.05 -20.86 -31.33
N PHE C 662 8.24 -20.90 -30.01
CA PHE C 662 9.52 -21.24 -29.41
C PHE C 662 9.85 -22.74 -29.44
N TYR C 663 8.86 -23.59 -29.71
CA TYR C 663 8.98 -25.05 -29.62
C TYR C 663 10.24 -25.68 -30.26
N PRO C 664 10.55 -25.34 -31.53
CA PRO C 664 11.76 -25.96 -32.10
C PRO C 664 13.02 -25.69 -31.28
N GLN C 665 13.21 -24.45 -30.80
CA GLN C 665 14.38 -24.09 -29.99
C GLN C 665 14.40 -24.86 -28.68
N LEU C 666 13.24 -24.98 -28.03
CA LEU C 666 13.13 -25.81 -26.82
C LEU C 666 13.61 -27.23 -27.08
N GLY C 667 13.24 -27.78 -28.25
CA GLY C 667 13.65 -29.12 -28.68
C GLY C 667 15.16 -29.34 -28.81
N HIS C 668 15.86 -28.35 -29.33
CA HIS C 668 17.34 -28.40 -29.44
C HIS C 668 18.00 -28.66 -28.07
N ILE C 669 17.47 -28.04 -27.00
CA ILE C 669 18.10 -28.14 -25.66
C ILE C 669 17.38 -29.04 -24.65
N TYR C 670 16.16 -29.50 -24.96
CA TYR C 670 15.27 -30.06 -23.92
C TYR C 670 15.86 -31.20 -23.10
N TYR C 671 16.35 -32.25 -23.78
CA TYR C 671 16.82 -33.46 -23.07
C TYR C 671 18.09 -33.21 -22.28
N ASN C 672 19.06 -32.51 -22.87
CA ASN C 672 20.28 -32.12 -22.16
C ASN C 672 20.02 -31.16 -21.00
N MET C 673 19.02 -30.29 -21.17
CA MET C 673 18.64 -29.37 -20.10
C MET C 673 18.09 -30.11 -18.89
N LEU C 674 17.26 -31.14 -19.12
CA LEU C 674 16.74 -31.94 -18.02
C LEU C 674 17.82 -32.79 -17.37
N GLN C 675 18.78 -33.28 -18.16
CA GLN C 675 19.98 -33.94 -17.62
C GLN C 675 20.80 -32.99 -16.76
N LEU C 676 21.00 -31.77 -17.24
CA LEU C 676 21.65 -30.72 -16.45
C LEU C 676 20.91 -30.47 -15.14
N TYR C 677 19.58 -30.40 -15.20
CA TYR C 677 18.73 -30.28 -13.98
C TYR C 677 19.05 -31.34 -12.91
N ARG C 678 19.29 -32.59 -13.35
CA ARG C 678 19.65 -33.69 -12.45
C ARG C 678 21.07 -33.60 -11.91
N ALA C 679 22.03 -33.30 -12.78
CA ALA C 679 23.42 -33.11 -12.39
C ALA C 679 23.56 -31.98 -11.37
N VAL C 680 22.88 -30.87 -11.65
CA VAL C 680 22.78 -29.74 -10.73
C VAL C 680 22.09 -30.16 -9.41
N SER C 681 21.01 -30.91 -9.49
CA SER C 681 20.31 -31.41 -8.30
C SER C 681 21.21 -32.22 -7.39
N SER C 682 22.08 -33.04 -7.99
CA SER C 682 23.04 -33.86 -7.24
C SER C 682 24.03 -32.99 -6.47
N MET C 683 24.66 -32.06 -7.19
CA MET C 683 25.55 -31.06 -6.61
C MET C 683 24.97 -30.43 -5.35
N ILE C 684 23.70 -30.05 -5.42
CA ILE C 684 23.01 -29.35 -4.33
C ILE C 684 22.86 -30.24 -3.10
N SER C 685 22.30 -31.44 -3.28
CA SER C 685 22.20 -32.42 -2.18
C SER C 685 23.55 -32.81 -1.60
N ALA C 686 24.60 -32.82 -2.44
CA ALA C 686 25.96 -33.13 -2.02
C ALA C 686 26.54 -32.06 -1.09
N GLN C 687 26.37 -30.79 -1.46
CA GLN C 687 26.86 -29.67 -0.65
C GLN C 687 26.09 -29.53 0.69
N VAL C 688 24.81 -29.91 0.69
CA VAL C 688 23.98 -29.90 1.92
C VAL C 688 24.44 -30.95 2.93
N ALA C 689 24.73 -32.15 2.44
CA ALA C 689 25.29 -33.23 3.28
C ALA C 689 26.68 -32.87 3.82
N ALA C 690 27.57 -32.43 2.92
CA ALA C 690 28.96 -32.08 3.27
C ALA C 690 29.12 -30.85 4.15
N GLU C 691 28.34 -29.80 3.90
CA GLU C 691 28.52 -28.51 4.55
C GLU C 691 27.40 -28.12 5.51
N GLY C 692 26.22 -28.75 5.41
CA GLY C 692 25.06 -28.45 6.25
C GLY C 692 23.96 -27.60 5.59
N LEU C 693 22.89 -27.33 6.35
CA LEU C 693 21.79 -26.46 5.87
C LEU C 693 22.24 -25.06 5.45
N ILE C 694 23.28 -24.54 6.12
CA ILE C 694 23.90 -23.27 5.75
C ILE C 694 24.35 -23.21 4.28
N ALA C 695 24.68 -24.36 3.69
CA ALA C 695 25.07 -24.45 2.28
C ALA C 695 24.06 -23.85 1.31
N THR C 696 22.77 -23.95 1.63
CA THR C 696 21.73 -23.32 0.80
C THR C 696 21.83 -21.78 0.72
N LYS C 697 22.56 -21.17 1.66
CA LYS C 697 22.83 -19.71 1.64
C LYS C 697 24.07 -19.33 0.86
N THR C 698 24.96 -20.29 0.56
CA THR C 698 26.24 -20.02 -0.09
C THR C 698 26.05 -19.59 -1.55
N PRO C 699 26.96 -18.73 -2.08
CA PRO C 699 26.89 -18.33 -3.49
C PRO C 699 26.85 -19.48 -4.49
N LYS C 700 27.60 -20.55 -4.21
CA LYS C 700 27.68 -21.69 -5.14
C LYS C 700 26.38 -22.47 -5.25
N VAL C 701 25.72 -22.73 -4.12
CA VAL C 701 24.42 -23.44 -4.11
C VAL C 701 23.30 -22.57 -4.67
N ARG C 702 23.23 -21.29 -4.28
CA ARG C 702 22.26 -20.35 -4.87
C ARG C 702 22.43 -20.27 -6.40
N GLY C 703 23.68 -20.25 -6.86
CA GLY C 703 23.96 -20.26 -8.30
C GLY C 703 23.39 -21.48 -9.02
N LEU C 704 23.56 -22.64 -8.39
CA LEU C 704 23.02 -23.90 -8.90
C LEU C 704 21.50 -23.91 -8.87
N ARG C 705 20.92 -23.42 -7.78
CA ARG C 705 19.47 -23.34 -7.66
C ARG C 705 18.86 -22.38 -8.69
N THR C 706 19.57 -21.28 -8.97
CA THR C 706 19.17 -20.39 -10.07
C THR C 706 19.06 -21.17 -11.39
N ILE C 707 20.02 -22.07 -11.66
CA ILE C 707 19.91 -22.90 -12.86
C ILE C 707 18.60 -23.68 -12.84
N LYS C 708 18.32 -24.38 -11.73
CA LYS C 708 17.08 -25.16 -11.61
C LYS C 708 15.83 -24.33 -11.82
N LYS C 709 15.78 -23.16 -11.18
CA LYS C 709 14.60 -22.28 -11.25
C LYS C 709 14.35 -21.69 -12.64
N GLU C 710 15.41 -21.26 -13.32
CA GLU C 710 15.31 -20.77 -14.70
C GLU C 710 14.89 -21.86 -15.70
N ILE C 711 15.36 -23.08 -15.48
CA ILE C 711 14.88 -24.23 -16.26
C ILE C 711 13.39 -24.46 -16.07
N LEU C 712 12.94 -24.47 -14.81
CA LEU C 712 11.52 -24.60 -14.50
C LEU C 712 10.72 -23.43 -15.05
N LYS C 713 11.29 -22.23 -14.96
CA LYS C 713 10.66 -21.05 -15.51
C LYS C 713 10.54 -21.12 -17.05
N LEU C 714 11.56 -21.63 -17.74
CA LEU C 714 11.50 -21.78 -19.20
C LEU C 714 10.38 -22.72 -19.63
N VAL C 715 10.27 -23.85 -18.93
CA VAL C 715 9.28 -24.88 -19.25
C VAL C 715 7.85 -24.40 -18.98
N GLU C 716 7.65 -23.77 -17.83
CA GLU C 716 6.37 -23.17 -17.48
C GLU C 716 5.93 -22.15 -18.53
N THR C 717 6.85 -21.27 -18.91
CA THR C 717 6.58 -20.22 -19.89
C THR C 717 6.13 -20.81 -21.23
N TYR C 718 6.86 -21.82 -21.73
CA TYR C 718 6.48 -22.42 -23.00
C TYR C 718 5.11 -23.08 -22.87
N ILE C 719 4.97 -23.94 -21.86
CA ILE C 719 3.74 -24.72 -21.69
C ILE C 719 2.50 -23.82 -21.51
N SER C 720 2.66 -22.68 -20.83
CA SER C 720 1.57 -21.75 -20.59
C SER C 720 1.00 -21.14 -21.88
N LYS C 721 1.82 -21.00 -22.90
CA LYS C 721 1.42 -20.40 -24.17
C LYS C 721 1.39 -21.41 -25.30
N ALA C 722 1.44 -22.71 -24.99
CA ALA C 722 1.62 -23.74 -26.03
C ALA C 722 0.32 -24.00 -26.78
N ARG C 723 0.40 -24.07 -28.10
CA ARG C 723 -0.77 -24.35 -28.95
C ARG C 723 -0.94 -25.86 -29.20
N ASN C 724 0.16 -26.58 -29.38
CA ASN C 724 0.10 -28.01 -29.64
C ASN C 724 0.27 -28.80 -28.35
N LEU C 725 -0.87 -29.14 -27.76
CA LEU C 725 -0.91 -29.83 -26.48
C LEU C 725 -0.54 -31.32 -26.57
N ASP C 726 -0.71 -31.92 -27.75
CA ASP C 726 -0.35 -33.33 -27.95
C ASP C 726 1.17 -33.53 -27.79
N ASP C 727 1.95 -32.64 -28.39
CA ASP C 727 3.40 -32.61 -28.20
C ASP C 727 3.80 -32.34 -26.76
N VAL C 728 3.09 -31.44 -26.07
CA VAL C 728 3.36 -31.16 -24.66
C VAL C 728 3.28 -32.47 -23.87
N VAL C 729 2.18 -33.20 -24.03
CA VAL C 729 1.97 -34.45 -23.31
C VAL C 729 2.99 -35.52 -23.74
N LYS C 730 3.11 -35.78 -25.05
CA LYS C 730 3.92 -36.92 -25.52
C LYS C 730 5.43 -36.72 -25.43
N VAL C 731 5.91 -35.48 -25.54
CA VAL C 731 7.34 -35.18 -25.59
C VAL C 731 7.86 -34.57 -24.29
N LEU C 732 7.22 -33.49 -23.83
CA LEU C 732 7.74 -32.68 -22.70
C LEU C 732 7.45 -33.24 -21.30
N VAL C 733 6.21 -33.66 -21.07
CA VAL C 733 5.72 -33.93 -19.70
C VAL C 733 6.44 -35.07 -18.99
N GLU C 734 6.51 -36.25 -19.58
CA GLU C 734 7.11 -37.40 -18.86
C GLU C 734 8.57 -37.15 -18.43
N PRO C 735 9.44 -36.72 -19.35
CA PRO C 735 10.79 -36.33 -18.94
C PRO C 735 10.85 -35.25 -17.84
N LEU C 736 9.92 -34.29 -17.86
CA LEU C 736 9.84 -33.26 -16.82
C LEU C 736 9.51 -33.84 -15.45
N LEU C 737 8.49 -34.70 -15.39
CA LEU C 737 8.05 -35.28 -14.12
C LEU C 737 9.13 -36.18 -13.54
N ASN C 738 9.79 -36.95 -14.40
CA ASN C 738 10.90 -37.80 -13.97
C ASN C 738 12.07 -36.96 -13.47
N ALA C 739 12.36 -35.86 -14.14
CA ALA C 739 13.45 -34.97 -13.74
C ALA C 739 13.23 -34.27 -12.39
N VAL C 740 12.00 -33.82 -12.12
CA VAL C 740 11.73 -32.85 -11.01
C VAL C 740 11.03 -33.38 -9.76
N LEU C 741 10.11 -34.34 -9.91
CA LEU C 741 9.23 -34.71 -8.80
C LEU C 741 9.96 -35.41 -7.67
N GLU C 742 10.76 -36.41 -8.03
CA GLU C 742 11.46 -37.22 -7.04
C GLU C 742 12.48 -36.37 -6.32
N ASP C 743 13.23 -35.57 -7.08
CA ASP C 743 14.23 -34.64 -6.51
C ASP C 743 13.59 -33.71 -5.47
N TYR C 744 12.38 -33.23 -5.76
CA TYR C 744 11.65 -32.37 -4.82
C TYR C 744 11.31 -33.15 -3.56
N MET C 745 10.65 -34.30 -3.74
CA MET C 745 10.22 -35.16 -2.63
C MET C 745 11.36 -35.56 -1.69
N ASN C 746 12.53 -35.87 -2.27
CA ASN C 746 13.63 -36.49 -1.53
C ASN C 746 14.70 -35.52 -1.01
N ASN C 747 14.50 -34.23 -1.26
CA ASN C 747 15.33 -33.16 -0.66
C ASN C 747 14.78 -32.78 0.70
N VAL C 748 15.67 -32.32 1.57
CA VAL C 748 15.26 -31.68 2.83
C VAL C 748 14.44 -30.41 2.52
N PRO C 749 13.50 -30.02 3.40
CA PRO C 749 12.65 -28.84 3.17
C PRO C 749 13.35 -27.57 2.62
N ASP C 750 14.50 -27.19 3.18
CA ASP C 750 15.22 -25.95 2.80
C ASP C 750 15.86 -25.99 1.41
N ALA C 751 15.91 -27.17 0.79
CA ALA C 751 16.44 -27.32 -0.55
C ALA C 751 15.37 -27.57 -1.61
N ARG C 752 14.10 -27.63 -1.19
CA ARG C 752 12.97 -27.76 -2.16
C ARG C 752 12.62 -26.42 -2.79
N ASP C 753 12.65 -26.36 -4.11
CA ASP C 753 12.27 -25.15 -4.83
C ASP C 753 10.75 -25.08 -4.97
N ALA C 754 10.16 -24.01 -4.44
CA ALA C 754 8.73 -23.72 -4.62
C ALA C 754 8.33 -23.52 -6.09
N GLU C 755 9.30 -23.14 -6.91
CA GLU C 755 9.13 -23.06 -8.38
C GLU C 755 8.70 -24.39 -9.02
N VAL C 756 9.03 -25.52 -8.36
CA VAL C 756 8.54 -26.83 -8.80
C VAL C 756 7.03 -26.86 -8.75
N LEU C 757 6.45 -26.44 -7.62
CA LEU C 757 5.00 -26.45 -7.46
C LEU C 757 4.35 -25.55 -8.52
N ASN C 758 4.91 -24.35 -8.68
CA ASN C 758 4.45 -23.36 -9.66
C ASN C 758 4.41 -23.92 -11.06
N CYS C 759 5.50 -24.56 -11.47
CA CYS C 759 5.61 -25.15 -12.80
C CYS C 759 4.54 -26.24 -12.98
N MET C 760 4.34 -27.08 -11.97
CA MET C 760 3.32 -28.14 -12.02
C MET C 760 1.89 -27.59 -12.12
N THR C 761 1.61 -26.49 -11.44
CA THR C 761 0.33 -25.79 -11.54
C THR C 761 -0.01 -25.47 -13.00
N THR C 762 0.98 -24.95 -13.73
CA THR C 762 0.79 -24.63 -15.15
C THR C 762 0.58 -25.90 -15.97
N VAL C 763 1.34 -26.95 -15.68
CA VAL C 763 1.19 -28.21 -16.41
C VAL C 763 -0.21 -28.78 -16.20
N VAL C 764 -0.69 -28.82 -14.96
CA VAL C 764 -2.06 -29.31 -14.69
C VAL C 764 -3.12 -28.39 -15.33
N GLU C 765 -2.90 -27.08 -15.30
CA GLU C 765 -3.82 -26.12 -15.93
C GLU C 765 -4.03 -26.38 -17.42
N LYS C 766 -2.94 -26.57 -18.16
CA LYS C 766 -3.00 -26.63 -19.61
C LYS C 766 -3.30 -28.02 -20.12
N VAL C 767 -2.74 -29.05 -19.50
CA VAL C 767 -2.92 -30.41 -19.97
C VAL C 767 -3.31 -31.42 -18.89
N GLY C 768 -3.78 -30.98 -17.72
CA GLY C 768 -4.19 -31.89 -16.67
C GLY C 768 -5.26 -32.88 -17.09
N HIS C 769 -6.24 -32.39 -17.84
CA HIS C 769 -7.29 -33.25 -18.42
C HIS C 769 -6.78 -34.44 -19.28
N MET C 770 -5.60 -34.32 -19.88
CA MET C 770 -4.98 -35.37 -20.71
C MET C 770 -4.01 -36.32 -20.00
N ILE C 771 -3.60 -36.04 -18.76
CA ILE C 771 -2.59 -36.86 -18.04
C ILE C 771 -3.03 -37.26 -16.61
N PRO C 772 -4.14 -38.02 -16.48
CA PRO C 772 -4.67 -38.37 -15.14
C PRO C 772 -3.68 -39.11 -14.24
N GLN C 773 -2.94 -40.06 -14.81
CA GLN C 773 -1.90 -40.78 -14.05
C GLN C 773 -0.72 -39.86 -13.71
N GLY C 774 -0.46 -38.87 -14.55
CA GLY C 774 0.53 -37.81 -14.27
C GLY C 774 0.16 -36.88 -13.11
N VAL C 775 -1.12 -36.53 -13.00
CA VAL C 775 -1.59 -35.69 -11.89
C VAL C 775 -1.47 -36.44 -10.57
N ILE C 776 -1.81 -37.73 -10.59
CA ILE C 776 -1.66 -38.62 -9.43
C ILE C 776 -0.21 -38.65 -8.94
N LEU C 777 0.73 -38.75 -9.88
CA LEU C 777 2.15 -38.80 -9.58
C LEU C 777 2.62 -37.48 -8.97
N ILE C 778 2.08 -36.35 -9.46
CA ILE C 778 2.39 -35.04 -8.91
C ILE C 778 1.92 -34.93 -7.47
N LEU C 779 0.67 -35.31 -7.19
CA LEU C 779 0.16 -35.29 -5.82
C LEU C 779 1.05 -36.10 -4.88
N GLN C 780 1.30 -37.34 -5.24
CA GLN C 780 2.08 -38.24 -4.39
C GLN C 780 3.47 -37.66 -4.09
N SER C 781 4.11 -37.05 -5.08
CA SER C 781 5.45 -36.50 -4.90
C SER C 781 5.53 -35.19 -4.07
N VAL C 782 4.48 -34.34 -4.11
CA VAL C 782 4.53 -33.02 -3.43
C VAL C 782 3.53 -32.78 -2.29
N PHE C 783 2.46 -33.56 -2.22
CA PHE C 783 1.35 -33.22 -1.33
C PHE C 783 1.70 -33.35 0.16
N GLU C 784 1.92 -34.57 0.66
CA GLU C 784 2.20 -34.77 2.07
C GLU C 784 3.49 -34.08 2.52
N CYS C 785 4.55 -34.14 1.72
CA CYS C 785 5.83 -33.53 2.11
C CYS C 785 5.76 -31.99 2.16
N THR C 786 4.99 -31.36 1.27
CA THR C 786 4.80 -29.88 1.31
C THR C 786 3.83 -29.46 2.45
N LEU C 787 2.74 -30.19 2.62
CA LEU C 787 1.81 -29.94 3.72
C LEU C 787 2.50 -29.92 5.07
N ASP C 788 3.49 -30.80 5.25
CA ASP C 788 4.21 -30.91 6.52
C ASP C 788 5.19 -29.75 6.72
N MET C 789 5.69 -29.18 5.62
CA MET C 789 6.49 -27.93 5.70
C MET C 789 5.68 -26.74 6.23
N ILE C 790 4.39 -26.70 5.94
CA ILE C 790 3.56 -25.50 6.17
C ILE C 790 2.43 -25.62 7.21
N ASN C 791 2.35 -26.74 7.94
CA ASN C 791 1.23 -26.95 8.88
C ASN C 791 1.59 -26.85 10.38
N LYS C 792 2.78 -26.32 10.68
CA LYS C 792 3.22 -26.09 12.06
C LYS C 792 3.00 -24.63 12.51
N ASP C 793 3.10 -23.68 11.58
CA ASP C 793 2.75 -22.27 11.82
C ASP C 793 2.25 -21.60 10.53
N PHE C 794 1.87 -20.33 10.60
CA PHE C 794 1.42 -19.58 9.42
C PHE C 794 2.55 -18.85 8.66
N THR C 795 3.77 -18.83 9.23
CA THR C 795 4.87 -17.98 8.73
C THR C 795 5.85 -18.71 7.79
N GLU C 796 6.24 -19.93 8.15
CA GLU C 796 7.36 -20.62 7.48
C GLU C 796 7.05 -21.03 6.05
N TYR C 797 8.09 -20.99 5.22
CA TYR C 797 8.01 -21.34 3.80
C TYR C 797 6.84 -20.65 3.09
N PRO C 798 6.88 -19.30 3.02
CA PRO C 798 5.78 -18.53 2.43
C PRO C 798 5.55 -18.76 0.93
N GLU C 799 6.62 -18.89 0.15
CA GLU C 799 6.46 -19.17 -1.29
C GLU C 799 5.77 -20.52 -1.49
N HIS C 800 6.25 -21.54 -0.75
CA HIS C 800 5.75 -22.92 -0.88
C HIS C 800 4.28 -22.99 -0.52
N ARG C 801 3.95 -22.36 0.60
CA ARG C 801 2.59 -22.24 1.09
C ARG C 801 1.63 -21.70 0.01
N VAL C 802 2.03 -20.62 -0.64
CA VAL C 802 1.22 -19.97 -1.67
C VAL C 802 1.09 -20.86 -2.91
N GLU C 803 2.21 -21.37 -3.41
CA GLU C 803 2.20 -22.20 -4.62
C GLU C 803 1.49 -23.55 -4.39
N PHE C 804 1.61 -24.08 -3.17
CA PHE C 804 0.92 -25.30 -2.74
C PHE C 804 -0.60 -25.22 -2.95
N TYR C 805 -1.22 -24.13 -2.53
CA TYR C 805 -2.69 -24.03 -2.60
C TYR C 805 -3.20 -23.66 -4.00
N LYS C 806 -2.36 -22.97 -4.77
CA LYS C 806 -2.60 -22.83 -6.22
C LYS C 806 -2.60 -24.19 -6.94
N LEU C 807 -1.69 -25.08 -6.57
CA LEU C 807 -1.59 -26.38 -7.21
C LEU C 807 -2.82 -27.23 -6.92
N LEU C 808 -3.21 -27.32 -5.65
CA LEU C 808 -4.41 -28.07 -5.27
C LEU C 808 -5.67 -27.49 -5.91
N LYS C 809 -5.75 -26.16 -5.98
CA LYS C 809 -6.86 -25.48 -6.65
C LYS C 809 -7.04 -26.00 -8.06
N VAL C 810 -5.97 -25.94 -8.85
CA VAL C 810 -6.05 -26.33 -10.26
C VAL C 810 -6.29 -27.84 -10.45
N ILE C 811 -5.73 -28.66 -9.55
CA ILE C 811 -6.01 -30.10 -9.56
C ILE C 811 -7.50 -30.36 -9.28
N ASN C 812 -8.06 -29.64 -8.32
CA ASN C 812 -9.46 -29.82 -7.95
C ASN C 812 -10.44 -29.41 -9.07
N GLU C 813 -10.06 -28.43 -9.88
CA GLU C 813 -10.86 -28.01 -11.04
C GLU C 813 -10.73 -28.98 -12.23
N LYS C 814 -9.48 -29.27 -12.61
CA LYS C 814 -9.16 -29.92 -13.89
C LYS C 814 -9.05 -31.43 -13.86
N SER C 815 -8.75 -31.99 -12.69
CA SER C 815 -8.52 -33.42 -12.56
C SER C 815 -8.89 -33.92 -11.17
N PHE C 816 -10.15 -33.69 -10.80
CA PHE C 816 -10.68 -34.10 -9.50
C PHE C 816 -10.51 -35.61 -9.22
N ALA C 817 -10.52 -36.43 -10.27
CA ALA C 817 -10.29 -37.88 -10.13
C ALA C 817 -9.02 -38.25 -9.34
N ALA C 818 -8.00 -37.40 -9.39
CA ALA C 818 -6.77 -37.61 -8.61
C ALA C 818 -7.01 -37.61 -7.09
N PHE C 819 -7.95 -36.79 -6.63
CA PHE C 819 -8.33 -36.81 -5.21
C PHE C 819 -9.15 -38.05 -4.83
N LEU C 820 -9.96 -38.57 -5.76
CA LEU C 820 -10.67 -39.84 -5.54
C LEU C 820 -9.74 -41.03 -5.34
N GLU C 821 -8.63 -41.09 -6.10
CA GLU C 821 -7.67 -42.20 -6.00
C GLU C 821 -6.78 -42.13 -4.75
N LEU C 822 -6.81 -41.03 -4.00
CA LEU C 822 -6.07 -40.95 -2.74
C LEU C 822 -6.63 -41.94 -1.71
N PRO C 823 -5.75 -42.64 -0.97
CA PRO C 823 -6.27 -43.46 0.14
C PRO C 823 -6.92 -42.58 1.24
N PRO C 824 -7.98 -43.08 1.91
CA PRO C 824 -8.74 -42.27 2.88
C PRO C 824 -7.91 -41.45 3.88
N ALA C 825 -6.76 -41.96 4.31
CA ALA C 825 -5.88 -41.23 5.23
C ALA C 825 -5.35 -39.94 4.61
N ALA C 826 -4.94 -40.00 3.34
CA ALA C 826 -4.44 -38.83 2.62
C ALA C 826 -5.57 -37.88 2.17
N PHE C 827 -6.75 -38.42 1.91
CA PHE C 827 -7.94 -37.58 1.63
C PHE C 827 -8.34 -36.77 2.86
N LYS C 828 -8.15 -37.35 4.04
CA LYS C 828 -8.37 -36.66 5.30
C LYS C 828 -7.39 -35.50 5.48
N LEU C 829 -6.14 -35.69 5.06
CA LEU C 829 -5.15 -34.61 5.08
C LEU C 829 -5.50 -33.48 4.09
N PHE C 830 -6.09 -33.83 2.94
CA PHE C 830 -6.56 -32.85 1.97
C PHE C 830 -7.60 -31.92 2.60
N VAL C 831 -8.57 -32.50 3.30
CA VAL C 831 -9.58 -31.74 4.02
C VAL C 831 -8.94 -30.89 5.13
N ASP C 832 -8.06 -31.51 5.92
CA ASP C 832 -7.29 -30.78 6.94
C ASP C 832 -6.55 -29.59 6.32
N ALA C 833 -5.97 -29.79 5.14
CA ALA C 833 -5.17 -28.77 4.45
C ALA C 833 -6.01 -27.57 3.99
N ILE C 834 -7.24 -27.84 3.53
CA ILE C 834 -8.17 -26.79 3.10
C ILE C 834 -8.57 -25.92 4.30
N CYS C 835 -9.08 -26.55 5.35
CA CYS C 835 -9.46 -25.81 6.57
C CYS C 835 -8.29 -25.01 7.16
N TRP C 836 -7.08 -25.56 7.06
CA TRP C 836 -5.85 -24.87 7.43
C TRP C 836 -5.66 -23.57 6.60
N ALA C 837 -5.96 -23.65 5.32
CA ALA C 837 -5.95 -22.46 4.46
C ALA C 837 -6.95 -21.36 4.89
N PHE C 838 -8.13 -21.74 5.40
CA PHE C 838 -9.13 -20.76 5.92
C PHE C 838 -8.52 -19.89 6.99
N LYS C 839 -7.77 -20.52 7.90
CA LYS C 839 -7.24 -19.83 9.09
C LYS C 839 -6.07 -18.85 8.81
N HIS C 840 -5.58 -18.79 7.57
CA HIS C 840 -4.52 -17.85 7.20
C HIS C 840 -5.06 -16.42 7.09
N ASN C 841 -4.23 -15.46 7.49
CA ASN C 841 -4.46 -14.03 7.23
C ASN C 841 -3.97 -13.68 5.83
N ASN C 842 -2.81 -14.21 5.45
CA ASN C 842 -2.26 -14.10 4.10
C ASN C 842 -3.35 -14.34 3.06
N ARG C 843 -3.65 -13.29 2.30
CA ARG C 843 -4.79 -13.27 1.37
C ARG C 843 -4.73 -14.30 0.25
N ASP C 844 -3.53 -14.56 -0.27
CA ASP C 844 -3.40 -15.49 -1.39
C ASP C 844 -3.79 -16.92 -0.96
N VAL C 845 -3.40 -17.30 0.25
CA VAL C 845 -3.73 -18.62 0.80
C VAL C 845 -5.20 -18.72 1.20
N GLU C 846 -5.69 -17.72 1.92
CA GLU C 846 -7.08 -17.68 2.40
C GLU C 846 -8.11 -17.81 1.27
N VAL C 847 -7.90 -17.02 0.21
CA VAL C 847 -8.84 -16.95 -0.90
C VAL C 847 -8.91 -18.28 -1.64
N ASN C 848 -7.76 -18.94 -1.79
CA ASN C 848 -7.75 -20.25 -2.45
C ASN C 848 -8.32 -21.37 -1.56
N GLY C 849 -8.00 -21.33 -0.27
CA GLY C 849 -8.60 -22.25 0.71
C GLY C 849 -10.11 -22.32 0.61
N LEU C 850 -10.73 -21.15 0.63
CA LEU C 850 -12.20 -21.03 0.54
C LEU C 850 -12.73 -21.44 -0.84
N GLN C 851 -11.99 -21.10 -1.90
CA GLN C 851 -12.39 -21.46 -3.25
C GLN C 851 -12.30 -22.97 -3.49
N ILE C 852 -11.22 -23.59 -3.00
CA ILE C 852 -11.05 -25.04 -3.08
C ILE C 852 -12.19 -25.76 -2.35
N ALA C 853 -12.53 -25.27 -1.16
CA ALA C 853 -13.63 -25.84 -0.38
C ALA C 853 -14.92 -25.81 -1.16
N LEU C 854 -15.22 -24.63 -1.69
CA LEU C 854 -16.41 -24.39 -2.48
C LEU C 854 -16.46 -25.29 -3.73
N ASP C 855 -15.34 -25.41 -4.44
CA ASP C 855 -15.24 -26.28 -5.62
C ASP C 855 -15.30 -27.78 -5.28
N LEU C 856 -14.68 -28.18 -4.16
CA LEU C 856 -14.77 -29.57 -3.64
C LEU C 856 -16.21 -29.97 -3.33
N VAL C 857 -16.93 -29.08 -2.65
CA VAL C 857 -18.35 -29.29 -2.38
C VAL C 857 -19.12 -29.48 -3.70
N LYS C 858 -18.90 -28.58 -4.66
CA LYS C 858 -19.52 -28.70 -5.98
C LYS C 858 -19.15 -30.01 -6.69
N ASN C 859 -17.89 -30.44 -6.59
CA ASN C 859 -17.44 -31.70 -7.19
C ASN C 859 -18.17 -32.92 -6.64
N ILE C 860 -18.45 -32.89 -5.32
CA ILE C 860 -19.16 -33.99 -4.65
C ILE C 860 -20.65 -34.00 -5.00
N GLU C 861 -21.26 -32.82 -5.08
CA GLU C 861 -22.66 -32.68 -5.52
C GLU C 861 -22.88 -33.30 -6.91
N ARG C 862 -21.91 -33.09 -7.79
CA ARG C 862 -21.91 -33.56 -9.18
C ARG C 862 -21.78 -35.08 -9.32
N MET C 863 -21.22 -35.75 -8.31
CA MET C 863 -21.15 -37.21 -8.27
C MET C 863 -22.51 -37.91 -8.07
N GLY C 864 -23.49 -37.20 -7.51
CA GLY C 864 -24.83 -37.74 -7.33
C GLY C 864 -24.93 -38.60 -6.09
N ASN C 865 -25.71 -39.69 -6.18
CA ASN C 865 -26.03 -40.55 -5.04
C ASN C 865 -25.17 -41.82 -5.05
N VAL C 866 -23.85 -41.65 -4.96
CA VAL C 866 -22.89 -42.78 -4.94
C VAL C 866 -22.19 -42.88 -3.58
N PRO C 867 -21.58 -44.05 -3.25
CA PRO C 867 -20.98 -44.24 -1.90
C PRO C 867 -19.89 -43.24 -1.48
N PHE C 868 -19.12 -42.69 -2.43
CA PHE C 868 -18.08 -41.72 -2.10
C PHE C 868 -18.66 -40.39 -1.63
N ALA C 869 -19.70 -39.90 -2.30
CA ALA C 869 -20.39 -38.68 -1.89
C ALA C 869 -21.07 -38.83 -0.52
N ASN C 870 -21.75 -39.96 -0.35
CA ASN C 870 -22.40 -40.29 0.93
C ASN C 870 -21.38 -40.31 2.07
N GLU C 871 -20.25 -40.98 1.85
CA GLU C 871 -19.18 -41.08 2.85
C GLU C 871 -18.42 -39.76 3.09
N PHE C 872 -18.32 -38.92 2.06
CA PHE C 872 -17.71 -37.59 2.21
C PHE C 872 -18.54 -36.70 3.14
N HIS C 873 -19.86 -36.71 2.92
CA HIS C 873 -20.78 -35.94 3.74
C HIS C 873 -20.83 -36.44 5.18
N LYS C 874 -20.90 -37.77 5.35
CA LYS C 874 -20.84 -38.36 6.70
C LYS C 874 -19.58 -37.96 7.47
N ASN C 875 -18.45 -37.87 6.77
CA ASN C 875 -17.16 -37.59 7.41
C ASN C 875 -16.81 -36.12 7.53
N TYR C 876 -17.23 -35.31 6.56
CA TYR C 876 -16.65 -33.97 6.40
C TYR C 876 -17.61 -32.78 6.32
N PHE C 877 -18.92 -33.03 6.15
CA PHE C 877 -19.92 -31.93 6.04
C PHE C 877 -19.92 -31.05 7.28
N PHE C 878 -20.06 -31.66 8.46
CA PHE C 878 -20.06 -30.88 9.70
C PHE C 878 -18.71 -30.27 10.04
N ILE C 879 -17.62 -30.90 9.60
CA ILE C 879 -16.29 -30.27 9.72
C ILE C 879 -16.26 -28.95 8.92
N PHE C 880 -16.73 -28.95 7.67
CA PHE C 880 -16.69 -27.74 6.85
C PHE C 880 -17.61 -26.64 7.37
N VAL C 881 -18.79 -27.02 7.84
CA VAL C 881 -19.76 -26.05 8.37
C VAL C 881 -19.18 -25.36 9.61
N SER C 882 -18.63 -26.16 10.53
CA SER C 882 -18.08 -25.62 11.77
C SER C 882 -16.75 -24.88 11.61
N GLU C 883 -15.91 -25.31 10.68
CA GLU C 883 -14.62 -24.61 10.46
C GLU C 883 -14.86 -23.28 9.73
N THR C 884 -15.82 -23.28 8.81
CA THR C 884 -16.31 -22.04 8.18
C THR C 884 -16.92 -21.09 9.23
N PHE C 885 -17.78 -21.62 10.10
CA PHE C 885 -18.34 -20.81 11.19
C PHE C 885 -17.29 -20.21 12.12
N PHE C 886 -16.24 -20.99 12.40
CA PHE C 886 -15.17 -20.54 13.30
C PHE C 886 -14.46 -19.30 12.75
N VAL C 887 -14.13 -19.28 11.47
CA VAL C 887 -13.47 -18.09 10.88
C VAL C 887 -14.42 -16.92 10.60
N LEU C 888 -15.71 -17.22 10.39
CA LEU C 888 -16.71 -16.15 10.28
C LEU C 888 -16.81 -15.33 11.54
N THR C 889 -16.66 -15.97 12.70
CA THR C 889 -17.00 -15.38 14.00
C THR C 889 -15.83 -15.01 14.93
N ASP C 890 -14.59 -15.30 14.57
CA ASP C 890 -13.45 -15.08 15.48
C ASP C 890 -12.77 -13.70 15.37
N SER C 891 -13.23 -12.86 14.46
CA SER C 891 -12.74 -11.48 14.32
C SER C 891 -11.26 -11.36 13.92
N ASP C 892 -10.70 -12.41 13.31
CA ASP C 892 -9.34 -12.35 12.74
C ASP C 892 -9.28 -12.75 11.27
N HIS C 893 -10.43 -13.00 10.63
CA HIS C 893 -10.50 -13.37 9.21
C HIS C 893 -11.59 -12.57 8.48
N LYS C 894 -11.71 -11.28 8.85
CA LYS C 894 -12.75 -10.40 8.31
C LYS C 894 -12.59 -10.14 6.81
N SER C 895 -11.34 -10.09 6.34
CA SER C 895 -11.04 -9.97 4.91
C SER C 895 -11.70 -11.06 4.03
N GLY C 896 -12.01 -12.22 4.59
CA GLY C 896 -12.64 -13.31 3.84
C GLY C 896 -14.14 -13.52 4.04
N PHE C 897 -14.83 -12.52 4.58
CA PHE C 897 -16.25 -12.62 4.89
C PHE C 897 -17.13 -13.13 3.71
N SER C 898 -17.01 -12.48 2.57
CA SER C 898 -17.83 -12.80 1.39
C SER C 898 -17.72 -14.25 0.96
N LYS C 899 -16.49 -14.74 0.87
CA LYS C 899 -16.23 -16.12 0.44
C LYS C 899 -16.69 -17.13 1.50
N GLN C 900 -16.48 -16.79 2.78
CA GLN C 900 -16.97 -17.58 3.92
C GLN C 900 -18.48 -17.71 3.91
N ALA C 901 -19.15 -16.57 3.74
CA ALA C 901 -20.61 -16.53 3.64
C ALA C 901 -21.14 -17.38 2.49
N LEU C 902 -20.48 -17.30 1.35
CA LEU C 902 -20.88 -18.05 0.15
C LEU C 902 -20.70 -19.55 0.35
N LEU C 903 -19.57 -19.94 0.95
CA LEU C 903 -19.31 -21.34 1.27
C LEU C 903 -20.33 -21.86 2.28
N LEU C 904 -20.60 -21.06 3.32
CA LEU C 904 -21.57 -21.42 4.32
C LEU C 904 -22.96 -21.56 3.71
N MET C 905 -23.30 -20.63 2.81
CA MET C 905 -24.61 -20.66 2.19
C MET C 905 -24.78 -21.91 1.35
N LYS C 906 -23.73 -22.28 0.61
CA LYS C 906 -23.75 -23.50 -0.19
C LYS C 906 -23.98 -24.74 0.66
N LEU C 907 -23.23 -24.86 1.76
CA LEU C 907 -23.33 -26.00 2.67
C LEU C 907 -24.74 -26.13 3.27
N ILE C 908 -25.30 -25.00 3.70
CA ILE C 908 -26.67 -25.00 4.25
C ILE C 908 -27.71 -25.34 3.18
N SER C 909 -27.51 -24.83 1.96
CA SER C 909 -28.46 -25.07 0.87
C SER C 909 -28.53 -26.54 0.48
N LEU C 910 -27.41 -27.27 0.55
CA LEU C 910 -27.39 -28.72 0.30
C LEU C 910 -28.41 -29.50 1.13
N VAL C 911 -28.54 -29.14 2.40
CA VAL C 911 -29.53 -29.78 3.29
C VAL C 911 -30.95 -29.27 2.98
N TYR C 912 -31.09 -27.98 2.72
CA TYR C 912 -32.40 -27.36 2.43
C TYR C 912 -33.08 -27.94 1.18
N ASP C 913 -32.30 -28.21 0.13
CA ASP C 913 -32.80 -28.87 -1.10
C ASP C 913 -32.81 -30.41 -1.06
N ASN C 914 -32.49 -31.02 0.08
CA ASN C 914 -32.42 -32.48 0.23
C ASN C 914 -31.48 -33.13 -0.80
N LYS C 915 -30.31 -32.52 -1.00
CA LYS C 915 -29.32 -33.00 -1.96
C LYS C 915 -28.23 -33.88 -1.30
N ILE C 916 -28.34 -34.09 0.02
CA ILE C 916 -27.56 -35.10 0.74
C ILE C 916 -28.51 -36.26 1.03
N SER C 917 -28.29 -37.39 0.38
CA SER C 917 -29.24 -38.51 0.36
C SER C 917 -29.27 -39.29 1.68
N VAL C 918 -28.11 -39.69 2.16
CA VAL C 918 -27.98 -40.36 3.47
C VAL C 918 -28.22 -39.41 4.65
N PRO C 919 -28.55 -39.95 5.84
CA PRO C 919 -28.60 -39.10 7.04
C PRO C 919 -27.21 -38.67 7.54
N LEU C 920 -27.12 -37.45 8.06
CA LEU C 920 -25.86 -36.91 8.57
C LEU C 920 -25.53 -37.31 10.02
N TYR C 921 -26.41 -38.10 10.64
CA TYR C 921 -26.25 -38.54 12.04
C TYR C 921 -26.02 -40.04 12.08
N GLN C 922 -25.22 -40.51 13.05
CA GLN C 922 -25.01 -41.95 13.29
C GLN C 922 -26.28 -42.55 13.89
N GLU C 923 -26.61 -43.79 13.52
CA GLU C 923 -27.92 -44.39 13.83
C GLU C 923 -28.23 -44.43 15.33
N ALA C 924 -29.47 -44.10 15.67
CA ALA C 924 -29.96 -44.04 17.07
C ALA C 924 -29.32 -42.93 17.94
N GLU C 925 -28.76 -41.89 17.31
CA GLU C 925 -28.34 -40.66 17.99
C GLU C 925 -29.55 -39.72 18.15
N VAL C 926 -30.38 -39.68 17.11
CA VAL C 926 -31.65 -38.97 17.08
C VAL C 926 -32.70 -39.99 16.59
N PRO C 927 -34.01 -39.75 16.84
CA PRO C 927 -35.10 -40.56 16.23
C PRO C 927 -34.93 -40.90 14.73
N GLN C 928 -35.54 -42.01 14.30
CA GLN C 928 -35.17 -42.65 13.03
C GLN C 928 -35.68 -41.95 11.74
N GLY C 929 -36.84 -41.32 11.79
CA GLY C 929 -37.40 -40.63 10.62
C GLY C 929 -36.87 -39.24 10.30
N THR C 930 -35.97 -38.72 11.14
CA THR C 930 -35.63 -37.29 11.16
C THR C 930 -34.87 -36.78 9.92
N SER C 931 -35.36 -35.67 9.37
CA SER C 931 -34.74 -35.00 8.24
C SER C 931 -33.41 -34.35 8.62
N ASN C 932 -32.48 -34.27 7.66
CA ASN C 932 -31.21 -33.56 7.85
C ASN C 932 -31.42 -32.09 8.26
N GLN C 933 -32.48 -31.45 7.74
CA GLN C 933 -32.88 -30.10 8.15
C GLN C 933 -32.97 -29.95 9.67
N VAL C 934 -33.76 -30.81 10.29
CA VAL C 934 -34.00 -30.78 11.75
C VAL C 934 -32.70 -31.03 12.53
N TYR C 935 -31.90 -32.00 12.08
CA TYR C 935 -30.62 -32.31 12.75
C TYR C 935 -29.54 -31.25 12.50
N LEU C 936 -29.57 -30.58 11.36
CA LEU C 936 -28.70 -29.43 11.10
C LEU C 936 -28.94 -28.31 12.13
N SER C 937 -30.21 -27.99 12.37
CA SER C 937 -30.61 -26.98 13.36
C SER C 937 -30.16 -27.33 14.79
N GLN C 938 -30.22 -28.60 15.15
CA GLN C 938 -29.83 -29.05 16.49
C GLN C 938 -28.31 -29.06 16.68
N TYR C 939 -27.56 -29.54 15.68
CA TYR C 939 -26.09 -29.51 15.68
C TYR C 939 -25.59 -28.06 15.79
N LEU C 940 -26.18 -27.19 14.98
CA LEU C 940 -25.81 -25.77 14.94
C LEU C 940 -26.17 -25.04 16.22
N ALA C 941 -27.38 -25.26 16.74
CA ALA C 941 -27.82 -24.68 18.02
C ALA C 941 -26.87 -25.10 19.14
N ASN C 942 -26.56 -26.38 19.18
CA ASN C 942 -25.63 -26.90 20.18
C ASN C 942 -24.23 -26.31 20.00
N MET C 943 -23.75 -26.26 18.76
CA MET C 943 -22.42 -25.73 18.47
C MET C 943 -22.29 -24.28 18.92
N LEU C 944 -23.30 -23.46 18.66
CA LEU C 944 -23.24 -22.03 18.95
C LEU C 944 -23.45 -21.74 20.45
N SER C 945 -24.28 -22.54 21.11
CA SER C 945 -24.46 -22.43 22.55
C SER C 945 -23.14 -22.66 23.29
N ASN C 946 -22.37 -23.65 22.85
CA ASN C 946 -21.06 -23.94 23.46
C ASN C 946 -19.99 -22.91 23.07
N ALA C 947 -20.05 -22.40 21.83
CA ALA C 947 -19.07 -21.41 21.35
C ALA C 947 -19.32 -19.98 21.90
N PHE C 948 -20.60 -19.62 22.05
CA PHE C 948 -21.03 -18.31 22.53
C PHE C 948 -22.08 -18.53 23.63
N PRO C 949 -21.60 -18.90 24.84
CA PRO C 949 -22.52 -19.25 25.95
C PRO C 949 -23.33 -18.09 26.54
N HIS C 950 -22.94 -16.85 26.24
CA HIS C 950 -23.70 -15.65 26.67
C HIS C 950 -24.93 -15.37 25.84
N LEU C 951 -25.07 -16.03 24.69
CA LEU C 951 -26.30 -15.94 23.89
C LEU C 951 -27.38 -16.78 24.53
N THR C 952 -28.62 -16.32 24.43
CA THR C 952 -29.78 -17.09 24.87
C THR C 952 -30.11 -18.11 23.81
N SER C 953 -30.89 -19.10 24.21
CA SER C 953 -31.38 -20.11 23.30
C SER C 953 -32.32 -19.52 22.26
N GLU C 954 -33.06 -18.49 22.67
CA GLU C 954 -33.99 -17.79 21.78
C GLU C 954 -33.21 -17.06 20.68
N GLN C 955 -32.15 -16.35 21.07
CA GLN C 955 -31.24 -15.70 20.11
C GLN C 955 -30.72 -16.67 19.05
N ILE C 956 -30.20 -17.81 19.49
CA ILE C 956 -29.59 -18.79 18.61
C ILE C 956 -30.61 -19.41 17.67
N ALA C 957 -31.79 -19.74 18.18
CA ALA C 957 -32.85 -20.35 17.37
C ALA C 957 -33.41 -19.39 16.33
N SER C 958 -33.56 -18.12 16.69
CA SER C 958 -34.03 -17.10 15.76
C SER C 958 -33.03 -16.86 14.64
N PHE C 959 -31.77 -16.65 14.99
CA PHE C 959 -30.66 -16.51 14.03
C PHE C 959 -30.63 -17.66 13.02
N LEU C 960 -30.84 -18.88 13.50
CA LEU C 960 -30.79 -20.06 12.64
C LEU C 960 -32.01 -20.21 11.73
N SER C 961 -33.19 -19.81 12.20
CA SER C 961 -34.40 -19.84 11.35
C SER C 961 -34.24 -18.87 10.19
N ALA C 962 -33.86 -17.65 10.52
CA ALA C 962 -33.54 -16.63 9.54
C ALA C 962 -32.46 -17.11 8.56
N LEU C 963 -31.32 -17.53 9.08
CA LEU C 963 -30.18 -17.93 8.23
C LEU C 963 -30.54 -19.04 7.22
N THR C 964 -31.28 -20.05 7.67
CA THR C 964 -31.67 -21.19 6.83
C THR C 964 -32.77 -20.85 5.83
N LYS C 965 -33.75 -20.04 6.25
CA LYS C 965 -34.78 -19.54 5.32
C LYS C 965 -34.17 -18.67 4.20
N GLN C 966 -33.12 -17.92 4.55
CA GLN C 966 -32.48 -16.97 3.63
C GLN C 966 -31.27 -17.53 2.86
N CYS C 967 -31.13 -18.86 2.81
CA CYS C 967 -29.97 -19.46 2.13
C CYS C 967 -30.04 -19.51 0.59
N LYS C 968 -31.08 -18.91 0.00
CA LYS C 968 -31.13 -18.66 -1.44
C LYS C 968 -30.69 -17.24 -1.83
N ASP C 969 -30.97 -16.26 -0.99
CA ASP C 969 -30.58 -14.87 -1.25
C ASP C 969 -29.30 -14.51 -0.49
N LEU C 970 -28.18 -14.44 -1.21
CA LEU C 970 -26.86 -14.23 -0.61
C LEU C 970 -26.70 -12.91 0.13
N VAL C 971 -27.19 -11.81 -0.45
CA VAL C 971 -27.03 -10.50 0.18
C VAL C 971 -27.75 -10.41 1.53
N VAL C 972 -28.85 -11.15 1.68
CA VAL C 972 -29.68 -11.11 2.89
C VAL C 972 -29.04 -11.98 3.99
N PHE C 973 -28.73 -13.22 3.61
CA PHE C 973 -27.83 -14.13 4.36
C PHE C 973 -26.63 -13.39 4.98
N LYS C 974 -25.93 -12.58 4.17
CA LYS C 974 -24.78 -11.81 4.65
C LYS C 974 -25.20 -10.83 5.72
N GLY C 975 -26.35 -10.20 5.53
CA GLY C 975 -26.91 -9.29 6.54
C GLY C 975 -27.15 -9.99 7.85
N THR C 976 -27.73 -11.19 7.78
CA THR C 976 -28.05 -12.00 8.95
C THR C 976 -26.77 -12.44 9.69
N LEU C 977 -25.76 -12.83 8.93
CA LEU C 977 -24.44 -13.09 9.48
C LEU C 977 -23.88 -11.84 10.19
N ARG C 978 -23.96 -10.67 9.56
CA ARG C 978 -23.48 -9.40 10.18
C ARG C 978 -24.22 -9.03 11.45
N ASP C 979 -25.51 -9.35 11.50
CA ASP C 979 -26.30 -9.13 12.71
C ASP C 979 -25.82 -10.06 13.84
N PHE C 980 -25.57 -11.32 13.50
CA PHE C 980 -25.01 -12.25 14.45
C PHE C 980 -23.65 -11.76 14.97
N LEU C 981 -22.80 -11.23 14.09
CA LEU C 981 -21.47 -10.75 14.51
C LEU C 981 -21.54 -9.58 15.48
N VAL C 982 -22.58 -8.75 15.36
CA VAL C 982 -22.82 -7.67 16.33
C VAL C 982 -23.32 -8.21 17.66
N GLN C 983 -24.30 -9.11 17.60
CA GLN C 983 -24.93 -9.65 18.81
C GLN C 983 -24.00 -10.51 19.67
N ILE C 984 -23.05 -11.23 19.07
CA ILE C 984 -22.04 -11.94 19.85
C ILE C 984 -21.05 -11.03 20.61
N LYS C 985 -20.93 -9.76 20.19
CA LYS C 985 -20.08 -8.78 20.88
C LYS C 985 -20.72 -8.18 22.12
N GLU C 986 -22.01 -8.44 22.34
CA GLU C 986 -22.73 -7.89 23.48
C GLU C 986 -23.58 -8.97 24.16
N VAL C 987 -24.18 -8.60 25.30
CA VAL C 987 -25.14 -9.44 26.01
C VAL C 987 -26.54 -8.85 25.87
N GLY C 988 -27.54 -9.72 25.74
CA GLY C 988 -28.95 -9.32 25.69
C GLY C 988 -29.44 -8.79 24.35
N GLY C 989 -28.89 -9.30 23.25
CA GLY C 989 -29.33 -8.90 21.92
C GLY C 989 -30.76 -9.36 21.66
N ASP C 990 -31.54 -8.53 20.98
CA ASP C 990 -32.93 -8.82 20.68
C ASP C 990 -33.00 -9.93 19.61
N PRO C 991 -33.67 -11.05 19.91
CA PRO C 991 -33.82 -12.10 18.89
C PRO C 991 -34.75 -11.73 17.73
N THR C 992 -35.67 -10.79 17.95
CA THR C 992 -36.56 -10.30 16.87
C THR C 992 -35.78 -9.64 15.72
N ASP C 993 -34.64 -9.01 16.03
CA ASP C 993 -33.72 -8.44 15.02
C ASP C 993 -33.50 -9.30 13.76
N TYR C 994 -33.50 -10.63 13.91
CA TYR C 994 -33.33 -11.55 12.76
C TYR C 994 -34.57 -11.70 11.86
N LEU C 995 -35.67 -11.04 12.19
CA LEU C 995 -36.84 -10.96 11.28
C LEU C 995 -36.83 -9.76 10.31
N PHE C 996 -35.87 -8.85 10.48
CA PHE C 996 -35.68 -7.67 9.60
C PHE C 996 -36.03 -7.90 8.12
N ALA C 997 -35.35 -8.85 7.48
CA ALA C 997 -35.62 -9.20 6.08
C ALA C 997 -36.81 -10.18 5.95
N SER D 3 12.42 15.61 -48.18
CA SER D 3 13.68 16.40 -47.99
C SER D 3 13.80 16.99 -46.58
N THR D 4 12.69 17.44 -46.00
CA THR D 4 12.65 17.91 -44.60
C THR D 4 12.85 16.75 -43.61
N VAL D 5 12.25 15.59 -43.92
CA VAL D 5 12.42 14.37 -43.13
C VAL D 5 13.83 13.81 -43.35
N ASP D 6 14.29 13.84 -44.60
CA ASP D 6 15.63 13.36 -44.96
C ASP D 6 16.75 14.19 -44.31
N GLU D 7 16.57 15.51 -44.26
CA GLU D 7 17.57 16.41 -43.64
C GLU D 7 17.59 16.27 -42.11
N MET D 8 16.45 15.96 -41.51
CA MET D 8 16.36 15.65 -40.08
C MET D 8 17.05 14.32 -39.77
N THR D 9 16.78 13.29 -40.58
CA THR D 9 17.42 11.97 -40.45
C THR D 9 18.95 12.05 -40.47
N LYS D 10 19.49 12.85 -41.38
CA LYS D 10 20.94 13.11 -41.50
C LYS D 10 21.53 13.71 -40.22
N LYS D 11 20.86 14.73 -39.67
CA LYS D 11 21.26 15.35 -38.40
C LYS D 11 21.19 14.37 -37.23
N PHE D 12 20.18 13.49 -37.25
CA PHE D 12 19.99 12.47 -36.23
C PHE D 12 21.21 11.53 -36.18
N GLY D 13 21.69 11.16 -37.37
CA GLY D 13 22.86 10.29 -37.53
C GLY D 13 24.10 10.72 -36.78
N THR D 14 24.28 12.04 -36.60
CA THR D 14 25.45 12.59 -35.91
C THR D 14 25.22 12.96 -34.43
N LEU D 15 24.07 12.58 -33.86
CA LEU D 15 23.81 12.79 -32.42
C LEU D 15 24.86 12.07 -31.57
N THR D 16 25.42 12.74 -30.58
CA THR D 16 26.43 12.11 -29.70
C THR D 16 26.35 12.66 -28.27
N ILE D 17 26.98 11.91 -27.37
CA ILE D 17 27.11 12.28 -25.96
C ILE D 17 28.48 12.90 -25.67
N HIS D 18 29.45 12.73 -26.57
CA HIS D 18 30.82 13.18 -26.37
C HIS D 18 30.98 14.66 -26.73
N ASP D 19 31.92 15.34 -26.07
CA ASP D 19 32.26 16.73 -26.40
C ASP D 19 33.08 16.84 -27.69
N ASP D 20 34.20 16.11 -27.75
CA ASP D 20 35.14 16.17 -28.87
C ASP D 20 35.25 14.81 -29.57
PG GTP E . 0.19 -4.10 15.54
O1G GTP E . -0.51 -5.43 15.78
O2G GTP E . 1.37 -3.85 16.43
O3G GTP E . -0.76 -2.94 15.48
O3B GTP E . 0.75 -4.28 14.02
PB GTP E . 1.87 -3.39 13.29
O1B GTP E . 2.81 -2.87 14.35
O2B GTP E . 1.20 -2.41 12.36
O3A GTP E . 2.59 -4.46 12.30
PA GTP E . 4.19 -4.67 12.24
O1A GTP E . 4.58 -5.64 13.31
O2A GTP E . 4.87 -3.32 12.22
O5' GTP E . 4.48 -5.37 10.83
C5' GTP E . 3.69 -6.48 10.44
C4' GTP E . 4.34 -7.24 9.30
O4' GTP E . 4.35 -6.45 8.11
C3' GTP E . 5.79 -7.67 9.58
O3' GTP E . 5.94 -9.06 9.28
C2' GTP E . 6.62 -6.86 8.63
O2' GTP E . 7.74 -7.60 8.14
C1' GTP E . 5.64 -6.53 7.50
N9 GTP E . 5.92 -5.24 6.87
C8 GTP E . 5.99 -4.04 7.50
N7 GTP E . 6.27 -3.05 6.63
C5 GTP E . 6.37 -3.61 5.42
C6 GTP E . 6.63 -3.11 4.05
O6 GTP E . 6.83 -1.89 3.85
N1 GTP E . 6.66 -4.01 3.06
C2 GTP E . 6.44 -5.34 3.27
N2 GTP E . 6.48 -6.19 2.21
N3 GTP E . 6.19 -5.87 4.50
C4 GTP E . 6.13 -5.05 5.59
MG MG F . 2.91 -2.81 16.40
C1 EDO G . -12.32 -0.39 15.00
O1 EDO G . -11.73 -0.42 13.68
C2 EDO G . -11.60 0.64 15.86
O2 EDO G . -11.49 1.87 15.13
C1 GOL H . -3.03 -28.84 12.68
O1 GOL H . -2.51 -27.61 12.17
C2 GOL H . -3.18 -29.87 11.56
O2 GOL H . -3.67 -31.10 12.11
C3 GOL H . -4.15 -29.35 10.50
O3 GOL H . -3.42 -28.92 9.34
C1 GOL I . -33.95 -41.56 6.38
O1 GOL I . -33.85 -41.48 7.81
C2 GOL I . -33.76 -40.18 5.72
O2 GOL I . -34.30 -39.15 6.55
C3 GOL I . -32.30 -39.88 5.43
O3 GOL I . -32.19 -39.01 4.30
CL CL J . -31.91 28.84 22.59
NA NA K . 4.59 10.20 -22.79
#